data_6E1W
# 
_entry.id   6E1W 
# 
_audit_conform.dict_name       mmcif_pdbx.dic 
_audit_conform.dict_version    5.387 
_audit_conform.dict_location   http://mmcif.pdb.org/dictionaries/ascii/mmcif_pdbx.dic 
# 
loop_
_database_2.database_id 
_database_2.database_code 
_database_2.pdbx_database_accession 
_database_2.pdbx_DOI 
PDB   6E1W         pdb_00006e1w 10.2210/pdb6e1w/pdb 
WWPDB D_1000235535 ?            ?                   
# 
loop_
_pdbx_audit_revision_history.ordinal 
_pdbx_audit_revision_history.data_content_type 
_pdbx_audit_revision_history.major_revision 
_pdbx_audit_revision_history.minor_revision 
_pdbx_audit_revision_history.revision_date 
1 'Structure model' 1 0 2019-04-10 
2 'Structure model' 1 1 2019-04-17 
3 'Structure model' 2 0 2019-12-04 
4 'Structure model' 2 1 2024-03-13 
# 
_pdbx_audit_revision_details.ordinal             1 
_pdbx_audit_revision_details.revision_ordinal    1 
_pdbx_audit_revision_details.data_content_type   'Structure model' 
_pdbx_audit_revision_details.provider            repository 
_pdbx_audit_revision_details.type                'Initial release' 
_pdbx_audit_revision_details.description         ? 
_pdbx_audit_revision_details.details             ? 
# 
loop_
_pdbx_audit_revision_group.ordinal 
_pdbx_audit_revision_group.revision_ordinal 
_pdbx_audit_revision_group.data_content_type 
_pdbx_audit_revision_group.group 
1 2 'Structure model' 'Data collection'            
2 2 'Structure model' 'Database references'        
3 3 'Structure model' 'Author supporting evidence' 
4 3 'Structure model' 'Polymer sequence'           
5 4 'Structure model' 'Data collection'            
6 4 'Structure model' 'Database references'        
7 4 'Structure model' 'Derived calculations'       
# 
loop_
_pdbx_audit_revision_category.ordinal 
_pdbx_audit_revision_category.revision_ordinal 
_pdbx_audit_revision_category.data_content_type 
_pdbx_audit_revision_category.category 
1 2 'Structure model' citation               
2 2 'Structure model' citation_author        
3 3 'Structure model' entity_poly            
4 3 'Structure model' pdbx_audit_support     
5 4 'Structure model' chem_comp_atom         
6 4 'Structure model' chem_comp_bond         
7 4 'Structure model' database_2             
8 4 'Structure model' pdbx_struct_conn_angle 
9 4 'Structure model' struct_conn            
# 
loop_
_pdbx_audit_revision_item.ordinal 
_pdbx_audit_revision_item.revision_ordinal 
_pdbx_audit_revision_item.data_content_type 
_pdbx_audit_revision_item.item 
1  2 'Structure model' '_citation.page_first'                      
2  2 'Structure model' '_citation.page_last'                       
3  2 'Structure model' '_citation.pdbx_database_id_PubMed'         
4  2 'Structure model' '_citation.title'                           
5  2 'Structure model' '_citation_author.name'                     
6  3 'Structure model' '_entity_poly.pdbx_seq_one_letter_code'     
7  3 'Structure model' '_pdbx_audit_support.funding_organization'  
8  4 'Structure model' '_database_2.pdbx_DOI'                      
9  4 'Structure model' '_database_2.pdbx_database_accession'       
10 4 'Structure model' '_pdbx_struct_conn_angle.ptnr1_auth_seq_id' 
11 4 'Structure model' '_pdbx_struct_conn_angle.ptnr3_auth_seq_id' 
12 4 'Structure model' '_pdbx_struct_conn_angle.value'             
13 4 'Structure model' '_struct_conn.pdbx_dist_value'              
14 4 'Structure model' '_struct_conn.ptnr2_auth_seq_id'            
# 
_pdbx_database_status.status_code                     REL 
_pdbx_database_status.status_code_sf                  REL 
_pdbx_database_status.status_code_mr                  ? 
_pdbx_database_status.entry_id                        6E1W 
_pdbx_database_status.recvd_initial_deposition_date   2018-07-10 
_pdbx_database_status.SG_entry                        N 
_pdbx_database_status.deposit_site                    RCSB 
_pdbx_database_status.process_site                    RCSB 
_pdbx_database_status.status_code_cs                  ? 
_pdbx_database_status.methods_development_category    ? 
_pdbx_database_status.pdb_format_compatible           Y 
_pdbx_database_status.status_code_nmr_data            ? 
# 
loop_
_audit_author.name 
_audit_author.pdbx_ordinal 
_audit_author.identifier_ORCID 
'Numata, T.'          1 ? 
'Connelly, C.M.'      2 ? 
'Schneekloth, J.S.'   3 ? 
;Ferre-D'Amare, A.R.
;
4 ? 
# 
_citation.abstract                  ? 
_citation.abstract_id_CAS           ? 
_citation.book_id_ISBN              ? 
_citation.book_publisher            ? 
_citation.book_publisher_city       ? 
_citation.book_title                ? 
_citation.coordinate_linkage        ? 
_citation.country                   UK 
_citation.database_id_Medline       ? 
_citation.details                   ? 
_citation.id                        primary 
_citation.journal_abbrev            'Nat Commun' 
_citation.journal_id_ASTM           ? 
_citation.journal_id_CSD            ? 
_citation.journal_id_ISSN           2041-1723 
_citation.journal_full              ? 
_citation.journal_issue             ? 
_citation.journal_volume            10 
_citation.language                  ? 
_citation.page_first                1501 
_citation.page_last                 1501 
_citation.title                     
'Synthetic ligands for PreQ1riboswitches provide structural and mechanistic insights into targeting RNA tertiary structure.' 
_citation.year                      2019 
_citation.database_id_CSD           ? 
_citation.pdbx_database_id_DOI      10.1038/s41467-019-09493-3 
_citation.pdbx_database_id_PubMed   30940810 
_citation.unpublished_flag          ? 
# 
loop_
_citation_author.citation_id 
_citation_author.name 
_citation_author.ordinal 
_citation_author.identifier_ORCID 
primary 'Connelly, C.M.'        1 ? 
primary 'Numata, T.'            2 ? 
primary 'Boer, R.E.'            3 ? 
primary 'Moon, M.H.'            4 ? 
primary 'Sinniah, R.S.'         5 ? 
primary 'Barchi, J.J.'          6 ? 
primary 
;Ferre-D'Amare, A.R.
;
7 ? 
primary 'Schneekloth Jr., J.S.' 8 ? 
# 
loop_
_entity.id 
_entity.type 
_entity.src_method 
_entity.pdbx_description 
_entity.formula_weight 
_entity.pdbx_number_of_molecules 
_entity.pdbx_ec 
_entity.pdbx_mutation 
_entity.pdbx_fragment 
_entity.details 
1 polymer     syn 'RNA (33-MER)'                                                         10333.194 1  ? ? ? ? 
2 non-polymer syn '2-amino-5-(aminomethyl)-1,7-dihydro-4H-pyrrolo[2,3-d]pyrimidin-4-one' 179.179   1  ? ? ? ? 
3 non-polymer syn 'ACETATE ION'                                                          59.044    2  ? ? ? ? 
4 non-polymer syn 'MAGNESIUM ION'                                                        24.305    1  ? ? ? ? 
5 water       nat water                                                                  18.015    96 ? ? ? ? 
# 
_entity_poly.entity_id                      1 
_entity_poly.type                           polyribonucleotide 
_entity_poly.nstd_linkage                   no 
_entity_poly.nstd_monomer                   no 
_entity_poly.pdbx_seq_one_letter_code       'CUGGGUCGCAGU(N)(N)CCCCAGUUAACAAAACAAG' 
_entity_poly.pdbx_seq_one_letter_code_can   CUGGGUCGCAGUNNCCCCAGUUAACAAAACAAG 
_entity_poly.pdbx_strand_id                 A 
_entity_poly.pdbx_target_identifier         ? 
# 
loop_
_pdbx_entity_nonpoly.entity_id 
_pdbx_entity_nonpoly.name 
_pdbx_entity_nonpoly.comp_id 
2 '2-amino-5-(aminomethyl)-1,7-dihydro-4H-pyrrolo[2,3-d]pyrimidin-4-one' HNG 
3 'ACETATE ION'                                                          ACT 
4 'MAGNESIUM ION'                                                        MG  
5 water                                                                  HOH 
# 
loop_
_entity_poly_seq.entity_id 
_entity_poly_seq.num 
_entity_poly_seq.mon_id 
_entity_poly_seq.hetero 
1 1  C n 
1 2  U n 
1 3  G n 
1 4  G n 
1 5  G n 
1 6  U n 
1 7  C n 
1 8  G n 
1 9  C n 
1 10 A n 
1 11 G n 
1 12 U n 
1 13 N n 
1 14 N n 
1 15 C n 
1 16 C n 
1 17 C n 
1 18 C n 
1 19 A n 
1 20 G n 
1 21 U n 
1 22 U n 
1 23 A n 
1 24 A n 
1 25 C n 
1 26 A n 
1 27 A n 
1 28 A n 
1 29 A n 
1 30 C n 
1 31 A n 
1 32 A n 
1 33 G n 
# 
_pdbx_entity_src_syn.entity_id              1 
_pdbx_entity_src_syn.pdbx_src_id            1 
_pdbx_entity_src_syn.pdbx_alt_source_flag   sample 
_pdbx_entity_src_syn.pdbx_beg_seq_num       1 
_pdbx_entity_src_syn.pdbx_end_seq_num       33 
_pdbx_entity_src_syn.organism_scientific    'Caldanaerobacter subterraneus subsp. tengcongensis' 
_pdbx_entity_src_syn.organism_common_name   ? 
_pdbx_entity_src_syn.ncbi_taxonomy_id       119072 
_pdbx_entity_src_syn.details                ? 
# 
loop_
_chem_comp.id 
_chem_comp.type 
_chem_comp.mon_nstd_flag 
_chem_comp.name 
_chem_comp.pdbx_synonyms 
_chem_comp.formula 
_chem_comp.formula_weight 
A   'RNA linking' y "ADENOSINE-5'-MONOPHOSPHATE"                                           ?                                   
'C10 H14 N5 O7 P' 347.221 
ACT non-polymer   . 'ACETATE ION'                                                          ?                                   
'C2 H3 O2 -1'     59.044  
C   'RNA linking' y "CYTIDINE-5'-MONOPHOSPHATE"                                            ?                                   
'C9 H14 N3 O8 P'  323.197 
G   'RNA linking' y "GUANOSINE-5'-MONOPHOSPHATE"                                           ?                                   
'C10 H14 N5 O8 P' 363.221 
HNG non-polymer   . '2-amino-5-(aminomethyl)-1,7-dihydro-4H-pyrrolo[2,3-d]pyrimidin-4-one' PreQ1                               
'C7 H9 N5 O'      179.179 
HOH non-polymer   . WATER                                                                  ?                                   
'H2 O'            18.015  
MG  non-polymer   . 'MAGNESIUM ION'                                                        ?                                   
'Mg 2'            24.305  
N   'RNA linking' . 
;ANY 5'-MONOPHOSPHATE NUCLEOTIDE
;
"1-DEOXY-RIBOFURANOSE-5'-PHOSPHATE" 'C5 H11 O7 P'     214.110 
U   'RNA linking' y "URIDINE-5'-MONOPHOSPHATE"                                             ?                                   
'C9 H13 N2 O9 P'  324.181 
# 
loop_
_pdbx_poly_seq_scheme.asym_id 
_pdbx_poly_seq_scheme.entity_id 
_pdbx_poly_seq_scheme.seq_id 
_pdbx_poly_seq_scheme.mon_id 
_pdbx_poly_seq_scheme.ndb_seq_num 
_pdbx_poly_seq_scheme.pdb_seq_num 
_pdbx_poly_seq_scheme.auth_seq_num 
_pdbx_poly_seq_scheme.pdb_mon_id 
_pdbx_poly_seq_scheme.auth_mon_id 
_pdbx_poly_seq_scheme.pdb_strand_id 
_pdbx_poly_seq_scheme.pdb_ins_code 
_pdbx_poly_seq_scheme.hetero 
A 1 1  C 1  1  1  C C A . n 
A 1 2  U 2  2  2  U U A . n 
A 1 3  G 3  3  3  G G A . n 
A 1 4  G 4  4  4  G G A . n 
A 1 5  G 5  5  5  G G A . n 
A 1 6  U 6  6  6  U U A . n 
A 1 7  C 7  7  7  C C A . n 
A 1 8  G 8  8  8  G G A . n 
A 1 9  C 9  9  9  C C A . n 
A 1 10 A 10 10 10 A A A . n 
A 1 11 G 11 11 11 G G A . n 
A 1 12 U 12 12 12 U U A . n 
A 1 13 N 13 13 13 N N A . n 
A 1 14 N 14 14 14 N N A . n 
A 1 15 C 15 15 15 C C A . n 
A 1 16 C 16 16 16 C C A . n 
A 1 17 C 17 17 17 C C A . n 
A 1 18 C 18 18 18 C C A . n 
A 1 19 A 19 19 19 A A A . n 
A 1 20 G 20 20 20 G G A . n 
A 1 21 U 21 21 21 U U A . n 
A 1 22 U 22 22 22 U U A . n 
A 1 23 A 23 23 23 A A A . n 
A 1 24 A 24 24 24 A A A . n 
A 1 25 C 25 25 25 C C A . n 
A 1 26 A 26 26 26 A A A . n 
A 1 27 A 27 27 27 A A A . n 
A 1 28 A 28 28 28 A A A . n 
A 1 29 A 29 29 29 A A A . n 
A 1 30 C 30 30 30 C C A . n 
A 1 31 A 31 31 31 A A A . n 
A 1 32 A 32 32 32 A A A . n 
A 1 33 G 33 33 33 G G A . n 
# 
loop_
_pdbx_nonpoly_scheme.asym_id 
_pdbx_nonpoly_scheme.entity_id 
_pdbx_nonpoly_scheme.mon_id 
_pdbx_nonpoly_scheme.ndb_seq_num 
_pdbx_nonpoly_scheme.pdb_seq_num 
_pdbx_nonpoly_scheme.auth_seq_num 
_pdbx_nonpoly_scheme.pdb_mon_id 
_pdbx_nonpoly_scheme.auth_mon_id 
_pdbx_nonpoly_scheme.pdb_strand_id 
_pdbx_nonpoly_scheme.pdb_ins_code 
B 2 HNG 1  101 1  HNG PRF A . 
C 3 ACT 1  102 1  ACT ACT A . 
D 3 ACT 1  103 2  ACT ACT A . 
E 4 MG  1  104 1  MG  MG  A . 
F 5 HOH 1  201 90 HOH HOH A . 
F 5 HOH 2  202 79 HOH HOH A . 
F 5 HOH 3  203 88 HOH HOH A . 
F 5 HOH 4  204 61 HOH HOH A . 
F 5 HOH 5  205 37 HOH HOH A . 
F 5 HOH 6  206 35 HOH HOH A . 
F 5 HOH 7  207 13 HOH HOH A . 
F 5 HOH 8  208 94 HOH HOH A . 
F 5 HOH 9  209 77 HOH HOH A . 
F 5 HOH 10 210 80 HOH HOH A . 
F 5 HOH 11 211 67 HOH HOH A . 
F 5 HOH 12 212 55 HOH HOH A . 
F 5 HOH 13 213 91 HOH HOH A . 
F 5 HOH 14 214 3  HOH HOH A . 
F 5 HOH 15 215 52 HOH HOH A . 
F 5 HOH 16 216 85 HOH HOH A . 
F 5 HOH 17 217 22 HOH HOH A . 
F 5 HOH 18 218 84 HOH HOH A . 
F 5 HOH 19 219 17 HOH HOH A . 
F 5 HOH 20 220 45 HOH HOH A . 
F 5 HOH 21 221 16 HOH HOH A . 
F 5 HOH 22 222 74 HOH HOH A . 
F 5 HOH 23 223 46 HOH HOH A . 
F 5 HOH 24 224 63 HOH HOH A . 
F 5 HOH 25 225 49 HOH HOH A . 
F 5 HOH 26 226 30 HOH HOH A . 
F 5 HOH 27 227 26 HOH HOH A . 
F 5 HOH 28 228 50 HOH HOH A . 
F 5 HOH 29 229 59 HOH HOH A . 
F 5 HOH 30 230 19 HOH HOH A . 
F 5 HOH 31 231 48 HOH HOH A . 
F 5 HOH 32 232 23 HOH HOH A . 
F 5 HOH 33 233 78 HOH HOH A . 
F 5 HOH 34 234 51 HOH HOH A . 
F 5 HOH 35 235 83 HOH HOH A . 
F 5 HOH 36 236 27 HOH HOH A . 
F 5 HOH 37 237 40 HOH HOH A . 
F 5 HOH 38 238 53 HOH HOH A . 
F 5 HOH 39 239 44 HOH HOH A . 
F 5 HOH 40 240 87 HOH HOH A . 
F 5 HOH 41 241 2  HOH HOH A . 
F 5 HOH 42 242 15 HOH HOH A . 
F 5 HOH 43 243 72 HOH HOH A . 
F 5 HOH 44 244 8  HOH HOH A . 
F 5 HOH 45 245 92 HOH HOH A . 
F 5 HOH 46 246 71 HOH HOH A . 
F 5 HOH 47 247 43 HOH HOH A . 
F 5 HOH 48 248 58 HOH HOH A . 
F 5 HOH 49 249 68 HOH HOH A . 
F 5 HOH 50 250 21 HOH HOH A . 
F 5 HOH 51 251 82 HOH HOH A . 
F 5 HOH 52 252 65 HOH HOH A . 
F 5 HOH 53 253 31 HOH HOH A . 
F 5 HOH 54 254 24 HOH HOH A . 
F 5 HOH 55 255 64 HOH HOH A . 
F 5 HOH 56 256 42 HOH HOH A . 
F 5 HOH 57 257 73 HOH HOH A . 
F 5 HOH 58 258 11 HOH HOH A . 
F 5 HOH 59 259 75 HOH HOH A . 
F 5 HOH 60 260 10 HOH HOH A . 
F 5 HOH 61 261 14 HOH HOH A . 
F 5 HOH 62 262 57 HOH HOH A . 
F 5 HOH 63 263 81 HOH HOH A . 
F 5 HOH 64 264 7  HOH HOH A . 
F 5 HOH 65 265 6  HOH HOH A . 
F 5 HOH 66 266 12 HOH HOH A . 
F 5 HOH 67 267 56 HOH HOH A . 
F 5 HOH 68 268 47 HOH HOH A . 
F 5 HOH 69 269 20 HOH HOH A . 
F 5 HOH 70 270 29 HOH HOH A . 
F 5 HOH 71 271 5  HOH HOH A . 
F 5 HOH 72 272 66 HOH HOH A . 
F 5 HOH 73 273 32 HOH HOH A . 
F 5 HOH 74 274 39 HOH HOH A . 
F 5 HOH 75 275 1  HOH HOH A . 
F 5 HOH 76 276 25 HOH HOH A . 
F 5 HOH 77 277 4  HOH HOH A . 
F 5 HOH 78 278 62 HOH HOH A . 
F 5 HOH 79 279 86 HOH HOH A . 
F 5 HOH 80 280 38 HOH HOH A . 
F 5 HOH 81 281 36 HOH HOH A . 
F 5 HOH 82 282 54 HOH HOH A . 
F 5 HOH 83 283 70 HOH HOH A . 
F 5 HOH 84 284 9  HOH HOH A . 
F 5 HOH 85 285 41 HOH HOH A . 
F 5 HOH 86 286 95 HOH HOH A . 
F 5 HOH 87 287 34 HOH HOH A . 
F 5 HOH 88 288 28 HOH HOH A . 
F 5 HOH 89 289 18 HOH HOH A . 
F 5 HOH 90 290 33 HOH HOH A . 
F 5 HOH 91 291 60 HOH HOH A . 
F 5 HOH 92 292 93 HOH HOH A . 
F 5 HOH 93 293 69 HOH HOH A . 
F 5 HOH 94 294 96 HOH HOH A . 
F 5 HOH 95 295 76 HOH HOH A . 
F 5 HOH 96 296 89 HOH HOH A . 
# 
loop_
_software.citation_id 
_software.classification 
_software.compiler_name 
_software.compiler_version 
_software.contact_author 
_software.contact_author_email 
_software.date 
_software.description 
_software.dependencies 
_software.hardware 
_software.language 
_software.location 
_software.mods 
_software.name 
_software.os 
_software.os_version 
_software.type 
_software.version 
_software.pdbx_ordinal 
? 'data scaling'    ? ? ? ? ? ? ? ? ? ? ? Aimless     ? ? ? 0.5.32 1 
? phasing           ? ? ? ? ? ? ? ? ? ? ? PHASER      ? ? ? 2.7.16 2 
? refinement        ? ? ? ? ? ? ? ? ? ? ? PHENIX      ? ? ? .      3 
? 'data extraction' ? ? ? ? ? ? ? ? ? ? ? PDB_EXTRACT ? ? ? 3.24   4 
? 'data reduction'  ? ? ? ? ? ? ? ? ? ? ? XDS         ? ? ? .      5 
# 
_cell.angle_alpha                  90.000 
_cell.angle_alpha_esd              ? 
_cell.angle_beta                   90.000 
_cell.angle_beta_esd               ? 
_cell.angle_gamma                  120.000 
_cell.angle_gamma_esd              ? 
_cell.entry_id                     6E1W 
_cell.details                      ? 
_cell.formula_units_Z              ? 
_cell.length_a                     52.297 
_cell.length_a_esd                 ? 
_cell.length_b                     52.297 
_cell.length_b_esd                 ? 
_cell.length_c                     179.215 
_cell.length_c_esd                 ? 
_cell.volume                       ? 
_cell.volume_esd                   ? 
_cell.Z_PDB                        12 
_cell.reciprocal_angle_alpha       ? 
_cell.reciprocal_angle_beta        ? 
_cell.reciprocal_angle_gamma       ? 
_cell.reciprocal_angle_alpha_esd   ? 
_cell.reciprocal_angle_beta_esd    ? 
_cell.reciprocal_angle_gamma_esd   ? 
_cell.reciprocal_length_a          ? 
_cell.reciprocal_length_b          ? 
_cell.reciprocal_length_c          ? 
_cell.reciprocal_length_a_esd      ? 
_cell.reciprocal_length_b_esd      ? 
_cell.reciprocal_length_c_esd      ? 
_cell.pdbx_unique_axis             ? 
# 
_symmetry.entry_id                         6E1W 
_symmetry.cell_setting                     ? 
_symmetry.Int_Tables_number                178 
_symmetry.space_group_name_Hall            ? 
_symmetry.space_group_name_H-M             'P 61 2 2' 
_symmetry.pdbx_full_space_group_name_H-M   ? 
# 
_exptl.absorpt_coefficient_mu     ? 
_exptl.absorpt_correction_T_max   ? 
_exptl.absorpt_correction_T_min   ? 
_exptl.absorpt_correction_type    ? 
_exptl.absorpt_process_details    ? 
_exptl.entry_id                   6E1W 
_exptl.crystals_number            1 
_exptl.details                    ? 
_exptl.method                     'X-RAY DIFFRACTION' 
_exptl.method_details             ? 
# 
_exptl_crystal.colour                      ? 
_exptl_crystal.density_diffrn              ? 
_exptl_crystal.density_Matthews            3.25 
_exptl_crystal.density_method              ? 
_exptl_crystal.density_percent_sol         62.2 
_exptl_crystal.description                 ? 
_exptl_crystal.F_000                       ? 
_exptl_crystal.id                          1 
_exptl_crystal.preparation                 ? 
_exptl_crystal.size_max                    ? 
_exptl_crystal.size_mid                    ? 
_exptl_crystal.size_min                    ? 
_exptl_crystal.size_rad                    ? 
_exptl_crystal.colour_lustre               ? 
_exptl_crystal.colour_modifier             ? 
_exptl_crystal.colour_primary              ? 
_exptl_crystal.density_meas                ? 
_exptl_crystal.density_meas_esd            ? 
_exptl_crystal.density_meas_gt             ? 
_exptl_crystal.density_meas_lt             ? 
_exptl_crystal.density_meas_temp           ? 
_exptl_crystal.density_meas_temp_esd       ? 
_exptl_crystal.density_meas_temp_gt        ? 
_exptl_crystal.density_meas_temp_lt        ? 
_exptl_crystal.pdbx_crystal_image_url      ? 
_exptl_crystal.pdbx_crystal_image_format   ? 
_exptl_crystal.pdbx_mosaicity              ? 
_exptl_crystal.pdbx_mosaicity_esd          ? 
# 
_exptl_crystal_grow.apparatus       ? 
_exptl_crystal_grow.atmosphere      ? 
_exptl_crystal_grow.crystal_id      1 
_exptl_crystal_grow.details         ? 
_exptl_crystal_grow.method          'VAPOR DIFFUSION, HANGING DROP' 
_exptl_crystal_grow.method_ref      ? 
_exptl_crystal_grow.pH              5.6 
_exptl_crystal_grow.pressure        ? 
_exptl_crystal_grow.pressure_esd    ? 
_exptl_crystal_grow.seeding         ? 
_exptl_crystal_grow.seeding_ref     ? 
_exptl_crystal_grow.temp            294 
_exptl_crystal_grow.temp_details    ? 
_exptl_crystal_grow.temp_esd        ? 
_exptl_crystal_grow.time            ? 
_exptl_crystal_grow.pdbx_details    '0.01 M magnesium acetate, 0.05 M MES (pH 5.6), 2.7 M ammonium sulfate' 
_exptl_crystal_grow.pdbx_pH_range   ? 
# 
_diffrn.ambient_environment    ? 
_diffrn.ambient_temp           100 
_diffrn.ambient_temp_details   ? 
_diffrn.ambient_temp_esd       ? 
_diffrn.crystal_id             1 
_diffrn.crystal_support        ? 
_diffrn.crystal_treatment      ? 
_diffrn.details                ? 
_diffrn.id                     1 
_diffrn.ambient_pressure       ? 
_diffrn.ambient_pressure_esd   ? 
_diffrn.ambient_pressure_gt    ? 
_diffrn.ambient_pressure_lt    ? 
_diffrn.ambient_temp_gt        ? 
_diffrn.ambient_temp_lt        ? 
# 
_diffrn_detector.details                      ? 
_diffrn_detector.detector                     PIXEL 
_diffrn_detector.diffrn_id                    1 
_diffrn_detector.type                         'DECTRIS PILATUS3 6M' 
_diffrn_detector.area_resol_mean              ? 
_diffrn_detector.dtime                        ? 
_diffrn_detector.pdbx_frames_total            ? 
_diffrn_detector.pdbx_collection_time_total   ? 
_diffrn_detector.pdbx_collection_date         2017-09-12 
# 
_diffrn_radiation.collimation                      ? 
_diffrn_radiation.diffrn_id                        1 
_diffrn_radiation.filter_edge                      ? 
_diffrn_radiation.inhomogeneity                    ? 
_diffrn_radiation.monochromator                    ? 
_diffrn_radiation.polarisn_norm                    ? 
_diffrn_radiation.polarisn_ratio                   ? 
_diffrn_radiation.probe                            ? 
_diffrn_radiation.type                             ? 
_diffrn_radiation.xray_symbol                      ? 
_diffrn_radiation.wavelength_id                    1 
_diffrn_radiation.pdbx_monochromatic_or_laue_m_l   M 
_diffrn_radiation.pdbx_wavelength_list             ? 
_diffrn_radiation.pdbx_wavelength                  ? 
_diffrn_radiation.pdbx_diffrn_protocol             'SINGLE WAVELENGTH' 
_diffrn_radiation.pdbx_analyzer                    ? 
_diffrn_radiation.pdbx_scattering_type             x-ray 
# 
_diffrn_radiation_wavelength.id           1 
_diffrn_radiation_wavelength.wavelength   1.0 
_diffrn_radiation_wavelength.wt           1.0 
# 
_diffrn_source.current                     ? 
_diffrn_source.details                     ? 
_diffrn_source.diffrn_id                   1 
_diffrn_source.power                       ? 
_diffrn_source.size                        ? 
_diffrn_source.source                      SYNCHROTRON 
_diffrn_source.target                      ? 
_diffrn_source.type                        'ALS BEAMLINE 5.0.2' 
_diffrn_source.voltage                     ? 
_diffrn_source.take-off_angle              ? 
_diffrn_source.pdbx_wavelength_list        1.0 
_diffrn_source.pdbx_wavelength             ? 
_diffrn_source.pdbx_synchrotron_beamline   5.0.2 
_diffrn_source.pdbx_synchrotron_site       ALS 
# 
_reflns.B_iso_Wilson_estimate            38.240 
_reflns.entry_id                         6E1W 
_reflns.data_reduction_details           ? 
_reflns.data_reduction_method            ? 
_reflns.d_resolution_high                1.690 
_reflns.d_resolution_low                 44.800 
_reflns.details                          ? 
_reflns.limit_h_max                      ? 
_reflns.limit_h_min                      ? 
_reflns.limit_k_max                      ? 
_reflns.limit_k_min                      ? 
_reflns.limit_l_max                      ? 
_reflns.limit_l_min                      ? 
_reflns.number_all                       ? 
_reflns.number_obs                       17169 
_reflns.observed_criterion               ? 
_reflns.observed_criterion_F_max         ? 
_reflns.observed_criterion_F_min         ? 
_reflns.observed_criterion_I_max         ? 
_reflns.observed_criterion_I_min         ? 
_reflns.observed_criterion_sigma_F       ? 
_reflns.observed_criterion_sigma_I       ? 
_reflns.percent_possible_obs             99.600 
_reflns.R_free_details                   ? 
_reflns.Rmerge_F_all                     ? 
_reflns.Rmerge_F_obs                     ? 
_reflns.Friedel_coverage                 ? 
_reflns.number_gt                        ? 
_reflns.threshold_expression             ? 
_reflns.pdbx_redundancy                  33.200 
_reflns.pdbx_Rmerge_I_obs                0.037 
_reflns.pdbx_Rmerge_I_all                ? 
_reflns.pdbx_Rsym_value                  ? 
_reflns.pdbx_netI_over_av_sigmaI         ? 
_reflns.pdbx_netI_over_sigmaI            44.400 
_reflns.pdbx_res_netI_over_av_sigmaI_2   ? 
_reflns.pdbx_res_netI_over_sigmaI_2      ? 
_reflns.pdbx_chi_squared                 ? 
_reflns.pdbx_scaling_rejects             1 
_reflns.pdbx_d_res_high_opt              ? 
_reflns.pdbx_d_res_low_opt               ? 
_reflns.pdbx_d_res_opt_method            ? 
_reflns.phase_calculation_details        ? 
_reflns.pdbx_Rrim_I_all                  0.037 
_reflns.pdbx_Rpim_I_all                  0.006 
_reflns.pdbx_d_opt                       ? 
_reflns.pdbx_number_measured_all         569211 
_reflns.pdbx_diffrn_id                   1 
_reflns.pdbx_ordinal                     1 
_reflns.pdbx_CC_half                     1.000 
_reflns.pdbx_R_split                     ? 
# 
loop_
_reflns_shell.d_res_high 
_reflns_shell.d_res_low 
_reflns_shell.meanI_over_sigI_all 
_reflns_shell.meanI_over_sigI_obs 
_reflns_shell.number_measured_all 
_reflns_shell.number_measured_obs 
_reflns_shell.number_possible 
_reflns_shell.number_unique_all 
_reflns_shell.number_unique_obs 
_reflns_shell.percent_possible_all 
_reflns_shell.percent_possible_obs 
_reflns_shell.Rmerge_F_all 
_reflns_shell.Rmerge_F_obs 
_reflns_shell.Rmerge_I_all 
_reflns_shell.Rmerge_I_obs 
_reflns_shell.meanI_over_sigI_gt 
_reflns_shell.meanI_over_uI_all 
_reflns_shell.meanI_over_uI_gt 
_reflns_shell.number_measured_gt 
_reflns_shell.number_unique_gt 
_reflns_shell.percent_possible_gt 
_reflns_shell.Rmerge_F_gt 
_reflns_shell.Rmerge_I_gt 
_reflns_shell.pdbx_redundancy 
_reflns_shell.pdbx_Rsym_value 
_reflns_shell.pdbx_chi_squared 
_reflns_shell.pdbx_netI_over_sigmaI_all 
_reflns_shell.pdbx_netI_over_sigmaI_obs 
_reflns_shell.pdbx_Rrim_I_all 
_reflns_shell.pdbx_Rpim_I_all 
_reflns_shell.pdbx_rejects 
_reflns_shell.pdbx_ordinal 
_reflns_shell.pdbx_diffrn_id 
_reflns_shell.pdbx_CC_half 
_reflns_shell.pdbx_R_split 
1.690 1.720  ? ? ? ? ? ? 783 96.200 ? ? ? ? 1.411 ? ? ? ? ? ? ? ? 19.000 ? ? ? ? 1.450 0.326 ? 1 1 0.671 ? 
9.100 44.800 ? ? ? ? ? ? 165 99.700 ? ? ? ? 0.025 ? ? ? ? ? ? ? ? 23.200 ? ? ? ? 0.026 0.006 ? 2 1 1.000 ? 
# 
_refine.aniso_B[1][1]                            ? 
_refine.aniso_B[1][2]                            ? 
_refine.aniso_B[1][3]                            ? 
_refine.aniso_B[2][2]                            ? 
_refine.aniso_B[2][3]                            ? 
_refine.aniso_B[3][3]                            ? 
_refine.B_iso_max                                95.990 
_refine.B_iso_mean                               49.1728 
_refine.B_iso_min                                33.210 
_refine.correlation_coeff_Fo_to_Fc               ? 
_refine.correlation_coeff_Fo_to_Fc_free          ? 
_refine.details                                  ? 
_refine.diff_density_max                         ? 
_refine.diff_density_max_esd                     ? 
_refine.diff_density_min                         ? 
_refine.diff_density_min_esd                     ? 
_refine.diff_density_rms                         ? 
_refine.diff_density_rms_esd                     ? 
_refine.entry_id                                 6E1W 
_refine.pdbx_refine_id                           'X-RAY DIFFRACTION' 
_refine.ls_abs_structure_details                 ? 
_refine.ls_abs_structure_Flack                   ? 
_refine.ls_abs_structure_Flack_esd               ? 
_refine.ls_abs_structure_Rogers                  ? 
_refine.ls_abs_structure_Rogers_esd              ? 
_refine.ls_d_res_high                            1.6900 
_refine.ls_d_res_low                             43.9100 
_refine.ls_extinction_coef                       ? 
_refine.ls_extinction_coef_esd                   ? 
_refine.ls_extinction_expression                 ? 
_refine.ls_extinction_method                     ? 
_refine.ls_goodness_of_fit_all                   ? 
_refine.ls_goodness_of_fit_all_esd               ? 
_refine.ls_goodness_of_fit_obs                   ? 
_refine.ls_goodness_of_fit_obs_esd               ? 
_refine.ls_hydrogen_treatment                    ? 
_refine.ls_matrix_type                           ? 
_refine.ls_number_constraints                    ? 
_refine.ls_number_parameters                     ? 
_refine.ls_number_reflns_all                     ? 
_refine.ls_number_reflns_obs                     17086 
_refine.ls_number_reflns_R_free                  854 
_refine.ls_number_reflns_R_work                  ? 
_refine.ls_number_restraints                     ? 
_refine.ls_percent_reflns_obs                    99.5500 
_refine.ls_percent_reflns_R_free                 5.0000 
_refine.ls_R_factor_all                          ? 
_refine.ls_R_factor_obs                          0.1820 
_refine.ls_R_factor_R_free                       0.2101 
_refine.ls_R_factor_R_free_error                 ? 
_refine.ls_R_factor_R_free_error_details         ? 
_refine.ls_R_factor_R_work                       0.1805 
_refine.ls_R_Fsqd_factor_obs                     ? 
_refine.ls_R_I_factor_obs                        ? 
_refine.ls_redundancy_reflns_all                 ? 
_refine.ls_redundancy_reflns_obs                 ? 
_refine.ls_restrained_S_all                      ? 
_refine.ls_restrained_S_obs                      ? 
_refine.ls_shift_over_esd_max                    ? 
_refine.ls_shift_over_esd_mean                   ? 
_refine.ls_structure_factor_coef                 ? 
_refine.ls_weighting_details                     ? 
_refine.ls_weighting_scheme                      ? 
_refine.ls_wR_factor_all                         ? 
_refine.ls_wR_factor_obs                         ? 
_refine.ls_wR_factor_R_free                      ? 
_refine.ls_wR_factor_R_work                      ? 
_refine.occupancy_max                            ? 
_refine.occupancy_min                            ? 
_refine.solvent_model_details                    ? 
_refine.solvent_model_param_bsol                 ? 
_refine.solvent_model_param_ksol                 ? 
_refine.ls_R_factor_gt                           ? 
_refine.ls_goodness_of_fit_gt                    ? 
_refine.ls_goodness_of_fit_ref                   ? 
_refine.ls_shift_over_su_max                     ? 
_refine.ls_shift_over_su_max_lt                  ? 
_refine.ls_shift_over_su_mean                    ? 
_refine.ls_shift_over_su_mean_lt                 ? 
_refine.pdbx_ls_sigma_I                          ? 
_refine.pdbx_ls_sigma_F                          1.330 
_refine.pdbx_ls_sigma_Fsqd                       ? 
_refine.pdbx_data_cutoff_high_absF               ? 
_refine.pdbx_data_cutoff_high_rms_absF           ? 
_refine.pdbx_data_cutoff_low_absF                ? 
_refine.pdbx_isotropic_thermal_model             ? 
_refine.pdbx_ls_cross_valid_method               THROUGHOUT 
_refine.pdbx_method_to_determine_struct          'MOLECULAR REPLACEMENT' 
_refine.pdbx_starting_model                      ? 
_refine.pdbx_stereochemistry_target_values       ? 
_refine.pdbx_R_Free_selection_details            ? 
_refine.pdbx_stereochem_target_val_spec_case     ? 
_refine.pdbx_overall_ESU_R                       ? 
_refine.pdbx_overall_ESU_R_Free                  ? 
_refine.pdbx_solvent_vdw_probe_radii             1.1100 
_refine.pdbx_solvent_ion_probe_radii             ? 
_refine.pdbx_solvent_shrinkage_radii             0.9000 
_refine.pdbx_real_space_R                        ? 
_refine.pdbx_density_correlation                 ? 
_refine.pdbx_pd_number_of_powder_patterns        ? 
_refine.pdbx_pd_number_of_points                 ? 
_refine.pdbx_pd_meas_number_of_points            ? 
_refine.pdbx_pd_proc_ls_prof_R_factor            ? 
_refine.pdbx_pd_proc_ls_prof_wR_factor           ? 
_refine.pdbx_pd_Marquardt_correlation_coeff      ? 
_refine.pdbx_pd_Fsqrd_R_factor                   ? 
_refine.pdbx_pd_ls_matrix_band_width             ? 
_refine.pdbx_overall_phase_error                 24.8000 
_refine.pdbx_overall_SU_R_free_Cruickshank_DPI   ? 
_refine.pdbx_overall_SU_R_free_Blow_DPI          ? 
_refine.pdbx_overall_SU_R_Blow_DPI               ? 
_refine.pdbx_TLS_residual_ADP_flag               ? 
_refine.pdbx_diffrn_id                           1 
_refine.overall_SU_B                             ? 
_refine.overall_SU_ML                            0.1700 
_refine.overall_SU_R_Cruickshank_DPI             ? 
_refine.overall_SU_R_free                        ? 
_refine.overall_FOM_free_R_set                   ? 
_refine.overall_FOM_work_R_set                   ? 
_refine.pdbx_average_fsc_overall                 ? 
_refine.pdbx_average_fsc_work                    ? 
_refine.pdbx_average_fsc_free                    ? 
# 
_refine_hist.cycle_id                         final 
_refine_hist.pdbx_refine_id                   'X-RAY DIFFRACTION' 
_refine_hist.d_res_high                       1.6900 
_refine_hist.d_res_low                        43.9100 
_refine_hist.pdbx_number_atoms_ligand         22 
_refine_hist.number_atoms_solvent             96 
_refine_hist.number_atoms_total               793 
_refine_hist.pdbx_number_residues_total       33 
_refine_hist.pdbx_B_iso_mean_ligand           45.53 
_refine_hist.pdbx_B_iso_mean_solvent          55.02 
_refine_hist.pdbx_number_atoms_protein        0 
_refine_hist.pdbx_number_atoms_nucleic_acid   675 
# 
loop_
_refine_ls_restr.pdbx_refine_id 
_refine_ls_restr.criterion 
_refine_ls_restr.dev_ideal 
_refine_ls_restr.dev_ideal_target 
_refine_ls_restr.number 
_refine_ls_restr.rejects 
_refine_ls_restr.type 
_refine_ls_restr.weight 
_refine_ls_restr.pdbx_restraint_function 
'X-RAY DIFFRACTION' ? 0.005  ? 773  ? f_bond_d           ? ? 
'X-RAY DIFFRACTION' ? 0.989  ? 1197 ? f_angle_d          ? ? 
'X-RAY DIFFRACTION' ? 0.046  ? 157  ? f_chiral_restr     ? ? 
'X-RAY DIFFRACTION' ? 0.012  ? 34   ? f_plane_restr      ? ? 
'X-RAY DIFFRACTION' ? 13.066 ? 379  ? f_dihedral_angle_d ? ? 
# 
loop_
_refine_ls_shell.pdbx_refine_id 
_refine_ls_shell.d_res_high 
_refine_ls_shell.d_res_low 
_refine_ls_shell.number_reflns_all 
_refine_ls_shell.number_reflns_obs 
_refine_ls_shell.number_reflns_R_free 
_refine_ls_shell.number_reflns_R_work 
_refine_ls_shell.percent_reflns_obs 
_refine_ls_shell.percent_reflns_R_free 
_refine_ls_shell.R_factor_all 
_refine_ls_shell.R_factor_obs 
_refine_ls_shell.R_factor_R_free 
_refine_ls_shell.R_factor_R_free_error 
_refine_ls_shell.R_factor_R_work 
_refine_ls_shell.redundancy_reflns_all 
_refine_ls_shell.redundancy_reflns_obs 
_refine_ls_shell.wR_factor_all 
_refine_ls_shell.wR_factor_obs 
_refine_ls_shell.wR_factor_R_free 
_refine_ls_shell.wR_factor_R_work 
_refine_ls_shell.pdbx_total_number_of_bins_used 
_refine_ls_shell.pdbx_phase_error 
_refine_ls_shell.pdbx_fsc_work 
_refine_ls_shell.pdbx_fsc_free 
'X-RAY DIFFRACTION' 1.6900 1.7959  2685 . 134 2551 97.0000  . . . 0.2701 0.0000 0.2646 . . . . . . 6 . . . 
'X-RAY DIFFRACTION' 1.7959 1.9346  2775 . 139 2636 100.0000 . . . 0.2784 0.0000 0.2514 . . . . . . 6 . . . 
'X-RAY DIFFRACTION' 1.9346 2.1293  2792 . 139 2653 100.0000 . . . 0.2555 0.0000 0.2461 . . . . . . 6 . . . 
'X-RAY DIFFRACTION' 2.1293 2.4373  2841 . 143 2698 100.0000 . . . 0.3180 0.0000 0.2462 . . . . . . 6 . . . 
'X-RAY DIFFRACTION' 2.4373 3.0707  2891 . 143 2748 100.0000 . . . 0.2516 0.0000 0.2369 . . . . . . 6 . . . 
'X-RAY DIFFRACTION' 3.0707 43.9249 3102 . 156 2946 100.0000 . . . 0.1735 0.0000 0.1416 . . . . . . 6 . . . 
# 
_struct.entry_id                     6E1W 
_struct.title                        'Crystal structure of a class I PreQ1 riboswitch complexed with PreQ1' 
_struct.pdbx_model_details           ? 
_struct.pdbx_formula_weight          ? 
_struct.pdbx_formula_weight_method   ? 
_struct.pdbx_model_type_details      ? 
_struct.pdbx_CASP_flag               N 
# 
_struct_keywords.entry_id        6E1W 
_struct_keywords.text            'PreQ1 riboswitch, Synthetic compound, Complex, RNA' 
_struct_keywords.pdbx_keywords   RNA 
# 
loop_
_struct_asym.id 
_struct_asym.pdbx_blank_PDB_chainid_flag 
_struct_asym.pdbx_modified 
_struct_asym.entity_id 
_struct_asym.details 
A N N 1 ? 
B N N 2 ? 
C N N 3 ? 
D N N 3 ? 
E N N 4 ? 
F N N 5 ? 
# 
_struct_ref.id                         1 
_struct_ref.db_name                    PDB 
_struct_ref.db_code                    6E1W 
_struct_ref.pdbx_db_accession          6E1W 
_struct_ref.pdbx_db_isoform            ? 
_struct_ref.entity_id                  1 
_struct_ref.pdbx_seq_one_letter_code   ? 
_struct_ref.pdbx_align_begin           1 
# 
_struct_ref_seq.align_id                      1 
_struct_ref_seq.ref_id                        1 
_struct_ref_seq.pdbx_PDB_id_code              6E1W 
_struct_ref_seq.pdbx_strand_id                A 
_struct_ref_seq.seq_align_beg                 1 
_struct_ref_seq.pdbx_seq_align_beg_ins_code   ? 
_struct_ref_seq.seq_align_end                 33 
_struct_ref_seq.pdbx_seq_align_end_ins_code   ? 
_struct_ref_seq.pdbx_db_accession             6E1W 
_struct_ref_seq.db_align_beg                  1 
_struct_ref_seq.pdbx_db_align_beg_ins_code    ? 
_struct_ref_seq.db_align_end                  33 
_struct_ref_seq.pdbx_db_align_end_ins_code    ? 
_struct_ref_seq.pdbx_auth_seq_align_beg       1 
_struct_ref_seq.pdbx_auth_seq_align_end       33 
# 
_pdbx_struct_assembly.id                   1 
_pdbx_struct_assembly.details              author_defined_assembly 
_pdbx_struct_assembly.method_details       ? 
_pdbx_struct_assembly.oligomeric_details   monomeric 
_pdbx_struct_assembly.oligomeric_count     1 
# 
loop_
_pdbx_struct_assembly_prop.biol_id 
_pdbx_struct_assembly_prop.type 
_pdbx_struct_assembly_prop.value 
_pdbx_struct_assembly_prop.details 
1 'ABSA (A^2)' 700  ? 
1 MORE         -10  ? 
1 'SSA (A^2)'  5420 ? 
# 
_pdbx_struct_assembly_gen.assembly_id       1 
_pdbx_struct_assembly_gen.oper_expression   1 
_pdbx_struct_assembly_gen.asym_id_list      A,B,C,D,E,F 
# 
_pdbx_struct_assembly_auth_evidence.id                     1 
_pdbx_struct_assembly_auth_evidence.assembly_id            1 
_pdbx_struct_assembly_auth_evidence.experimental_support   homology 
_pdbx_struct_assembly_auth_evidence.details                ? 
# 
_pdbx_struct_oper_list.id                   1 
_pdbx_struct_oper_list.type                 'identity operation' 
_pdbx_struct_oper_list.name                 1_555 
_pdbx_struct_oper_list.symmetry_operation   x,y,z 
_pdbx_struct_oper_list.matrix[1][1]         1.0000000000 
_pdbx_struct_oper_list.matrix[1][2]         0.0000000000 
_pdbx_struct_oper_list.matrix[1][3]         0.0000000000 
_pdbx_struct_oper_list.vector[1]            0.0000000000 
_pdbx_struct_oper_list.matrix[2][1]         0.0000000000 
_pdbx_struct_oper_list.matrix[2][2]         1.0000000000 
_pdbx_struct_oper_list.matrix[2][3]         0.0000000000 
_pdbx_struct_oper_list.vector[2]            0.0000000000 
_pdbx_struct_oper_list.matrix[3][1]         0.0000000000 
_pdbx_struct_oper_list.matrix[3][2]         0.0000000000 
_pdbx_struct_oper_list.matrix[3][3]         1.0000000000 
_pdbx_struct_oper_list.vector[3]            0.0000000000 
# 
loop_
_struct_conn.id 
_struct_conn.conn_type_id 
_struct_conn.pdbx_leaving_atom_flag 
_struct_conn.pdbx_PDB_id 
_struct_conn.ptnr1_label_asym_id 
_struct_conn.ptnr1_label_comp_id 
_struct_conn.ptnr1_label_seq_id 
_struct_conn.ptnr1_label_atom_id 
_struct_conn.pdbx_ptnr1_label_alt_id 
_struct_conn.pdbx_ptnr1_PDB_ins_code 
_struct_conn.pdbx_ptnr1_standard_comp_id 
_struct_conn.ptnr1_symmetry 
_struct_conn.ptnr2_label_asym_id 
_struct_conn.ptnr2_label_comp_id 
_struct_conn.ptnr2_label_seq_id 
_struct_conn.ptnr2_label_atom_id 
_struct_conn.pdbx_ptnr2_label_alt_id 
_struct_conn.pdbx_ptnr2_PDB_ins_code 
_struct_conn.ptnr1_auth_asym_id 
_struct_conn.ptnr1_auth_comp_id 
_struct_conn.ptnr1_auth_seq_id 
_struct_conn.ptnr2_auth_asym_id 
_struct_conn.ptnr2_auth_comp_id 
_struct_conn.ptnr2_auth_seq_id 
_struct_conn.ptnr2_symmetry 
_struct_conn.pdbx_ptnr3_label_atom_id 
_struct_conn.pdbx_ptnr3_label_seq_id 
_struct_conn.pdbx_ptnr3_label_comp_id 
_struct_conn.pdbx_ptnr3_label_asym_id 
_struct_conn.pdbx_ptnr3_label_alt_id 
_struct_conn.pdbx_ptnr3_PDB_ins_code 
_struct_conn.details 
_struct_conn.pdbx_dist_value 
_struct_conn.pdbx_value_order 
_struct_conn.pdbx_role 
covale1  covale both ? A U  12 "O3'" ? ? ? 1_555 A N   13 P  ? ? A U  12  A N   13  1_555 ? ? ? ? ? ? ?             1.610 ? ? 
covale2  covale both ? A N  13 "O3'" ? ? ? 1_555 A N   14 P  ? ? A N  13  A N   14  1_555 ? ? ? ? ? ? ?             1.611 ? ? 
covale3  covale both ? A N  14 "O3'" ? ? ? 1_555 A C   15 P  ? ? A N  14  A C   15  1_555 ? ? ? ? ? ? ?             1.615 ? ? 
metalc1  metalc ?    ? A A  31 OP2   ? ? ? 1_555 E MG  .  MG ? ? A A  31  A MG  104 1_555 ? ? ? ? ? ? ?             2.173 ? ? 
metalc2  metalc ?    ? E MG .  MG    ? ? ? 1_555 F HOH .  O  ? ? A MG 104 A HOH 274 1_555 ? ? ? ? ? ? ?             2.612 ? ? 
metalc3  metalc ?    ? E MG .  MG    ? ? ? 1_555 F HOH .  O  ? ? A MG 104 A HOH 277 1_555 ? ? ? ? ? ? ?             2.583 ? ? 
hydrog1  hydrog ?    ? A C  1  N3    ? ? ? 1_555 A G   20 N1 ? ? A C  1   A G   20  1_555 ? ? ? ? ? ? WATSON-CRICK  ?     ? ? 
hydrog2  hydrog ?    ? A C  1  N4    ? ? ? 1_555 A G   20 O6 ? ? A C  1   A G   20  1_555 ? ? ? ? ? ? WATSON-CRICK  ?     ? ? 
hydrog3  hydrog ?    ? A C  1  O2    ? ? ? 1_555 A G   20 N2 ? ? A C  1   A G   20  1_555 ? ? ? ? ? ? WATSON-CRICK  ?     ? ? 
hydrog4  hydrog ?    ? A U  2  N3    ? ? ? 1_555 A A   19 N1 ? ? A U  2   A A   19  1_555 ? ? ? ? ? ? WATSON-CRICK  ?     ? ? 
hydrog5  hydrog ?    ? A U  2  O4    ? ? ? 1_555 A A   19 N6 ? ? A U  2   A A   19  1_555 ? ? ? ? ? ? WATSON-CRICK  ?     ? ? 
hydrog6  hydrog ?    ? A G  3  N1    ? ? ? 1_555 A C   18 N3 ? ? A G  3   A C   18  1_555 ? ? ? ? ? ? WATSON-CRICK  ?     ? ? 
hydrog7  hydrog ?    ? A G  3  N2    ? ? ? 1_555 A C   18 O2 ? ? A G  3   A C   18  1_555 ? ? ? ? ? ? WATSON-CRICK  ?     ? ? 
hydrog8  hydrog ?    ? A G  3  O6    ? ? ? 1_555 A C   18 N4 ? ? A G  3   A C   18  1_555 ? ? ? ? ? ? WATSON-CRICK  ?     ? ? 
hydrog9  hydrog ?    ? A G  4  N1    ? ? ? 1_555 A C   17 N3 ? ? A G  4   A C   17  1_555 ? ? ? ? ? ? WATSON-CRICK  ?     ? ? 
hydrog10 hydrog ?    ? A G  4  N2    ? ? ? 1_555 A C   17 O2 ? ? A G  4   A C   17  1_555 ? ? ? ? ? ? WATSON-CRICK  ?     ? ? 
hydrog11 hydrog ?    ? A G  4  O6    ? ? ? 1_555 A C   17 N4 ? ? A G  4   A C   17  1_555 ? ? ? ? ? ? WATSON-CRICK  ?     ? ? 
hydrog12 hydrog ?    ? A G  5  N1    ? ? ? 1_555 A C   16 N3 ? ? A G  5   A C   16  1_555 ? ? ? ? ? ? WATSON-CRICK  ?     ? ? 
hydrog13 hydrog ?    ? A G  5  N2    ? ? ? 1_555 A C   16 O2 ? ? A G  5   A C   16  1_555 ? ? ? ? ? ? WATSON-CRICK  ?     ? ? 
hydrog14 hydrog ?    ? A G  5  O6    ? ? ? 1_555 A C   16 N4 ? ? A G  5   A C   16  1_555 ? ? ? ? ? ? WATSON-CRICK  ?     ? ? 
hydrog15 hydrog ?    ? A G  5  N2    ? ? ? 1_555 A A   27 N1 ? ? A G  5   A A   27  1_555 ? ? ? ? ? ? TYPE_10_PAIR  ?     ? ? 
hydrog16 hydrog ?    ? A G  5  N3    ? ? ? 1_555 A A   27 N6 ? ? A G  5   A A   27  1_555 ? ? ? ? ? ? TYPE_10_PAIR  ?     ? ? 
hydrog17 hydrog ?    ? A U  6  N3    ? ? ? 1_555 A A   28 N7 ? ? A U  6   A A   28  1_555 ? ? ? ? ? ? HOOGSTEEN     ?     ? ? 
hydrog18 hydrog ?    ? A U  6  O4    ? ? ? 1_555 A A   28 N6 ? ? A U  6   A A   28  1_555 ? ? ? ? ? ? HOOGSTEEN     ?     ? ? 
hydrog19 hydrog ?    ? A C  7  N4    ? ? ? 1_555 A G   11 N7 ? ? A C  7   A G   11  1_555 ? ? ? ? ? ? 'C-G PAIR'    ?     ? ? 
hydrog20 hydrog ?    ? A C  7  O2    ? ? ? 1_555 A A   29 N6 ? ? A C  7   A A   29  1_555 ? ? ? ? ? ? 'C-A MISPAIR' ?     ? ? 
hydrog21 hydrog ?    ? A C  7  O2    ? ? ? 1_555 A C   30 N4 ? ? A C  7   A C   30  1_555 ? ? ? ? ? ? 'C-C MISPAIR' ?     ? ? 
hydrog22 hydrog ?    ? A G  8  N2    ? ? ? 1_555 A A   31 N1 ? ? A G  8   A A   31  1_555 ? ? ? ? ? ? TYPE_10_PAIR  ?     ? ? 
hydrog23 hydrog ?    ? A G  8  N3    ? ? ? 1_555 A A   31 N6 ? ? A G  8   A A   31  1_555 ? ? ? ? ? ? TYPE_10_PAIR  ?     ? ? 
hydrog24 hydrog ?    ? A C  9  N3    ? ? ? 1_555 A G   33 N1 ? ? A C  9   A G   33  1_555 ? ? ? ? ? ? WATSON-CRICK  ?     ? ? 
hydrog25 hydrog ?    ? A C  9  N4    ? ? ? 1_555 A G   33 O6 ? ? A C  9   A G   33  1_555 ? ? ? ? ? ? WATSON-CRICK  ?     ? ? 
hydrog26 hydrog ?    ? A C  9  O2    ? ? ? 1_555 A G   33 N2 ? ? A C  9   A G   33  1_555 ? ? ? ? ? ? WATSON-CRICK  ?     ? ? 
hydrog27 hydrog ?    ? A A  10 N3    ? ? ? 1_555 A A   32 N6 ? ? A A  10  A A   32  1_555 ? ? ? ? ? ? 'A-A MISPAIR' ?     ? ? 
hydrog28 hydrog ?    ? A G  11 N2    ? ? ? 1_555 A C   15 O2 ? ? A G  11  A C   15  1_555 ? ? ? ? ? ? 'G-C PAIR'    ?     ? ? 
hydrog29 hydrog ?    ? A G  11 N1    ? ? ? 1_555 A C   30 N3 ? ? A G  11  A C   30  1_555 ? ? ? ? ? ? WATSON-CRICK  ?     ? ? 
hydrog30 hydrog ?    ? A G  11 N2    ? ? ? 1_555 A C   30 O2 ? ? A G  11  A C   30  1_555 ? ? ? ? ? ? WATSON-CRICK  ?     ? ? 
hydrog31 hydrog ?    ? A G  11 O6    ? ? ? 1_555 A C   30 N4 ? ? A G  11  A C   30  1_555 ? ? ? ? ? ? WATSON-CRICK  ?     ? ? 
hydrog32 hydrog ?    ? A C  16 O2    ? ? ? 1_555 A A   28 N6 ? ? A C  16  A A   28  1_555 ? ? ? ? ? ? 'C-A MISPAIR' ?     ? ? 
hydrog33 hydrog ?    ? A C  17 O2    ? ? ? 1_555 A A   26 N6 ? ? A C  17  A A   26  1_555 ? ? ? ? ? ? 'C-A MISPAIR' ?     ? ? 
# 
loop_
_struct_conn_type.id 
_struct_conn_type.criteria 
_struct_conn_type.reference 
covale ? ? 
metalc ? ? 
hydrog ? ? 
# 
loop_
_pdbx_struct_conn_angle.id 
_pdbx_struct_conn_angle.ptnr1_label_atom_id 
_pdbx_struct_conn_angle.ptnr1_label_alt_id 
_pdbx_struct_conn_angle.ptnr1_label_asym_id 
_pdbx_struct_conn_angle.ptnr1_label_comp_id 
_pdbx_struct_conn_angle.ptnr1_label_seq_id 
_pdbx_struct_conn_angle.ptnr1_auth_atom_id 
_pdbx_struct_conn_angle.ptnr1_auth_asym_id 
_pdbx_struct_conn_angle.ptnr1_auth_comp_id 
_pdbx_struct_conn_angle.ptnr1_auth_seq_id 
_pdbx_struct_conn_angle.ptnr1_PDB_ins_code 
_pdbx_struct_conn_angle.ptnr1_symmetry 
_pdbx_struct_conn_angle.ptnr2_label_atom_id 
_pdbx_struct_conn_angle.ptnr2_label_alt_id 
_pdbx_struct_conn_angle.ptnr2_label_asym_id 
_pdbx_struct_conn_angle.ptnr2_label_comp_id 
_pdbx_struct_conn_angle.ptnr2_label_seq_id 
_pdbx_struct_conn_angle.ptnr2_auth_atom_id 
_pdbx_struct_conn_angle.ptnr2_auth_asym_id 
_pdbx_struct_conn_angle.ptnr2_auth_comp_id 
_pdbx_struct_conn_angle.ptnr2_auth_seq_id 
_pdbx_struct_conn_angle.ptnr2_PDB_ins_code 
_pdbx_struct_conn_angle.ptnr2_symmetry 
_pdbx_struct_conn_angle.ptnr3_label_atom_id 
_pdbx_struct_conn_angle.ptnr3_label_alt_id 
_pdbx_struct_conn_angle.ptnr3_label_asym_id 
_pdbx_struct_conn_angle.ptnr3_label_comp_id 
_pdbx_struct_conn_angle.ptnr3_label_seq_id 
_pdbx_struct_conn_angle.ptnr3_auth_atom_id 
_pdbx_struct_conn_angle.ptnr3_auth_asym_id 
_pdbx_struct_conn_angle.ptnr3_auth_comp_id 
_pdbx_struct_conn_angle.ptnr3_auth_seq_id 
_pdbx_struct_conn_angle.ptnr3_PDB_ins_code 
_pdbx_struct_conn_angle.ptnr3_symmetry 
_pdbx_struct_conn_angle.value 
_pdbx_struct_conn_angle.value_esd 
1 OP2 ? A A   31 ? A A   31  ? 1_555 MG ? E MG . ? A MG 104 ? 1_555 O ? F HOH . ? A HOH 274 ? 1_555 123.7 ? 
2 OP2 ? A A   31 ? A A   31  ? 1_555 MG ? E MG . ? A MG 104 ? 1_555 O ? F HOH . ? A HOH 277 ? 1_555 126.6 ? 
3 O   ? F HOH .  ? A HOH 274 ? 1_555 MG ? E MG . ? A MG 104 ? 1_555 O ? F HOH . ? A HOH 277 ? 1_555 91.8  ? 
# 
loop_
_struct_site.id 
_struct_site.pdbx_evidence_code 
_struct_site.pdbx_auth_asym_id 
_struct_site.pdbx_auth_comp_id 
_struct_site.pdbx_auth_seq_id 
_struct_site.pdbx_auth_ins_code 
_struct_site.pdbx_num_residues 
_struct_site.details 
AC1 Software A HNG 101 ? 9 'binding site for residue HNG A 101' 
AC2 Software A ACT 102 ? 4 'binding site for residue ACT A 102' 
AC3 Software A ACT 103 ? 5 'binding site for residue ACT A 103' 
AC4 Software A MG  104 ? 4 'binding site for residue MG A 104'  
# 
loop_
_struct_site_gen.id 
_struct_site_gen.site_id 
_struct_site_gen.pdbx_num_res 
_struct_site_gen.label_comp_id 
_struct_site_gen.label_asym_id 
_struct_site_gen.label_seq_id 
_struct_site_gen.pdbx_auth_ins_code 
_struct_site_gen.auth_comp_id 
_struct_site_gen.auth_asym_id 
_struct_site_gen.auth_seq_id 
_struct_site_gen.label_atom_id 
_struct_site_gen.label_alt_id 
_struct_site_gen.symmetry 
_struct_site_gen.details 
1  AC1 9 G   A 5  ? G   A 5   . ? 1_555  ? 
2  AC1 9 U   A 6  ? U   A 6   . ? 1_555  ? 
3  AC1 9 C   A 7  ? C   A 7   . ? 1_555  ? 
4  AC1 9 G   A 11 ? G   A 11  . ? 1_555  ? 
5  AC1 9 C   A 15 ? C   A 15  . ? 1_555  ? 
6  AC1 9 C   A 16 ? C   A 16  . ? 1_555  ? 
7  AC1 9 A   A 29 ? A   A 29  . ? 1_555  ? 
8  AC1 9 C   A 30 ? C   A 30  . ? 1_555  ? 
9  AC1 9 ACT C .  ? ACT A 102 . ? 1_555  ? 
10 AC2 4 G   A 11 ? G   A 11  . ? 1_555  ? 
11 AC2 4 HNG B .  ? HNG A 101 . ? 1_555  ? 
12 AC2 4 HOH F .  ? HOH A 242 . ? 1_555  ? 
13 AC2 4 HOH F .  ? HOH A 273 . ? 1_555  ? 
14 AC3 5 C   A 9  ? C   A 9   . ? 1_555  ? 
15 AC3 5 HOH F .  ? HOH A 217 . ? 12_555 ? 
16 AC3 5 HOH F .  ? HOH A 234 . ? 1_555  ? 
17 AC3 5 HOH F .  ? HOH A 277 . ? 1_555  ? 
18 AC3 5 HOH F .  ? HOH A 288 . ? 12_555 ? 
19 AC4 4 C   A 30 ? C   A 30  . ? 1_555  ? 
20 AC4 4 A   A 31 ? A   A 31  . ? 1_555  ? 
21 AC4 4 HOH F .  ? HOH A 274 . ? 1_555  ? 
22 AC4 4 HOH F .  ? HOH A 277 . ? 1_555  ? 
# 
loop_
_pdbx_refine_tls.pdbx_refine_id 
_pdbx_refine_tls.id 
_pdbx_refine_tls.details 
_pdbx_refine_tls.method 
_pdbx_refine_tls.origin_x 
_pdbx_refine_tls.origin_y 
_pdbx_refine_tls.origin_z 
_pdbx_refine_tls.T[1][1] 
_pdbx_refine_tls.T[2][2] 
_pdbx_refine_tls.T[3][3] 
_pdbx_refine_tls.T[1][2] 
_pdbx_refine_tls.T[1][3] 
_pdbx_refine_tls.T[2][3] 
_pdbx_refine_tls.L[1][1] 
_pdbx_refine_tls.L[2][2] 
_pdbx_refine_tls.L[3][3] 
_pdbx_refine_tls.L[1][2] 
_pdbx_refine_tls.L[1][3] 
_pdbx_refine_tls.L[2][3] 
_pdbx_refine_tls.S[1][1] 
_pdbx_refine_tls.S[2][2] 
_pdbx_refine_tls.S[3][3] 
_pdbx_refine_tls.S[1][2] 
_pdbx_refine_tls.S[1][3] 
_pdbx_refine_tls.S[2][3] 
_pdbx_refine_tls.S[2][1] 
_pdbx_refine_tls.S[3][1] 
_pdbx_refine_tls.S[3][2] 
'X-RAY DIFFRACTION' 1 ? refined 0.2868  -2.6152 -1.9722 0.2821 0.4371 0.5773 -0.0301 -0.0381 0.1081 4.7855  4.5821 4.0004 -0.4796 -3.9585 -1.4217 -0.4120 0.2863 0.1358  0.0298  -0.5911 0.5029  0.1845  0.1686  -0.3684 
'X-RAY DIFFRACTION' 2 ? refined -6.7722 5.2466  -1.9525 0.3504 0.5244 0.4894 0.0362  0.0611  0.0427 5.3155  6.6995 7.1247 -2.1405 -3.6082 1.4928  -0.2855 0.3821 -0.1471 0.9667  -0.2175 0.1189  -0.4636 -0.1317 -0.2152 
'X-RAY DIFFRACTION' 3 ? refined 10.8317 -4.5160 -3.4855 0.3079 0.4185 0.5586 -0.0077 -0.0633 0.0170 1.0173  6.7543 5.3371 1.6719  1.7646  4.3541  -0.0327 0.3079 -0.2988 -0.3629 -0.1893 -0.0630 0.1991  0.2239  0.1234  
'X-RAY DIFFRACTION' 4 ? refined -3.0433 1.5959  5.1483  0.3909 0.4815 0.4415 0.0535  0.0710  0.0898 11.1712 2.1807 3.1466 -2.7015 -3.5727 2.6146  -0.5326 0.7570 -0.1297 -1.1706 -0.3222 0.3348  0.6900  0.0695  0.2867 
# 
loop_
_pdbx_refine_tls_group.pdbx_refine_id 
_pdbx_refine_tls_group.id 
_pdbx_refine_tls_group.refine_tls_id 
_pdbx_refine_tls_group.beg_auth_asym_id 
_pdbx_refine_tls_group.beg_auth_seq_id 
_pdbx_refine_tls_group.end_auth_asym_id 
_pdbx_refine_tls_group.end_auth_seq_id 
_pdbx_refine_tls_group.selection_details 
_pdbx_refine_tls_group.beg_label_asym_id 
_pdbx_refine_tls_group.beg_label_seq_id 
_pdbx_refine_tls_group.end_label_asym_id 
_pdbx_refine_tls_group.end_label_seq_id 
_pdbx_refine_tls_group.selection 
'X-RAY DIFFRACTION' 1 1 A 1  A 8  '(chain A and resid 1:8)'   ? ? ? ? ? 
'X-RAY DIFFRACTION' 2 2 A 9  A 16 '(chain A and resid 9:16)'  ? ? ? ? ? 
'X-RAY DIFFRACTION' 3 3 A 17 A 23 '(chain A and resid 17:23)' ? ? ? ? ? 
'X-RAY DIFFRACTION' 4 4 A 24 A 33 '(chain A and resid 24:33)' ? ? ? ? ? 
# 
_pdbx_phasing_MR.entry_id                     6E1W 
_pdbx_phasing_MR.method_rotation              ? 
_pdbx_phasing_MR.method_translation           ? 
_pdbx_phasing_MR.model_details                ? 
_pdbx_phasing_MR.R_factor                     ? 
_pdbx_phasing_MR.R_rigid_body                 ? 
_pdbx_phasing_MR.correlation_coeff_Fo_to_Fc   ? 
_pdbx_phasing_MR.correlation_coeff_Io_to_Ic   ? 
_pdbx_phasing_MR.d_res_high_rotation          5.090 
_pdbx_phasing_MR.d_res_low_rotation           43.910 
_pdbx_phasing_MR.d_res_high_translation       5.090 
_pdbx_phasing_MR.d_res_low_translation        43.910 
_pdbx_phasing_MR.packing                      ? 
_pdbx_phasing_MR.reflns_percent_rotation      ? 
_pdbx_phasing_MR.reflns_percent_translation   ? 
_pdbx_phasing_MR.sigma_F_rotation             ? 
_pdbx_phasing_MR.sigma_F_translation          ? 
_pdbx_phasing_MR.sigma_I_rotation             ? 
_pdbx_phasing_MR.sigma_I_translation          ? 
# 
_phasing.method   MR 
# 
loop_
_chem_comp_atom.comp_id 
_chem_comp_atom.atom_id 
_chem_comp_atom.type_symbol 
_chem_comp_atom.pdbx_aromatic_flag 
_chem_comp_atom.pdbx_stereo_config 
_chem_comp_atom.pdbx_ordinal 
A   OP3    O  N N 1   
A   P      P  N N 2   
A   OP1    O  N N 3   
A   OP2    O  N N 4   
A   "O5'"  O  N N 5   
A   "C5'"  C  N N 6   
A   "C4'"  C  N R 7   
A   "O4'"  O  N N 8   
A   "C3'"  C  N S 9   
A   "O3'"  O  N N 10  
A   "C2'"  C  N R 11  
A   "O2'"  O  N N 12  
A   "C1'"  C  N R 13  
A   N9     N  Y N 14  
A   C8     C  Y N 15  
A   N7     N  Y N 16  
A   C5     C  Y N 17  
A   C6     C  Y N 18  
A   N6     N  N N 19  
A   N1     N  Y N 20  
A   C2     C  Y N 21  
A   N3     N  Y N 22  
A   C4     C  Y N 23  
A   HOP3   H  N N 24  
A   HOP2   H  N N 25  
A   "H5'"  H  N N 26  
A   "H5''" H  N N 27  
A   "H4'"  H  N N 28  
A   "H3'"  H  N N 29  
A   "HO3'" H  N N 30  
A   "H2'"  H  N N 31  
A   "HO2'" H  N N 32  
A   "H1'"  H  N N 33  
A   H8     H  N N 34  
A   H61    H  N N 35  
A   H62    H  N N 36  
A   H2     H  N N 37  
ACT C      C  N N 38  
ACT O      O  N N 39  
ACT OXT    O  N N 40  
ACT CH3    C  N N 41  
ACT H1     H  N N 42  
ACT H2     H  N N 43  
ACT H3     H  N N 44  
C   OP3    O  N N 45  
C   P      P  N N 46  
C   OP1    O  N N 47  
C   OP2    O  N N 48  
C   "O5'"  O  N N 49  
C   "C5'"  C  N N 50  
C   "C4'"  C  N R 51  
C   "O4'"  O  N N 52  
C   "C3'"  C  N S 53  
C   "O3'"  O  N N 54  
C   "C2'"  C  N R 55  
C   "O2'"  O  N N 56  
C   "C1'"  C  N R 57  
C   N1     N  N N 58  
C   C2     C  N N 59  
C   O2     O  N N 60  
C   N3     N  N N 61  
C   C4     C  N N 62  
C   N4     N  N N 63  
C   C5     C  N N 64  
C   C6     C  N N 65  
C   HOP3   H  N N 66  
C   HOP2   H  N N 67  
C   "H5'"  H  N N 68  
C   "H5''" H  N N 69  
C   "H4'"  H  N N 70  
C   "H3'"  H  N N 71  
C   "HO3'" H  N N 72  
C   "H2'"  H  N N 73  
C   "HO2'" H  N N 74  
C   "H1'"  H  N N 75  
C   H41    H  N N 76  
C   H42    H  N N 77  
C   H5     H  N N 78  
C   H6     H  N N 79  
G   OP3    O  N N 80  
G   P      P  N N 81  
G   OP1    O  N N 82  
G   OP2    O  N N 83  
G   "O5'"  O  N N 84  
G   "C5'"  C  N N 85  
G   "C4'"  C  N R 86  
G   "O4'"  O  N N 87  
G   "C3'"  C  N S 88  
G   "O3'"  O  N N 89  
G   "C2'"  C  N R 90  
G   "O2'"  O  N N 91  
G   "C1'"  C  N R 92  
G   N9     N  Y N 93  
G   C8     C  Y N 94  
G   N7     N  Y N 95  
G   C5     C  Y N 96  
G   C6     C  N N 97  
G   O6     O  N N 98  
G   N1     N  N N 99  
G   C2     C  N N 100 
G   N2     N  N N 101 
G   N3     N  N N 102 
G   C4     C  Y N 103 
G   HOP3   H  N N 104 
G   HOP2   H  N N 105 
G   "H5'"  H  N N 106 
G   "H5''" H  N N 107 
G   "H4'"  H  N N 108 
G   "H3'"  H  N N 109 
G   "HO3'" H  N N 110 
G   "H2'"  H  N N 111 
G   "HO2'" H  N N 112 
G   "H1'"  H  N N 113 
G   H8     H  N N 114 
G   H1     H  N N 115 
G   H21    H  N N 116 
G   H22    H  N N 117 
HNG N1     N  N N 118 
HNG C2     C  N N 119 
HNG N3     N  N N 120 
HNG C4     C  Y N 121 
HNG C5     C  Y N 122 
HNG C6     C  N N 123 
HNG O6     O  N N 124 
HNG C7     C  Y N 125 
HNG C10    C  N N 126 
HNG N11    N  N N 127 
HNG C8     C  Y N 128 
HNG N9     N  Y N 129 
HNG N2     N  N N 130 
HNG H1     H  N N 131 
HNG H2     H  N N 132 
HNG H3     H  N N 133 
HNG H4     H  N N 134 
HNG H5     H  N N 135 
HNG H7     H  N N 136 
HNG H8     H  N N 137 
HNG H9     H  N N 138 
HNG H10    H  N N 139 
HOH O      O  N N 140 
HOH H1     H  N N 141 
HOH H2     H  N N 142 
MG  MG     MG N N 143 
U   OP3    O  N N 144 
U   P      P  N N 145 
U   OP1    O  N N 146 
U   OP2    O  N N 147 
U   "O5'"  O  N N 148 
U   "C5'"  C  N N 149 
U   "C4'"  C  N R 150 
U   "O4'"  O  N N 151 
U   "C3'"  C  N S 152 
U   "O3'"  O  N N 153 
U   "C2'"  C  N R 154 
U   "O2'"  O  N N 155 
U   "C1'"  C  N R 156 
U   N1     N  N N 157 
U   C2     C  N N 158 
U   O2     O  N N 159 
U   N3     N  N N 160 
U   C4     C  N N 161 
U   O4     O  N N 162 
U   C5     C  N N 163 
U   C6     C  N N 164 
U   HOP3   H  N N 165 
U   HOP2   H  N N 166 
U   "H5'"  H  N N 167 
U   "H5''" H  N N 168 
U   "H4'"  H  N N 169 
U   "H3'"  H  N N 170 
U   "HO3'" H  N N 171 
U   "H2'"  H  N N 172 
U   "HO2'" H  N N 173 
U   "H1'"  H  N N 174 
U   H3     H  N N 175 
U   H5     H  N N 176 
U   H6     H  N N 177 
# 
loop_
_chem_comp_bond.comp_id 
_chem_comp_bond.atom_id_1 
_chem_comp_bond.atom_id_2 
_chem_comp_bond.value_order 
_chem_comp_bond.pdbx_aromatic_flag 
_chem_comp_bond.pdbx_stereo_config 
_chem_comp_bond.pdbx_ordinal 
A   OP3   P      sing N N 1   
A   OP3   HOP3   sing N N 2   
A   P     OP1    doub N N 3   
A   P     OP2    sing N N 4   
A   P     "O5'"  sing N N 5   
A   OP2   HOP2   sing N N 6   
A   "O5'" "C5'"  sing N N 7   
A   "C5'" "C4'"  sing N N 8   
A   "C5'" "H5'"  sing N N 9   
A   "C5'" "H5''" sing N N 10  
A   "C4'" "O4'"  sing N N 11  
A   "C4'" "C3'"  sing N N 12  
A   "C4'" "H4'"  sing N N 13  
A   "O4'" "C1'"  sing N N 14  
A   "C3'" "O3'"  sing N N 15  
A   "C3'" "C2'"  sing N N 16  
A   "C3'" "H3'"  sing N N 17  
A   "O3'" "HO3'" sing N N 18  
A   "C2'" "O2'"  sing N N 19  
A   "C2'" "C1'"  sing N N 20  
A   "C2'" "H2'"  sing N N 21  
A   "O2'" "HO2'" sing N N 22  
A   "C1'" N9     sing N N 23  
A   "C1'" "H1'"  sing N N 24  
A   N9    C8     sing Y N 25  
A   N9    C4     sing Y N 26  
A   C8    N7     doub Y N 27  
A   C8    H8     sing N N 28  
A   N7    C5     sing Y N 29  
A   C5    C6     sing Y N 30  
A   C5    C4     doub Y N 31  
A   C6    N6     sing N N 32  
A   C6    N1     doub Y N 33  
A   N6    H61    sing N N 34  
A   N6    H62    sing N N 35  
A   N1    C2     sing Y N 36  
A   C2    N3     doub Y N 37  
A   C2    H2     sing N N 38  
A   N3    C4     sing Y N 39  
ACT C     O      doub N N 40  
ACT C     OXT    sing N N 41  
ACT C     CH3    sing N N 42  
ACT CH3   H1     sing N N 43  
ACT CH3   H2     sing N N 44  
ACT CH3   H3     sing N N 45  
C   OP3   P      sing N N 46  
C   OP3   HOP3   sing N N 47  
C   P     OP1    doub N N 48  
C   P     OP2    sing N N 49  
C   P     "O5'"  sing N N 50  
C   OP2   HOP2   sing N N 51  
C   "O5'" "C5'"  sing N N 52  
C   "C5'" "C4'"  sing N N 53  
C   "C5'" "H5'"  sing N N 54  
C   "C5'" "H5''" sing N N 55  
C   "C4'" "O4'"  sing N N 56  
C   "C4'" "C3'"  sing N N 57  
C   "C4'" "H4'"  sing N N 58  
C   "O4'" "C1'"  sing N N 59  
C   "C3'" "O3'"  sing N N 60  
C   "C3'" "C2'"  sing N N 61  
C   "C3'" "H3'"  sing N N 62  
C   "O3'" "HO3'" sing N N 63  
C   "C2'" "O2'"  sing N N 64  
C   "C2'" "C1'"  sing N N 65  
C   "C2'" "H2'"  sing N N 66  
C   "O2'" "HO2'" sing N N 67  
C   "C1'" N1     sing N N 68  
C   "C1'" "H1'"  sing N N 69  
C   N1    C2     sing N N 70  
C   N1    C6     sing N N 71  
C   C2    O2     doub N N 72  
C   C2    N3     sing N N 73  
C   N3    C4     doub N N 74  
C   C4    N4     sing N N 75  
C   C4    C5     sing N N 76  
C   N4    H41    sing N N 77  
C   N4    H42    sing N N 78  
C   C5    C6     doub N N 79  
C   C5    H5     sing N N 80  
C   C6    H6     sing N N 81  
G   OP3   P      sing N N 82  
G   OP3   HOP3   sing N N 83  
G   P     OP1    doub N N 84  
G   P     OP2    sing N N 85  
G   P     "O5'"  sing N N 86  
G   OP2   HOP2   sing N N 87  
G   "O5'" "C5'"  sing N N 88  
G   "C5'" "C4'"  sing N N 89  
G   "C5'" "H5'"  sing N N 90  
G   "C5'" "H5''" sing N N 91  
G   "C4'" "O4'"  sing N N 92  
G   "C4'" "C3'"  sing N N 93  
G   "C4'" "H4'"  sing N N 94  
G   "O4'" "C1'"  sing N N 95  
G   "C3'" "O3'"  sing N N 96  
G   "C3'" "C2'"  sing N N 97  
G   "C3'" "H3'"  sing N N 98  
G   "O3'" "HO3'" sing N N 99  
G   "C2'" "O2'"  sing N N 100 
G   "C2'" "C1'"  sing N N 101 
G   "C2'" "H2'"  sing N N 102 
G   "O2'" "HO2'" sing N N 103 
G   "C1'" N9     sing N N 104 
G   "C1'" "H1'"  sing N N 105 
G   N9    C8     sing Y N 106 
G   N9    C4     sing Y N 107 
G   C8    N7     doub Y N 108 
G   C8    H8     sing N N 109 
G   N7    C5     sing Y N 110 
G   C5    C6     sing N N 111 
G   C5    C4     doub Y N 112 
G   C6    O6     doub N N 113 
G   C6    N1     sing N N 114 
G   N1    C2     sing N N 115 
G   N1    H1     sing N N 116 
G   C2    N2     sing N N 117 
G   C2    N3     doub N N 118 
G   N2    H21    sing N N 119 
G   N2    H22    sing N N 120 
G   N3    C4     sing N N 121 
HNG N2    C2     sing N N 122 
HNG N1    C2     doub N N 123 
HNG N1    C6     sing N N 124 
HNG O6    C6     doub N N 125 
HNG C2    N3     sing N N 126 
HNG C6    C5     sing N N 127 
HNG N3    C4     sing N N 128 
HNG C5    C4     doub Y N 129 
HNG C5    C7     sing Y N 130 
HNG C4    N9     sing Y N 131 
HNG N11   C10    sing N N 132 
HNG C7    C10    sing N N 133 
HNG C7    C8     doub Y N 134 
HNG N9    C8     sing Y N 135 
HNG N3    H1     sing N N 136 
HNG C10   H2     sing N N 137 
HNG C10   H3     sing N N 138 
HNG N11   H4     sing N N 139 
HNG N11   H5     sing N N 140 
HNG C8    H7     sing N N 141 
HNG N9    H8     sing N N 142 
HNG N2    H9     sing N N 143 
HNG N2    H10    sing N N 144 
HOH O     H1     sing N N 145 
HOH O     H2     sing N N 146 
U   OP3   P      sing N N 147 
U   OP3   HOP3   sing N N 148 
U   P     OP1    doub N N 149 
U   P     OP2    sing N N 150 
U   P     "O5'"  sing N N 151 
U   OP2   HOP2   sing N N 152 
U   "O5'" "C5'"  sing N N 153 
U   "C5'" "C4'"  sing N N 154 
U   "C5'" "H5'"  sing N N 155 
U   "C5'" "H5''" sing N N 156 
U   "C4'" "O4'"  sing N N 157 
U   "C4'" "C3'"  sing N N 158 
U   "C4'" "H4'"  sing N N 159 
U   "O4'" "C1'"  sing N N 160 
U   "C3'" "O3'"  sing N N 161 
U   "C3'" "C2'"  sing N N 162 
U   "C3'" "H3'"  sing N N 163 
U   "O3'" "HO3'" sing N N 164 
U   "C2'" "O2'"  sing N N 165 
U   "C2'" "C1'"  sing N N 166 
U   "C2'" "H2'"  sing N N 167 
U   "O2'" "HO2'" sing N N 168 
U   "C1'" N1     sing N N 169 
U   "C1'" "H1'"  sing N N 170 
U   N1    C2     sing N N 171 
U   N1    C6     sing N N 172 
U   C2    O2     doub N N 173 
U   C2    N3     sing N N 174 
U   N3    C4     sing N N 175 
U   N3    H3     sing N N 176 
U   C4    O4     doub N N 177 
U   C4    C5     sing N N 178 
U   C5    C6     doub N N 179 
U   C5    H5     sing N N 180 
U   C6    H6     sing N N 181 
# 
loop_
_ndb_struct_conf_na.entry_id 
_ndb_struct_conf_na.feature 
6E1W 'double helix'        
6E1W 'a-form double helix' 
6E1W 'quadruple helix'     
# 
loop_
_ndb_struct_na_base_pair.model_number 
_ndb_struct_na_base_pair.i_label_asym_id 
_ndb_struct_na_base_pair.i_label_comp_id 
_ndb_struct_na_base_pair.i_label_seq_id 
_ndb_struct_na_base_pair.i_symmetry 
_ndb_struct_na_base_pair.j_label_asym_id 
_ndb_struct_na_base_pair.j_label_comp_id 
_ndb_struct_na_base_pair.j_label_seq_id 
_ndb_struct_na_base_pair.j_symmetry 
_ndb_struct_na_base_pair.shear 
_ndb_struct_na_base_pair.stretch 
_ndb_struct_na_base_pair.stagger 
_ndb_struct_na_base_pair.buckle 
_ndb_struct_na_base_pair.propeller 
_ndb_struct_na_base_pair.opening 
_ndb_struct_na_base_pair.pair_number 
_ndb_struct_na_base_pair.pair_name 
_ndb_struct_na_base_pair.i_auth_asym_id 
_ndb_struct_na_base_pair.i_auth_seq_id 
_ndb_struct_na_base_pair.i_PDB_ins_code 
_ndb_struct_na_base_pair.j_auth_asym_id 
_ndb_struct_na_base_pair.j_auth_seq_id 
_ndb_struct_na_base_pair.j_PDB_ins_code 
_ndb_struct_na_base_pair.hbond_type_28 
_ndb_struct_na_base_pair.hbond_type_12 
1 A C 1  1_555 A G 20 1_555 0.153  -0.144 0.090  -4.408  -7.984  0.221   1  A_C1:G20_A  A 1  ? A 20 ? 19 1  
1 A U 2  1_555 A A 19 1_555 0.072  -0.134 0.191  -3.887  -13.022 2.244   2  A_U2:A19_A  A 2  ? A 19 ? 20 1  
1 A G 3  1_555 A C 18 1_555 -0.204 -0.141 -0.070 -6.692  -10.155 -0.482  3  A_G3:C18_A  A 3  ? A 18 ? 19 1  
1 A G 4  1_555 A C 17 1_555 -0.215 -0.239 0.030  -5.787  -10.632 -1.128  4  A_G4:C17_A  A 4  ? A 17 ? 19 1  
1 A G 5  1_555 A C 16 1_555 -0.200 -0.165 0.090  -2.291  -11.111 -0.656  5  A_G5:C16_A  A 5  ? A 16 ? 19 1  
1 A U 6  1_555 A A 28 1_555 -0.644 3.355  1.401  -27.955 -13.537 -70.055 6  A_U6:A28_A  A 6  ? A 28 ? 23 3  
1 A C 7  1_555 A A 29 1_555 4.445  0.083  2.102  -24.064 16.579  -42.354 7  A_C7:A29_A  A 7  ? A 29 ? ?  ?  
1 A G 11 1_555 A C 30 1_555 -0.253 -0.161 0.247  -0.456  -23.592 0.536   8  A_G11:C30_A A 11 ? A 30 ? 19 1  
1 A G 8  1_555 A A 31 1_555 3.688  -3.704 0.323  12.327  -3.272  -61.197 9  A_G8:A31_A  A 8  ? A 31 ? 10 6  
1 A A 10 1_555 A A 32 1_555 6.312  -4.188 -0.389 5.109   -23.439 -21.012 10 A_A10:A32_A A 10 ? A 32 ? ?  10 
1 A C 9  1_555 A G 33 1_555 0.368  -0.151 -0.200 8.891   -14.816 -0.819  11 A_C9:G33_A  A 9  ? A 33 ? 19 1  
# 
loop_
_ndb_struct_na_base_pair_step.model_number 
_ndb_struct_na_base_pair_step.i_label_asym_id_1 
_ndb_struct_na_base_pair_step.i_label_comp_id_1 
_ndb_struct_na_base_pair_step.i_label_seq_id_1 
_ndb_struct_na_base_pair_step.i_symmetry_1 
_ndb_struct_na_base_pair_step.j_label_asym_id_1 
_ndb_struct_na_base_pair_step.j_label_comp_id_1 
_ndb_struct_na_base_pair_step.j_label_seq_id_1 
_ndb_struct_na_base_pair_step.j_symmetry_1 
_ndb_struct_na_base_pair_step.i_label_asym_id_2 
_ndb_struct_na_base_pair_step.i_label_comp_id_2 
_ndb_struct_na_base_pair_step.i_label_seq_id_2 
_ndb_struct_na_base_pair_step.i_symmetry_2 
_ndb_struct_na_base_pair_step.j_label_asym_id_2 
_ndb_struct_na_base_pair_step.j_label_comp_id_2 
_ndb_struct_na_base_pair_step.j_label_seq_id_2 
_ndb_struct_na_base_pair_step.j_symmetry_2 
_ndb_struct_na_base_pair_step.shift 
_ndb_struct_na_base_pair_step.slide 
_ndb_struct_na_base_pair_step.rise 
_ndb_struct_na_base_pair_step.tilt 
_ndb_struct_na_base_pair_step.roll 
_ndb_struct_na_base_pair_step.twist 
_ndb_struct_na_base_pair_step.x_displacement 
_ndb_struct_na_base_pair_step.y_displacement 
_ndb_struct_na_base_pair_step.helical_rise 
_ndb_struct_na_base_pair_step.inclination 
_ndb_struct_na_base_pair_step.tip 
_ndb_struct_na_base_pair_step.helical_twist 
_ndb_struct_na_base_pair_step.step_number 
_ndb_struct_na_base_pair_step.step_name 
_ndb_struct_na_base_pair_step.i_auth_asym_id_1 
_ndb_struct_na_base_pair_step.i_auth_seq_id_1 
_ndb_struct_na_base_pair_step.i_PDB_ins_code_1 
_ndb_struct_na_base_pair_step.j_auth_asym_id_1 
_ndb_struct_na_base_pair_step.j_auth_seq_id_1 
_ndb_struct_na_base_pair_step.j_PDB_ins_code_1 
_ndb_struct_na_base_pair_step.i_auth_asym_id_2 
_ndb_struct_na_base_pair_step.i_auth_seq_id_2 
_ndb_struct_na_base_pair_step.i_PDB_ins_code_2 
_ndb_struct_na_base_pair_step.j_auth_asym_id_2 
_ndb_struct_na_base_pair_step.j_auth_seq_id_2 
_ndb_struct_na_base_pair_step.j_PDB_ins_code_2 
1 A C 1  1_555 A G 20 1_555 A U 2  1_555 A A 19 1_555 0.337  -1.439 3.192  0.493    7.777   34.625   -3.423 -0.486 2.817  12.865  
-0.815  35.465   1  AA_C1U2:A19G20_AA  A 1  ? A 20 ? A 2  ? A 19 ? 
1 A U 2  1_555 A A 19 1_555 A G 3  1_555 A C 18 1_555 -0.126 -1.384 3.175  2.954    10.697  32.281   -3.899 0.640  2.578  18.567  
-5.127  34.087   2  AA_U2G3:C18A19_AA  A 2  ? A 19 ? A 3  ? A 18 ? 
1 A G 3  1_555 A C 18 1_555 A G 4  1_555 A C 17 1_555 0.517  -1.670 3.230  1.768    5.180   29.294   -4.275 -0.656 2.924  10.131  
-3.457  29.790   3  AA_G3G4:C17C18_AA  A 3  ? A 18 ? A 4  ? A 17 ? 
1 A G 4  1_555 A C 17 1_555 A G 5  1_555 A C 16 1_555 0.304  -1.792 3.133  2.901    4.708   34.469   -3.648 -0.100 2.886  7.881   
-4.857  34.897   4  AA_G4G5:C16C17_AA  A 4  ? A 17 ? A 5  ? A 16 ? 
1 A G 5  1_555 A C 16 1_555 A U 6  1_555 A A 28 1_555 -6.527 -1.001 1.512  15.424   6.981   20.387   -1.755 13.312 -2.859 16.519  
-36.500 26.443   5  AA_G5U6:A28C16_AA  A 5  ? A 16 ? A 6  ? A 28 ? 
1 A U 6  1_555 A A 28 1_555 A C 7  1_555 A A 29 1_555 2.805  -1.538 3.672  3.571    -0.277  49.832   -1.798 -3.023 3.859  -0.328  
-4.232  49.953   6  AA_U6C7:A29A28_AA  A 6  ? A 28 ? A 7  ? A 29 ? 
1 A C 7  1_555 A A 29 1_555 A G 11 1_555 A C 30 1_555 0.908  -1.916 0.503  -146.356 -96.505 127.866  -0.889 -0.559 0.582  -48.384 
73.377  177.939  7  AA_C7G11:C30A29_AA A 7  ? A 29 ? A 11 ? A 30 ? 
1 A G 11 1_555 A C 30 1_555 A G 8  1_555 A A 31 1_555 -3.585 2.578  1.457  -160.550 -18.119 -157.448 -1.277 -1.902 0.798  9.079   
-80.449 -176.411 8  AA_G11G8:A31C30_AA A 11 ? A 30 ? A 8  ? A 31 ? 
1 A G 8  1_555 A A 31 1_555 A A 10 1_555 A A 32 1_555 -4.055 2.456  -4.978 157.360  49.497  53.057   2.169  -0.921 -5.035 25.992  
-82.634 166.552  9  AA_G8A10:A32A31_AA A 8  ? A 31 ? A 10 ? A 32 ? 
1 A A 10 1_555 A A 32 1_555 A C 9  1_555 A G 33 1_555 1.139  0.882  -3.726 -2.066   -6.150  -63.619  -1.132 1.177  -3.601 5.818   
-1.955  -63.915  10 AA_A10C9:G33A32_AA A 10 ? A 32 ? A 9  ? A 33 ? 
# 
loop_
_pdbx_audit_support.funding_organization 
_pdbx_audit_support.country 
_pdbx_audit_support.grant_number 
_pdbx_audit_support.ordinal 
'National Institutes of Health/National Heart, Lung, and Blood Institute (NIH/NHLBI)' 'United States' ? 1 
'National Institutes of Health/National Cancer Institute (NIH/NCI)'                   'United States' ? 2 
'Japan Society for the Promotion of Science (JSPS)'                                   Japan           ? 3 
# 
_pdbx_entity_instance_feature.ordinal        1 
_pdbx_entity_instance_feature.comp_id        HNG 
_pdbx_entity_instance_feature.asym_id        ? 
_pdbx_entity_instance_feature.seq_num        ? 
_pdbx_entity_instance_feature.auth_comp_id   HNG 
_pdbx_entity_instance_feature.auth_asym_id   ? 
_pdbx_entity_instance_feature.auth_seq_num   ? 
_pdbx_entity_instance_feature.feature_type   'SUBJECT OF INVESTIGATION' 
_pdbx_entity_instance_feature.details        ? 
# 
_atom_sites.entry_id                    6E1W 
_atom_sites.fract_transf_matrix[1][1]   -0.00731580 
_atom_sites.fract_transf_matrix[1][2]   -0.00991769 
_atom_sites.fract_transf_matrix[1][3]   -0.01832078 
_atom_sites.fract_transf_matrix[2][1]   0.01184892 
_atom_sites.fract_transf_matrix[2][2]   0.00104436 
_atom_sites.fract_transf_matrix[2][3]   -0.01860212 
_atom_sites.fract_transf_matrix[3][1]   0.00269110 
_atom_sites.fract_transf_matrix[3][2]   -0.00466753 
_atom_sites.fract_transf_matrix[3][3]   0.00145210 
_atom_sites.fract_transf_vector[1]      1.082563 
_atom_sites.fract_transf_vector[2]      0.807186 
_atom_sites.fract_transf_vector[3]      0.157466 
# 
loop_
_atom_type.symbol 
C  
MG 
N  
O  
P  
# 
loop_
_atom_site.group_PDB 
_atom_site.id 
_atom_site.type_symbol 
_atom_site.label_atom_id 
_atom_site.label_alt_id 
_atom_site.label_comp_id 
_atom_site.label_asym_id 
_atom_site.label_entity_id 
_atom_site.label_seq_id 
_atom_site.pdbx_PDB_ins_code 
_atom_site.Cartn_x 
_atom_site.Cartn_y 
_atom_site.Cartn_z 
_atom_site.occupancy 
_atom_site.B_iso_or_equiv 
_atom_site.pdbx_formal_charge 
_atom_site.auth_seq_id 
_atom_site.auth_comp_id 
_atom_site.auth_asym_id 
_atom_site.auth_atom_id 
_atom_site.pdbx_PDB_model_num 
ATOM   1   O  "O5'" . C   A 1 1  ? 8.186   7.851   -12.567 1.00 45.08 ? 1   C   A "O5'" 1 
ATOM   2   C  "C5'" . C   A 1 1  ? 7.588   6.581   -12.338 1.00 43.15 ? 1   C   A "C5'" 1 
ATOM   3   C  "C4'" . C   A 1 1  ? 8.534   5.461   -12.687 1.00 41.75 ? 1   C   A "C4'" 1 
ATOM   4   O  "O4'" . C   A 1 1  ? 9.725   5.566   -11.868 1.00 40.52 ? 1   C   A "O4'" 1 
ATOM   5   C  "C3'" . C   A 1 1  ? 8.012   4.061   -12.410 1.00 41.75 ? 1   C   A "C3'" 1 
ATOM   6   O  "O3'" . C   A 1 1  ? 7.205   3.563   -13.458 1.00 43.93 ? 1   C   A "O3'" 1 
ATOM   7   C  "C2'" . C   A 1 1  ? 9.282   3.258   -12.189 1.00 40.83 ? 1   C   A "C2'" 1 
ATOM   8   O  "O2'" . C   A 1 1  ? 9.903   2.934   -13.424 1.00 42.75 ? 1   C   A "O2'" 1 
ATOM   9   C  "C1'" . C   A 1 1  ? 10.162  4.281   -11.482 1.00 39.59 ? 1   C   A "C1'" 1 
ATOM   10  N  N1    . C   A 1 1  ? 10.087  4.192   -10.006 1.00 37.97 ? 1   C   A N1    1 
ATOM   11  C  C2    . C   A 1 1  ? 10.670  3.097   -9.372  1.00 37.23 ? 1   C   A C2    1 
ATOM   12  O  O2    . C   A 1 1  ? 11.192  2.217   -10.074 1.00 37.66 ? 1   C   A O2    1 
ATOM   13  N  N3    . C   A 1 1  ? 10.631  3.019   -8.022  1.00 36.62 ? 1   C   A N3    1 
ATOM   14  C  C4    . C   A 1 1  ? 10.049  3.990   -7.307  1.00 36.06 ? 1   C   A C4    1 
ATOM   15  N  N4    . C   A 1 1  ? 10.048  3.873   -5.973  1.00 35.63 ? 1   C   A N4    1 
ATOM   16  C  C5    . C   A 1 1  ? 9.450   5.120   -7.927  1.00 36.83 ? 1   C   A C5    1 
ATOM   17  C  C6    . C   A 1 1  ? 9.492   5.182   -9.270  1.00 37.62 ? 1   C   A C6    1 
ATOM   18  P  P     . U   A 1 2  ? 5.914   2.681   -13.127 1.00 44.94 ? 2   U   A P     1 
ATOM   19  O  OP1   . U   A 1 2  ? 5.216   2.419   -14.412 1.00 47.38 ? 2   U   A OP1   1 
ATOM   20  O  OP2   . U   A 1 2  ? 5.173   3.250   -11.976 1.00 45.00 ? 2   U   A OP2   1 
ATOM   21  O  "O5'" . U   A 1 2  ? 6.511   1.292   -12.628 1.00 43.90 ? 2   U   A "O5'" 1 
ATOM   22  C  "C5'" . U   A 1 2  ? 7.267   0.469   -13.499 1.00 43.72 ? 2   U   A "C5'" 1 
ATOM   23  C  "C4'" . U   A 1 2  ? 7.894   -0.681  -12.753 1.00 42.35 ? 2   U   A "C4'" 1 
ATOM   24  O  "O4'" . U   A 1 2  ? 8.875   -0.184  -11.803 1.00 40.84 ? 2   U   A "O4'" 1 
ATOM   25  C  "C3'" . U   A 1 2  ? 6.962   -1.516  -11.891 1.00 42.51 ? 2   U   A "C3'" 1 
ATOM   26  O  "O3'" . U   A 1 2  ? 6.181   -2.438  -12.628 1.00 45.62 ? 2   U   A "O3'" 1 
ATOM   27  C  "C2'" . U   A 1 2  ? 7.939   -2.178  -10.932 1.00 41.35 ? 2   U   A "C2'" 1 
ATOM   28  O  "O2'" . U   A 1 2  ? 8.691   -3.173  -11.612 1.00 42.80 ? 2   U   A "O2'" 1 
ATOM   29  C  "C1'" . U   A 1 2  ? 8.889   -1.023  -10.660 1.00 39.94 ? 2   U   A "C1'" 1 
ATOM   30  N  N1    . U   A 1 2  ? 8.499   -0.234  -9.470  1.00 37.97 ? 2   U   A N1    1 
ATOM   31  C  C2    . U   A 1 2  ? 8.842   -0.767  -8.235  1.00 36.92 ? 2   U   A C2    1 
ATOM   32  O  O2    . U   A 1 2  ? 9.411   -1.836  -8.124  1.00 36.87 ? 2   U   A O2    1 
ATOM   33  N  N3    . U   A 1 2  ? 8.500   -0.004  -7.149  1.00 36.54 ? 2   U   A N3    1 
ATOM   34  C  C4    . U   A 1 2  ? 7.836   1.213   -7.192  1.00 36.83 ? 2   U   A C4    1 
ATOM   35  O  O4    . U   A 1 2  ? 7.597   1.801   -6.131  1.00 37.03 ? 2   U   A O4    1 
ATOM   36  C  C5    . U   A 1 2  ? 7.502   1.692   -8.503  1.00 36.93 ? 2   U   A C5    1 
ATOM   37  C  C6    . U   A 1 2  ? 7.838   0.969   -9.577  1.00 37.67 ? 2   U   A C6    1 
ATOM   38  P  P     . G   A 1 3  ? 4.721   -2.852  -12.112 1.00 47.37 ? 3   G   A P     1 
ATOM   39  O  OP1   . G   A 1 3  ? 4.086   -3.614  -13.222 1.00 49.80 ? 3   G   A OP1   1 
ATOM   40  O  OP2   . G   A 1 3  ? 4.019   -1.683  -11.519 1.00 46.81 ? 3   G   A OP2   1 
ATOM   41  O  "O5'" . G   A 1 3  ? 4.999   -3.866  -10.917 1.00 47.08 ? 3   G   A "O5'" 1 
ATOM   42  C  "C5'" . G   A 1 3  ? 5.780   -5.025  -11.128 1.00 47.62 ? 3   G   A "C5'" 1 
ATOM   43  C  "C4'" . G   A 1 3  ? 6.035   -5.737  -9.830  1.00 47.23 ? 3   G   A "C4'" 1 
ATOM   44  O  "O4'" . G   A 1 3  ? 7.013   -5.002  -9.039  1.00 45.04 ? 3   G   A "O4'" 1 
ATOM   45  C  "C3'" . G   A 1 3  ? 4.847   -5.851  -8.896  1.00 47.70 ? 3   G   A "C3'" 1 
ATOM   46  O  "O3'" . G   A 1 3  ? 3.902   -6.832  -9.301  1.00 51.72 ? 3   G   A "O3'" 1 
ATOM   47  C  "C2'" . G   A 1 3  ? 5.535   -6.118  -7.562  1.00 46.00 ? 3   G   A "C2'" 1 
ATOM   48  O  "O2'" . G   A 1 3  ? 6.055   -7.437  -7.526  1.00 47.32 ? 3   G   A "O2'" 1 
ATOM   49  C  "C1'" . G   A 1 3  ? 6.720   -5.159  -7.661  1.00 44.08 ? 3   G   A "C1'" 1 
ATOM   50  N  N9    . G   A 1 3  ? 6.385   -3.840  -7.096  1.00 41.34 ? 3   G   A N9    1 
ATOM   51  C  C8    . G   A 1 3  ? 5.911   -2.743  -7.769  1.00 40.20 ? 3   G   A C8    1 
ATOM   52  N  N7    . G   A 1 3  ? 5.697   -1.722  -6.989  1.00 39.35 ? 3   G   A N7    1 
ATOM   53  C  C5    . G   A 1 3  ? 6.041   -2.182  -5.725  1.00 39.21 ? 3   G   A C5    1 
ATOM   54  C  C6    . G   A 1 3  ? 6.024   -1.512  -4.475  1.00 38.54 ? 3   G   A C6    1 
ATOM   55  O  O6    . G   A 1 3  ? 5.661   -0.347  -4.245  1.00 39.27 ? 3   G   A O6    1 
ATOM   56  N  N1    . G   A 1 3  ? 6.448   -2.335  -3.448  1.00 38.04 ? 3   G   A N1    1 
ATOM   57  C  C2    . G   A 1 3  ? 6.842   -3.634  -3.592  1.00 39.37 ? 3   G   A C2    1 
ATOM   58  N  N2    . G   A 1 3  ? 7.219   -4.273  -2.475  1.00 41.01 ? 3   G   A N2    1 
ATOM   59  N  N3    . G   A 1 3  ? 6.877   -4.278  -4.753  1.00 40.32 ? 3   G   A N3    1 
ATOM   60  C  C4    . G   A 1 3  ? 6.472   -3.485  -5.769  1.00 40.28 ? 3   G   A C4    1 
ATOM   61  P  P     . G   A 1 4  ? 2.439   -6.852  -8.643  1.00 53.42 ? 4   G   A P     1 
ATOM   62  O  OP1   . G   A 1 4  ? 1.587   -7.861  -9.317  1.00 56.47 ? 4   G   A OP1   1 
ATOM   63  O  OP2   . G   A 1 4  ? 1.916   -5.481  -8.393  1.00 52.01 ? 4   G   A OP2   1 
ATOM   64  O  "O5'" . G   A 1 4  ? 2.752   -7.516  -7.247  1.00 52.97 ? 4   G   A "O5'" 1 
ATOM   65  C  "C5'" . G   A 1 4  ? 2.092   -7.047  -6.114  1.00 49.89 ? 4   G   A "C5'" 1 
ATOM   66  C  "C4'" . G   A 1 4  ? 2.751   -7.528  -4.866  1.00 46.99 ? 4   G   A "C4'" 1 
ATOM   67  O  "O4'" . G   A 1 4  ? 3.948   -6.735  -4.629  1.00 44.00 ? 4   G   A "O4'" 1 
ATOM   68  C  "C3'" . G   A 1 4  ? 1.859   -7.270  -3.671  1.00 46.09 ? 4   G   A "C3'" 1 
ATOM   69  O  "O3'" . G   A 1 4  ? 1.023   -8.371  -3.398  1.00 48.07 ? 4   G   A "O3'" 1 
ATOM   70  C  "C2'" . G   A 1 4  ? 2.828   -6.906  -2.568  1.00 44.62 ? 4   G   A "C2'" 1 
ATOM   71  O  "O2'" . G   A 1 4  ? 3.414   -8.081  -2.039  1.00 46.56 ? 4   G   A "O2'" 1 
ATOM   72  C  "C1'" . G   A 1 4  ? 3.879   -6.140  -3.361  1.00 42.44 ? 4   G   A "C1'" 1 
ATOM   73  N  N9    . G   A 1 4  ? 3.480   -4.727  -3.577  1.00 39.74 ? 4   G   A N9    1 
ATOM   74  C  C8    . G   A 1 4  ? 3.115   -4.108  -4.752  1.00 39.11 ? 4   G   A C8    1 
ATOM   75  N  N7    . G   A 1 4  ? 2.850   -2.830  -4.613  1.00 38.00 ? 4   G   A N7    1 
ATOM   76  C  C5    . G   A 1 4  ? 3.065   -2.606  -3.253  1.00 37.89 ? 4   G   A C5    1 
ATOM   77  C  C6    . G   A 1 4  ? 2.953   -1.423  -2.482  1.00 37.72 ? 4   G   A C6    1 
ATOM   78  O  O6    . G   A 1 4  ? 2.619   -0.298  -2.881  1.00 38.54 ? 4   G   A O6    1 
ATOM   79  N  N1    . G   A 1 4  ? 3.273   -1.651  -1.148  1.00 37.76 ? 4   G   A N1    1 
ATOM   80  C  C2    . G   A 1 4  ? 3.648   -2.855  -0.612  1.00 38.92 ? 4   G   A C2    1 
ATOM   81  N  N2    . G   A 1 4  ? 3.917   -2.891  0.705   1.00 40.52 ? 4   G   A N2    1 
ATOM   82  N  N3    . G   A 1 4  ? 3.772   -3.970  -1.313  1.00 38.89 ? 4   G   A N3    1 
ATOM   83  C  C4    . G   A 1 4  ? 3.460   -3.760  -2.612  1.00 38.84 ? 4   G   A C4    1 
ATOM   84  P  P     . G   A 1 5  ? -0.514  -8.107  -3.044  1.00 48.30 ? 5   G   A P     1 
ATOM   85  O  OP1   . G   A 1 5  ? -1.176  -9.430  -2.917  1.00 51.12 ? 5   G   A OP1   1 
ATOM   86  O  OP2   . G   A 1 5  ? -1.082  -7.100  -3.987  1.00 48.38 ? 5   G   A OP2   1 
ATOM   87  O  "O5'" . G   A 1 5  ? -0.413  -7.424  -1.611  1.00 48.04 ? 5   G   A "O5'" 1 
ATOM   88  C  "C5'" . G   A 1 5  ? 0.173   -8.116  -0.516  1.00 48.25 ? 5   G   A "C5'" 1 
ATOM   89  C  "C4'" . G   A 1 5  ? 0.252   -7.237  0.704   1.00 47.06 ? 5   G   A "C4'" 1 
ATOM   90  O  "O4'" . G   A 1 5  ? 1.079   -6.081  0.431   1.00 44.17 ? 5   G   A "O4'" 1 
ATOM   91  C  "C3'" . G   A 1 5  ? -1.069  -6.651  1.170   1.00 48.29 ? 5   G   A "C3'" 1 
ATOM   92  O  "O3'" . G   A 1 5  ? -1.783  -7.576  1.965   1.00 52.22 ? 5   G   A "O3'" 1 
ATOM   93  C  "C2'" . G   A 1 5  ? -0.639  -5.404  1.933   1.00 46.05 ? 5   G   A "C2'" 1 
ATOM   94  O  "O2'" . G   A 1 5  ? -0.221  -5.747  3.246   1.00 47.38 ? 5   G   A "O2'" 1 
ATOM   95  C  "C1'" . G   A 1 5  ? 0.590   -4.961  1.139   1.00 43.25 ? 5   G   A "C1'" 1 
ATOM   96  N  N9    . G   A 1 5  ? 0.293   -3.884  0.173   1.00 40.16 ? 5   G   A N9    1 
ATOM   97  C  C8    . G   A 1 5  ? 0.023   -4.035  -1.168  1.00 39.93 ? 5   G   A C8    1 
ATOM   98  N  N7    . G   A 1 5  ? -0.206  -2.902  -1.778  1.00 39.14 ? 5   G   A N7    1 
ATOM   99  C  C5    . G   A 1 5  ? -0.045  -1.944  -0.783  1.00 38.49 ? 5   G   A C5    1 
ATOM   100 C  C6    . G   A 1 5  ? -0.173  -0.532  -0.855  1.00 37.94 ? 5   G   A C6    1 
ATOM   101 O  O6    . G   A 1 5  ? -0.413  0.151   -1.846  1.00 37.73 ? 5   G   A O6    1 
ATOM   102 N  N1    . G   A 1 5  ? 0.044   0.070   0.381   1.00 37.91 ? 5   G   A N1    1 
ATOM   103 C  C2    . G   A 1 5  ? 0.332   -0.616  1.538   1.00 38.67 ? 5   G   A C2    1 
ATOM   104 N  N2    . G   A 1 5  ? 0.507   0.151   2.631   1.00 40.42 ? 5   G   A N2    1 
ATOM   105 N  N3    . G   A 1 5  ? 0.458   -1.938  1.628   1.00 38.45 ? 5   G   A N3    1 
ATOM   106 C  C4    . G   A 1 5  ? 0.244   -2.532  0.433   1.00 38.78 ? 5   G   A C4    1 
ATOM   107 P  P     . U   A 1 6  ? -3.373  -7.480  2.136   1.00 55.05 ? 6   U   A P     1 
ATOM   108 O  OP1   . U   A 1 6  ? -3.892  -8.852  1.899   1.00 57.91 ? 6   U   A OP1   1 
ATOM   109 O  OP2   . U   A 1 6  ? -3.914  -6.329  1.373   1.00 53.44 ? 6   U   A OP2   1 
ATOM   110 O  "O5'" . U   A 1 6  ? -3.558  -7.147  3.681   1.00 54.40 ? 6   U   A "O5'" 1 
ATOM   111 C  "C5'" . U   A 1 6  ? -3.117  -8.072  4.661   1.00 54.54 ? 6   U   A "C5'" 1 
ATOM   112 C  "C4'" . U   A 1 6  ? -3.033  -7.430  6.018   1.00 53.39 ? 6   U   A "C4'" 1 
ATOM   113 O  "O4'" . U   A 1 6  ? -1.959  -6.455  6.038   1.00 51.20 ? 6   U   A "O4'" 1 
ATOM   114 C  "C3'" . U   A 1 6  ? -4.244  -6.629  6.464   1.00 52.75 ? 6   U   A "C3'" 1 
ATOM   115 O  "O3'" . U   A 1 6  ? -5.317  -7.428  6.922   1.00 54.71 ? 6   U   A "O3'" 1 
ATOM   116 C  "C2'" . U   A 1 6  ? -3.647  -5.738  7.541   1.00 52.44 ? 6   U   A "C2'" 1 
ATOM   117 O  "O2'" . U   A 1 6  ? -3.425  -6.482  8.734   1.00 54.89 ? 6   U   A "O2'" 1 
ATOM   118 C  "C1'" . U   A 1 6  ? -2.293  -5.400  6.917   1.00 50.43 ? 6   U   A "C1'" 1 
ATOM   119 N  N1    . U   A 1 6  ? -2.364  -4.137  6.154   1.00 47.58 ? 6   U   A N1    1 
ATOM   120 C  C2    . U   A 1 6  ? -2.242  -2.981  6.903   1.00 47.24 ? 6   U   A C2    1 
ATOM   121 O  O2    . U   A 1 6  ? -2.064  -3.002  8.115   1.00 48.99 ? 6   U   A O2    1 
ATOM   122 N  N3    . U   A 1 6  ? -2.322  -1.811  6.192   1.00 45.60 ? 6   U   A N3    1 
ATOM   123 C  C4    . U   A 1 6  ? -2.539  -1.698  4.833   1.00 43.91 ? 6   U   A C4    1 
ATOM   124 O  O4    . U   A 1 6  ? -2.580  -0.579  4.351   1.00 43.17 ? 6   U   A O4    1 
ATOM   125 C  C5    . U   A 1 6  ? -2.673  -2.939  4.121   1.00 44.30 ? 6   U   A C5    1 
ATOM   126 C  C6    . U   A 1 6  ? -2.576  -4.096  4.793   1.00 46.04 ? 6   U   A C6    1 
ATOM   127 P  P     . C   A 1 7  ? -6.834  -7.012  6.589   1.00 55.67 ? 7   C   A P     1 
ATOM   128 O  OP1   . C   A 1 7  ? -7.727  -7.835  7.439   1.00 58.17 ? 7   C   A OP1   1 
ATOM   129 O  OP2   . C   A 1 7  ? -6.998  -7.002  5.108   1.00 54.96 ? 7   C   A OP2   1 
ATOM   130 O  "O5'" . C   A 1 7  ? -6.934  -5.492  7.055   1.00 53.60 ? 7   C   A "O5'" 1 
ATOM   131 C  "C5'" . C   A 1 7  ? -6.899  -5.122  8.425   1.00 53.59 ? 7   C   A "C5'" 1 
ATOM   132 C  "C4'" . C   A 1 7  ? -6.811  -3.622  8.581   1.00 51.84 ? 7   C   A "C4'" 1 
ATOM   133 O  "O4'" . C   A 1 7  ? -5.709  -3.092  7.790   1.00 49.47 ? 7   C   A "O4'" 1 
ATOM   134 C  "C3'" . C   A 1 7  ? -8.017  -2.839  8.095   1.00 51.74 ? 7   C   A "C3'" 1 
ATOM   135 O  "O3'" . C   A 1 7  ? -9.082  -2.860  9.025   1.00 54.20 ? 7   C   A "O3'" 1 
ATOM   136 C  "C2'" . C   A 1 7  ? -7.431  -1.457  7.850   1.00 50.76 ? 7   C   A "C2'" 1 
ATOM   137 O  "O2'" . C   A 1 7  ? -7.269  -0.761  9.077   1.00 52.35 ? 7   C   A "O2'" 1 
ATOM   138 C  "C1'" . C   A 1 7  ? -6.048  -1.816  7.288   1.00 48.13 ? 7   C   A "C1'" 1 
ATOM   139 N  N1    . C   A 1 7  ? -6.098  -1.889  5.809   1.00 46.60 ? 7   C   A N1    1 
ATOM   140 C  C2    . C   A 1 7  ? -6.090  -0.694  5.090   1.00 45.67 ? 7   C   A C2    1 
ATOM   141 O  O2    . C   A 1 7  ? -5.976  0.379   5.708   1.00 45.50 ? 7   C   A O2    1 
ATOM   142 N  N3    . C   A 1 7  ? -6.189  -0.733  3.733   1.00 45.43 ? 7   C   A N3    1 
ATOM   143 C  C4    . C   A 1 7  ? -6.306  -1.901  3.087   1.00 45.10 ? 7   C   A C4    1 
ATOM   144 N  N4    . C   A 1 7  ? -6.404  -1.870  1.751   1.00 43.87 ? 7   C   A N4    1 
ATOM   145 C  C5    . C   A 1 7  ? -6.324  -3.139  3.802   1.00 45.98 ? 7   C   A C5    1 
ATOM   146 C  C6    . C   A 1 7  ? -6.226  -3.083  5.140   1.00 46.41 ? 7   C   A C6    1 
ATOM   147 P  P     . G   A 1 8  ? -10.572 -3.229  8.554   1.00 55.61 ? 8   G   A P     1 
ATOM   148 O  OP1   . G   A 1 8  ? -11.443 -3.185  9.749   1.00 58.19 ? 8   G   A OP1   1 
ATOM   149 O  OP2   . G   A 1 8  ? -10.542 -4.435  7.691   1.00 56.07 ? 8   G   A OP2   1 
ATOM   150 O  "O5'" . G   A 1 8  ? -10.971 -1.994  7.635   1.00 54.06 ? 8   G   A "O5'" 1 
ATOM   151 C  "C5'" . G   A 1 8  ? -11.019 -0.687  8.177   1.00 54.11 ? 8   G   A "C5'" 1 
ATOM   152 C  "C4'" . G   A 1 8  ? -11.122 0.353   7.090   1.00 53.32 ? 8   G   A "C4'" 1 
ATOM   153 O  "O4'" . G   A 1 8  ? -9.950  0.297   6.238   1.00 50.92 ? 8   G   A "O4'" 1 
ATOM   154 C  "C3'" . G   A 1 8  ? -12.282 0.204   6.121   1.00 56.02 ? 8   G   A "C3'" 1 
ATOM   155 O  "O3'" . G   A 1 8  ? -13.500 0.692   6.649   1.00 60.78 ? 8   G   A "O3'" 1 
ATOM   156 C  "C2'" . G   A 1 8  ? -11.797 0.997   4.917   1.00 53.99 ? 8   G   A "C2'" 1 
ATOM   157 O  "O2'" . G   A 1 8  ? -11.973 2.385   5.148   1.00 54.20 ? 8   G   A "O2'" 1 
ATOM   158 C  "C1'" . G   A 1 8  ? -10.300 0.667   4.917   1.00 51.52 ? 8   G   A "C1'" 1 
ATOM   159 N  N9    . G   A 1 8  ? -10.039 -0.460  3.999   1.00 51.00 ? 8   G   A N9    1 
ATOM   160 C  C8    . G   A 1 8  ? -9.927  -1.814  4.282   1.00 51.85 ? 8   G   A C8    1 
ATOM   161 N  N7    . G   A 1 8  ? -9.760  -2.546  3.204   1.00 51.28 ? 8   G   A N7    1 
ATOM   162 C  C5    . G   A 1 8  ? -9.788  -1.628  2.153   1.00 50.95 ? 8   G   A C5    1 
ATOM   163 C  C6    . G   A 1 8  ? -9.671  -1.797  0.744   1.00 51.95 ? 8   G   A C6    1 
ATOM   164 O  O6    . G   A 1 8  ? -9.516  -2.840  0.103   1.00 53.19 ? 8   G   A O6    1 
ATOM   165 N  N1    . G   A 1 8  ? -9.762  -0.589  0.049   1.00 50.73 ? 8   G   A N1    1 
ATOM   166 C  C2    . G   A 1 8  ? -9.937  0.639   0.627   1.00 49.55 ? 8   G   A C2    1 
ATOM   167 N  N2    . G   A 1 8  ? -9.995  1.692   -0.210  1.00 48.59 ? 8   G   A N2    1 
ATOM   168 N  N3    . G   A 1 8  ? -10.036 0.809   1.935   1.00 49.54 ? 8   G   A N3    1 
ATOM   169 C  C4    . G   A 1 8  ? -9.974  -0.347  2.630   1.00 50.57 ? 8   G   A C4    1 
ATOM   170 P  P     . C   A 1 9  ? -14.812 -0.241  6.683   1.00 49.99 ? 9   C   A P     1 
ATOM   171 O  OP1   . C   A 1 9  ? -15.817 0.458   7.510   1.00 51.55 ? 9   C   A OP1   1 
ATOM   172 O  OP2   . C   A 1 9  ? -14.417 -1.636  7.012   1.00 51.78 ? 9   C   A OP2   1 
ATOM   173 O  "O5'" . C   A 1 9  ? -15.299 -0.269  5.166   1.00 49.93 ? 9   C   A "O5'" 1 
ATOM   174 C  "C5'" . C   A 1 9  ? -16.350 -1.136  4.764   1.00 51.89 ? 9   C   A "C5'" 1 
ATOM   175 C  "C4'" . C   A 1 9  ? -16.914 -0.726  3.432   1.00 51.93 ? 9   C   A "C4'" 1 
ATOM   176 O  "O4'" . C   A 1 9  ? -17.717 0.473   3.591   1.00 50.96 ? 9   C   A "O4'" 1 
ATOM   177 C  "C3'" . C   A 1 9  ? -15.892 -0.348  2.375   1.00 49.03 ? 9   C   A "C3'" 1 
ATOM   178 O  "O3'" . C   A 1 9  ? -15.363 -1.472  1.705   1.00 50.34 ? 9   C   A "O3'" 1 
ATOM   179 C  "C2'" . C   A 1 9  ? -16.685 0.569   1.458   1.00 50.35 ? 9   C   A "C2'" 1 
ATOM   180 O  "O2'" . C   A 1 9  ? -17.546 -0.189  0.619   1.00 53.45 ? 9   C   A "O2'" 1 
ATOM   181 C  "C1'" . C   A 1 9  ? -17.559 1.303   2.459   1.00 50.27 ? 9   C   A "C1'" 1 
ATOM   182 N  N1    . C   A 1 9  ? -17.012 2.607   2.891   1.00 46.42 ? 9   C   A N1    1 
ATOM   183 C  C2    . C   A 1 9  ? -17.172 3.681   2.011   1.00 46.40 ? 9   C   A C2    1 
ATOM   184 O  O2    . C   A 1 9  ? -17.705 3.480   0.906   1.00 48.96 ? 9   C   A O2    1 
ATOM   185 N  N3    . C   A 1 9  ? -16.748 4.900   2.397   1.00 44.04 ? 9   C   A N3    1 
ATOM   186 C  C4    . C   A 1 9  ? -16.195 5.077   3.600   1.00 42.61 ? 9   C   A C4    1 
ATOM   187 N  N4    . C   A 1 9  ? -15.817 6.326   3.926   1.00 42.76 ? 9   C   A N4    1 
ATOM   188 C  C5    . C   A 1 9  ? -16.039 4.000   4.530   1.00 41.66 ? 9   C   A C5    1 
ATOM   189 C  C6    . C   A 1 9  ? -16.464 2.788   4.134   1.00 43.97 ? 9   C   A C6    1 
ATOM   190 P  P     . A   A 1 10 ? -13.830 -1.475  1.250   1.00 47.90 ? 10  A   A P     1 
ATOM   191 O  OP1   . A   A 1 10 ? -13.643 -2.746  0.505   1.00 50.51 ? 10  A   A OP1   1 
ATOM   192 O  OP2   . A   A 1 10 ? -13.001 -1.131  2.437   1.00 44.20 ? 10  A   A OP2   1 
ATOM   193 O  "O5'" . A   A 1 10 ? -13.712 -0.260  0.222   1.00 46.87 ? 10  A   A "O5'" 1 
ATOM   194 C  "C5'" . A   A 1 10 ? -14.411 -0.253  -1.019  1.00 49.23 ? 10  A   A "C5'" 1 
ATOM   195 C  "C4'" . A   A 1 10 ? -14.339 1.113   -1.651  1.00 47.94 ? 10  A   A "C4'" 1 
ATOM   196 O  "O4'" . A   A 1 10 ? -14.832 2.091   -0.710  1.00 46.39 ? 10  A   A "O4'" 1 
ATOM   197 C  "C3'" . A   A 1 10 ? -12.937 1.589   -2.000  1.00 45.00 ? 10  A   A "C3'" 1 
ATOM   198 O  "O3'" . A   A 1 10 ? -12.561 1.147   -3.289  1.00 47.21 ? 10  A   A "O3'" 1 
ATOM   199 C  "C2'" . A   A 1 10 ? -13.036 3.111   -1.891  1.00 44.13 ? 10  A   A "C2'" 1 
ATOM   200 O  "O2'" . A   A 1 10 ? -13.569 3.662   -3.088  1.00 47.47 ? 10  A   A "O2'" 1 
ATOM   201 C  "C1'" . A   A 1 10 ? -14.094 3.283   -0.804  1.00 44.59 ? 10  A   A "C1'" 1 
ATOM   202 N  N9    . A   A 1 10 ? -13.590 3.605   0.546   1.00 41.50 ? 10  A   A N9    1 
ATOM   203 C  C8    . A   A 1 10 ? -13.308 2.748   1.587   1.00 41.23 ? 10  A   A C8    1 
ATOM   204 N  N7    . A   A 1 10 ? -12.959 3.366   2.690   1.00 38.80 ? 10  A   A N7    1 
ATOM   205 C  C5    . A   A 1 10 ? -13.059 4.723   2.363   1.00 38.60 ? 10  A   A C5    1 
ATOM   206 C  C6    . A   A 1 10 ? -12.832 5.911   3.087   1.00 38.89 ? 10  A   A C6    1 
ATOM   207 N  N6    . A   A 1 10 ? -12.451 5.949   4.374   1.00 39.16 ? 10  A   A N6    1 
ATOM   208 N  N1    . A   A 1 10 ? -12.988 7.080   2.436   1.00 39.04 ? 10  A   A N1    1 
ATOM   209 C  C2    . A   A 1 10 ? -13.380 7.063   1.160   1.00 39.92 ? 10  A   A C2    1 
ATOM   210 N  N3    . A   A 1 10 ? -13.637 6.022   0.377   1.00 40.83 ? 10  A   A N3    1 
ATOM   211 C  C4    . A   A 1 10 ? -13.452 4.873   1.050   1.00 40.86 ? 10  A   A C4    1 
ATOM   212 P  P     . G   A 1 11 ? -11.139 0.436   -3.531  1.00 46.63 ? 11  G   A P     1 
ATOM   213 O  OP1   . G   A 1 11 ? -11.097 0.147   -4.989  1.00 49.76 ? 11  G   A OP1   1 
ATOM   214 O  OP2   . G   A 1 11 ? -10.919 -0.634  -2.518  1.00 47.06 ? 11  G   A OP2   1 
ATOM   215 O  "O5'" . G   A 1 11 ? -10.109 1.586   -3.220  1.00 43.01 ? 11  G   A "O5'" 1 
ATOM   216 C  "C5'" . G   A 1 11 ? -10.027 2.719   -4.068  1.00 43.76 ? 11  G   A "C5'" 1 
ATOM   217 C  "C4'" . G   A 1 11 ? -8.588  3.053   -4.333  1.00 44.25 ? 11  G   A "C4'" 1 
ATOM   218 O  "O4'" . G   A 1 11 ? -7.940  3.280   -3.057  1.00 39.92 ? 11  G   A "O4'" 1 
ATOM   219 C  "C3'" . G   A 1 11 ? -7.791  1.946   -5.031  1.00 48.64 ? 11  G   A "C3'" 1 
ATOM   220 O  "O3'" . G   A 1 11 ? -6.820  2.531   -5.890  1.00 49.30 ? 11  G   A "O3'" 1 
ATOM   221 C  "C2'" . G   A 1 11 ? -7.083  1.243   -3.877  1.00 40.70 ? 11  G   A "C2'" 1 
ATOM   222 O  "O2'" . G   A 1 11 ? -5.870  0.607   -4.238  1.00 41.22 ? 11  G   A "O2'" 1 
ATOM   223 C  "C1'" . G   A 1 11 ? -6.836  2.394   -2.911  1.00 39.49 ? 11  G   A "C1'" 1 
ATOM   224 N  N9    . G   A 1 11 ? -6.787  1.961   -1.518  1.00 38.22 ? 11  G   A N9    1 
ATOM   225 C  C8    . G   A 1 11 ? -6.822  0.653   -1.069  1.00 38.87 ? 11  G   A C8    1 
ATOM   226 N  N7    . G   A 1 11 ? -6.754  0.576   0.235   1.00 38.04 ? 11  G   A N7    1 
ATOM   227 C  C5    . G   A 1 11 ? -6.665  1.893   0.666   1.00 36.20 ? 11  G   A C5    1 
ATOM   228 C  C6    . G   A 1 11 ? -6.550  2.440   1.970   1.00 36.81 ? 11  G   A C6    1 
ATOM   229 O  O6    . G   A 1 11 ? -6.519  1.875   3.069   1.00 38.06 ? 11  G   A O6    1 
ATOM   230 N  N1    . G   A 1 11 ? -6.480  3.823   1.957   1.00 35.53 ? 11  G   A N1    1 
ATOM   231 C  C2    . G   A 1 11 ? -6.505  4.598   0.827   1.00 35.34 ? 11  G   A C2    1 
ATOM   232 N  N2    . G   A 1 11 ? -6.438  5.924   1.048   1.00 34.60 ? 11  G   A N2    1 
ATOM   233 N  N3    . G   A 1 11 ? -6.614  4.111   -0.398  1.00 35.88 ? 11  G   A N3    1 
ATOM   234 C  C4    . G   A 1 11 ? -6.681  2.760   -0.408  1.00 36.73 ? 11  G   A C4    1 
ATOM   235 P  P     . U   A 1 12 ? -7.209  2.912   -7.398  1.00 54.07 ? 12  U   A P     1 
ATOM   236 O  OP1   . U   A 1 12 ? -8.479  2.224   -7.734  1.00 57.22 ? 12  U   A OP1   1 
ATOM   237 O  OP2   . U   A 1 12 ? -6.026  2.709   -8.264  1.00 56.62 ? 12  U   A OP2   1 
ATOM   238 O  "O5'" . U   A 1 12 ? -7.475  4.479   -7.309  1.00 56.19 ? 12  U   A "O5'" 1 
ATOM   239 C  "C5'" . U   A 1 12 ? -7.622  5.274   -8.484  1.00 60.37 ? 12  U   A "C5'" 1 
ATOM   240 C  "C4'" . U   A 1 12 ? -6.617  6.399   -8.513  1.00 60.81 ? 12  U   A "C4'" 1 
ATOM   241 O  "O4'" . U   A 1 12 ? -6.762  7.204   -7.305  1.00 57.10 ? 12  U   A "O4'" 1 
ATOM   242 C  "C3'" . U   A 1 12 ? -5.152  5.961   -8.549  1.00 62.24 ? 12  U   A "C3'" 1 
ATOM   243 O  "O3'" . U   A 1 12 ? -4.397  6.940   -9.264  1.00 68.01 ? 12  U   A "O3'" 1 
ATOM   244 C  "C2'" . U   A 1 12 ? -4.767  6.013   -7.074  1.00 56.75 ? 12  U   A "C2'" 1 
ATOM   245 O  "O2'" . U   A 1 12 ? -3.383  6.094   -6.808  1.00 56.97 ? 12  U   A "O2'" 1 
ATOM   246 C  "C1'" . U   A 1 12 ? -5.517  7.260   -6.630  1.00 54.03 ? 12  U   A "C1'" 1 
ATOM   247 N  N1    . U   A 1 12 ? -5.760  7.351   -5.185  1.00 47.53 ? 12  U   A N1    1 
ATOM   248 C  C2    . U   A 1 12 ? -5.456  8.564   -4.611  1.00 45.20 ? 12  U   A C2    1 
ATOM   249 O  O2    . U   A 1 12 ? -5.018  9.490   -5.254  1.00 46.72 ? 12  U   A O2    1 
ATOM   250 N  N3    . U   A 1 12 ? -5.674  8.656   -3.268  1.00 41.69 ? 12  U   A N3    1 
ATOM   251 C  C4    . U   A 1 12 ? -6.168  7.660   -2.450  1.00 39.92 ? 12  U   A C4    1 
ATOM   252 O  O4    . U   A 1 12 ? -6.319  7.910   -1.252  1.00 38.16 ? 12  U   A O4    1 
ATOM   253 C  C5    . U   A 1 12 ? -6.462  6.423   -3.116  1.00 40.91 ? 12  U   A C5    1 
ATOM   254 C  C6    . U   A 1 12 ? -6.253  6.307   -4.436  1.00 44.35 ? 12  U   A C6    1 
ATOM   255 P  P     . N   A 1 13 ? -4.109  6.770   -10.839 1.00 75.58 ? 13  N   A P     1 
ATOM   256 O  OP1   . N   A 1 13 ? -3.883  8.159   -11.392 1.00 78.64 ? 13  N   A OP1   1 
ATOM   257 O  OP2   . N   A 1 13 ? -5.215  5.917   -11.418 1.00 77.76 ? 13  N   A OP2   1 
ATOM   258 O  "O5'" . N   A 1 13 ? -2.721  5.949   -10.887 1.00 75.40 ? 13  N   A "O5'" 1 
ATOM   259 O  "O3'" . N   A 1 13 ? -1.113  9.502   -11.781 1.00 90.65 ? 13  N   A "O3'" 1 
ATOM   260 P  P     . N   A 1 14 ? -0.245  10.731  -11.206 1.00 90.06 ? 14  N   A P     1 
ATOM   261 O  OP1   . N   A 1 14 ? -0.068  11.752  -12.307 1.00 95.99 ? 14  N   A OP1   1 
ATOM   262 O  OP2   . N   A 1 14 ? 0.967   10.163  -10.498 1.00 89.49 ? 14  N   A OP2   1 
ATOM   263 O  "O5'" . N   A 1 14 ? -1.188  11.376  -10.094 1.00 84.54 ? 14  N   A "O5'" 1 
ATOM   264 C  "C5'" . N   A 1 14 ? -1.187  10.889  -8.764  1.00 76.32 ? 14  N   A "C5'" 1 
ATOM   265 C  "C4'" . N   A 1 14 ? -1.978  11.798  -7.859  1.00 71.42 ? 14  N   A "C4'" 1 
ATOM   266 O  "O4'" . N   A 1 14 ? -3.385  11.745  -8.217  1.00 70.61 ? 14  N   A "O4'" 1 
ATOM   267 C  "C3'" . N   A 1 14 ? -1.942  11.447  -6.379  1.00 65.15 ? 14  N   A "C3'" 1 
ATOM   268 O  "O3'" . N   A 1 14 ? -0.783  11.966  -5.734  1.00 63.03 ? 14  N   A "O3'" 1 
ATOM   269 C  "C2'" . N   A 1 14 ? -3.269  12.009  -5.851  1.00 64.19 ? 14  N   A "C2'" 1 
ATOM   270 O  "O2'" . N   A 1 14 ? -3.178  13.397  -5.560  1.00 65.66 ? 14  N   A "O2'" 1 
ATOM   271 C  "C1'" . N   A 1 14 ? -4.190  11.831  -7.061  1.00 66.78 ? 14  N   A "C1'" 1 
ATOM   272 P  P     . C   A 1 15 ? 0.236   11.002  -4.934  1.00 59.04 ? 15  C   A P     1 
ATOM   273 O  OP1   . C   A 1 15 ? 1.418   11.812  -4.544  1.00 61.59 ? 15  C   A OP1   1 
ATOM   274 O  OP2   . C   A 1 15 ? 0.428   9.749   -5.712  1.00 58.47 ? 15  C   A OP2   1 
ATOM   275 O  "O5'" . C   A 1 15 ? -0.523  10.683  -3.575  1.00 53.46 ? 15  C   A "O5'" 1 
ATOM   276 C  "C5'" . C   A 1 15 ? -0.971  11.737  -2.735  1.00 51.44 ? 15  C   A "C5'" 1 
ATOM   277 C  "C4'" . C   A 1 15 ? -1.523  11.198  -1.446  1.00 46.99 ? 15  C   A "C4'" 1 
ATOM   278 O  "O4'" . C   A 1 15 ? -2.747  10.473  -1.713  1.00 44.45 ? 15  C   A "O4'" 1 
ATOM   279 C  "C3'" . C   A 1 15 ? -0.649  10.178  -0.736  1.00 45.63 ? 15  C   A "C3'" 1 
ATOM   280 O  "O3'" . C   A 1 15 ? 0.384   10.757  0.027   1.00 47.64 ? 15  C   A "O3'" 1 
ATOM   281 C  "C2'" . C   A 1 15 ? -1.652  9.405   0.100   1.00 42.67 ? 15  C   A "C2'" 1 
ATOM   282 O  "O2'" . C   A 1 15 ? -2.046  10.150  1.245   1.00 43.21 ? 15  C   A "O2'" 1 
ATOM   283 C  "C1'" . C   A 1 15 ? -2.838  9.353   -0.848  1.00 41.55 ? 15  C   A "C1'" 1 
ATOM   284 N  N1    . C   A 1 15 ? -2.836  8.120   -1.662  1.00 40.35 ? 15  C   A N1    1 
ATOM   285 C  C2    . C   A 1 15 ? -3.180  6.920   -1.026  1.00 38.63 ? 15  C   A C2    1 
ATOM   286 O  O2    . C   A 1 15 ? -3.455  6.941   0.182   1.00 38.22 ? 15  C   A O2    1 
ATOM   287 N  N3    . C   A 1 15 ? -3.201  5.772   -1.744  1.00 38.14 ? 15  C   A N3    1 
ATOM   288 C  C4    . C   A 1 15 ? -2.906  5.795   -3.037  1.00 39.57 ? 15  C   A C4    1 
ATOM   289 N  N4    . C   A 1 15 ? -2.955  4.635   -3.699  1.00 39.96 ? 15  C   A N4    1 
ATOM   290 C  C5    . C   A 1 15 ? -2.537  7.008   -3.712  1.00 41.47 ? 15  C   A C5    1 
ATOM   291 C  C6    . C   A 1 15 ? -2.515  8.135   -2.989  1.00 41.39 ? 15  C   A C6    1 
ATOM   292 P  P     . C   A 1 16 ? 1.714   9.916   0.317   1.00 49.73 ? 16  C   A P     1 
ATOM   293 O  OP1   . C   A 1 16 ? 2.642   10.813  1.057   1.00 52.87 ? 16  C   A OP1   1 
ATOM   294 O  OP2   . C   A 1 16 ? 2.198   9.291   -0.941  1.00 49.97 ? 16  C   A OP2   1 
ATOM   295 O  "O5'" . C   A 1 16 ? 1.236   8.748   1.287   1.00 47.08 ? 16  C   A "O5'" 1 
ATOM   296 C  "C5'" . C   A 1 16 ? 0.975   9.001   2.657   1.00 47.26 ? 16  C   A "C5'" 1 
ATOM   297 C  "C4'" . C   A 1 16 ? 0.829   7.715   3.431   1.00 46.25 ? 16  C   A "C4'" 1 
ATOM   298 O  "O4'" . C   A 1 16 ? -0.279  6.940   2.904   1.00 44.03 ? 16  C   A "O4'" 1 
ATOM   299 C  "C3'" . C   A 1 16 ? 2.001   6.748   3.375   1.00 48.11 ? 16  C   A "C3'" 1 
ATOM   300 O  "O3'" . C   A 1 16 ? 3.053   7.104   4.244   1.00 50.32 ? 16  C   A "O3'" 1 
ATOM   301 C  "C2'" . C   A 1 16 ? 1.347   5.434   3.754   1.00 46.84 ? 16  C   A "C2'" 1 
ATOM   302 O  "O2'" . C   A 1 16 ? 1.100   5.404   5.153   1.00 47.71 ? 16  C   A "O2'" 1 
ATOM   303 C  "C1'" . C   A 1 16 ? 0.005   5.560   3.041   1.00 43.75 ? 16  C   A "C1'" 1 
ATOM   304 N  N1    . C   A 1 16 ? 0.011   4.929   1.699   1.00 43.03 ? 16  C   A N1    1 
ATOM   305 C  C2    . C   A 1 16 ? -0.007  3.538   1.626   1.00 42.18 ? 16  C   A C2    1 
ATOM   306 O  O2    . C   A 1 16 ? 0.024   2.886   2.682   1.00 42.41 ? 16  C   A O2    1 
ATOM   307 N  N3    . C   A 1 16 ? -0.029  2.938   0.414   1.00 41.29 ? 16  C   A N3    1 
ATOM   308 C  C4    . C   A 1 16 ? -0.061  3.669   -0.690  1.00 40.52 ? 16  C   A C4    1 
ATOM   309 N  N4    . C   A 1 16 ? -0.086  3.016   -1.850  1.00 40.81 ? 16  C   A N4    1 
ATOM   310 C  C5    . C   A 1 16 ? -0.055  5.094   -0.653  1.00 41.07 ? 16  C   A C5    1 
ATOM   311 C  C6    . C   A 1 16 ? -0.025  5.674   0.552   1.00 42.35 ? 16  C   A C6    1 
ATOM   312 P  P     . C   A 1 17 ? 4.556   6.677   3.909   1.00 50.02 ? 17  C   A P     1 
ATOM   313 O  OP1   . C   A 1 17 ? 5.416   7.406   4.876   1.00 49.92 ? 17  C   A OP1   1 
ATOM   314 O  OP2   . C   A 1 17 ? 4.806   6.827   2.449   1.00 48.77 ? 17  C   A OP2   1 
ATOM   315 O  "O5'" . C   A 1 17 ? 4.604   5.116   4.216   1.00 49.05 ? 17  C   A "O5'" 1 
ATOM   316 C  "C5'" . C   A 1 17 ? 4.340   4.611   5.515   1.00 50.76 ? 17  C   A "C5'" 1 
ATOM   317 C  "C4'" . C   A 1 17 ? 4.374   3.104   5.529   1.00 50.56 ? 17  C   A "C4'" 1 
ATOM   318 O  "O4'" . C   A 1 17 ? 3.271   2.572   4.751   1.00 51.05 ? 17  C   A "O4'" 1 
ATOM   319 C  "C3'" . C   A 1 17 ? 5.600   2.466   4.896   1.00 48.21 ? 17  C   A "C3'" 1 
ATOM   320 O  "O3'" . C   A 1 17 ? 6.723   2.452   5.749   1.00 48.48 ? 17  C   A "O3'" 1 
ATOM   321 C  "C2'" . C   A 1 17 ? 5.097   1.079   4.541   1.00 48.28 ? 17  C   A "C2'" 1 
ATOM   322 O  "O2'" . C   A 1 17 ? 4.980   0.286   5.713   1.00 50.45 ? 17  C   A "O2'" 1 
ATOM   323 C  "C1'" . C   A 1 17 ? 3.687   1.397   4.079   1.00 49.28 ? 17  C   A "C1'" 1 
ATOM   324 N  N1    . C   A 1 17 ? 3.565   1.606   2.615   1.00 46.54 ? 17  C   A N1    1 
ATOM   325 C  C2    . C   A 1 17 ? 3.459   0.486   1.778   1.00 44.81 ? 17  C   A C2    1 
ATOM   326 O  O2    . C   A 1 17 ? 3.541   -0.645  2.280   1.00 43.83 ? 17  C   A O2    1 
ATOM   327 N  N3    . C   A 1 17 ? 3.276   0.669   0.447   1.00 43.66 ? 17  C   A N3    1 
ATOM   328 C  C4    . C   A 1 17 ? 3.190   1.905   -0.056  1.00 43.51 ? 17  C   A C4    1 
ATOM   329 N  N4    . C   A 1 17 ? 3.002   2.038   -1.371  1.00 43.15 ? 17  C   A N4    1 
ATOM   330 C  C5    . C   A 1 17 ? 3.280   3.061   0.771   1.00 44.36 ? 17  C   A C5    1 
ATOM   331 C  C6    . C   A 1 17 ? 3.460   2.866   2.086   1.00 45.96 ? 17  C   A C6    1 
ATOM   332 P  P     . C   A 1 18 ? 8.192   2.439   5.111   1.00 47.37 ? 18  C   A P     1 
ATOM   333 O  OP1   . C   A 1 18 ? 9.133   2.550   6.262   1.00 48.64 ? 18  C   A OP1   1 
ATOM   334 O  OP2   . C   A 1 18 ? 8.264   3.408   3.985   1.00 45.69 ? 18  C   A OP2   1 
ATOM   335 O  "O5'" . C   A 1 18 ? 8.350   0.967   4.511   1.00 46.08 ? 18  C   A "O5'" 1 
ATOM   336 C  "C5'" . C   A 1 18 ? 8.351   -0.172  5.363   1.00 46.90 ? 18  C   A "C5'" 1 
ATOM   337 C  "C4'" . C   A 1 18 ? 8.369   -1.466  4.584   1.00 45.60 ? 18  C   A "C4'" 1 
ATOM   338 O  "O4'" . C   A 1 18 ? 7.148   -1.599  3.803   1.00 45.49 ? 18  C   A "O4'" 1 
ATOM   339 C  "C3'" . C   A 1 18 ? 9.471   -1.616  3.548   1.00 43.13 ? 18  C   A "C3'" 1 
ATOM   340 O  "O3'" . C   A 1 18 ? 10.732  -1.958  4.099   1.00 43.58 ? 18  C   A "O3'" 1 
ATOM   341 C  "C2'" . C   A 1 18 ? 8.900   -2.678  2.626   1.00 42.64 ? 18  C   A "C2'" 1 
ATOM   342 O  "O2'" . C   A 1 18 ? 8.947   -3.952  3.245   1.00 44.52 ? 18  C   A "O2'" 1 
ATOM   343 C  "C1'" . C   A 1 18 ? 7.434   -2.261  2.586   1.00 43.64 ? 18  C   A "C1'" 1 
ATOM   344 N  N1    . C   A 1 18 ? 7.137   -1.345  1.468   1.00 41.80 ? 18  C   A N1    1 
ATOM   345 C  C2    . C   A 1 18 ? 6.923   -1.918  0.210   1.00 40.76 ? 18  C   A C2    1 
ATOM   346 O  O2    . C   A 1 18 ? 7.037   -3.154  0.098   1.00 41.09 ? 18  C   A O2    1 
ATOM   347 N  N3    . C   A 1 18 ? 6.599   -1.111  -0.832  1.00 39.91 ? 18  C   A N3    1 
ATOM   348 C  C4    . C   A 1 18 ? 6.491   0.209   -0.649  1.00 40.14 ? 18  C   A C4    1 
ATOM   349 N  N4    . C   A 1 18 ? 6.174   0.969   -1.704  1.00 39.98 ? 18  C   A N4    1 
ATOM   350 C  C5    . C   A 1 18 ? 6.705   0.822   0.626   1.00 40.98 ? 18  C   A C5    1 
ATOM   351 C  C6    . C   A 1 18 ? 7.020   0.008   1.651   1.00 41.75 ? 18  C   A C6    1 
ATOM   352 P  P     . A   A 1 19 ? 12.065  -1.418  3.392   1.00 43.27 ? 19  A   A P     1 
ATOM   353 O  OP1   . A   A 1 19 ? 13.166  -1.723  4.349   1.00 44.84 ? 19  A   A OP1   1 
ATOM   354 O  OP2   . A   A 1 19 ? 11.854  -0.031  2.873   1.00 42.53 ? 19  A   A OP2   1 
ATOM   355 O  "O5'" . A   A 1 19 ? 12.247  -2.365  2.124   1.00 42.21 ? 19  A   A "O5'" 1 
ATOM   356 C  "C5'" . A   A 1 19 ? 12.547  -3.741  2.286   1.00 43.09 ? 19  A   A "C5'" 1 
ATOM   357 C  "C4'" . A   A 1 19 ? 12.265  -4.502  1.020   1.00 41.64 ? 19  A   A "C4'" 1 
ATOM   358 O  "O4'" . A   A 1 19 ? 10.930  -4.193  0.556   1.00 40.71 ? 19  A   A "O4'" 1 
ATOM   359 C  "C3'" . A   A 1 19 ? 13.150  -4.161  -0.168  1.00 40.42 ? 19  A   A "C3'" 1 
ATOM   360 O  "O3'" . A   A 1 19 ? 14.380  -4.858  -0.132  1.00 40.90 ? 19  A   A "O3'" 1 
ATOM   361 C  "C2'" . A   A 1 19 ? 12.289  -4.583  -1.336  1.00 39.33 ? 19  A   A "C2'" 1 
ATOM   362 O  "O2'" . A   A 1 19 ? 12.259  -6.004  -1.399  1.00 40.26 ? 19  A   A "O2'" 1 
ATOM   363 C  "C1'" . A   A 1 19 ? 10.919  -4.149  -0.854  1.00 39.44 ? 19  A   A "C1'" 1 
ATOM   364 N  N9    . A   A 1 19 ? 10.523  -2.798  -1.275  1.00 38.43 ? 19  A   A N9    1 
ATOM   365 C  C8    . A   A 1 19 ? 10.338  -1.711  -0.452  1.00 38.70 ? 19  A   A C8    1 
ATOM   366 N  N7    . A   A 1 19 ? 9.883   -0.654  -1.089  1.00 37.68 ? 19  A   A N7    1 
ATOM   367 C  C5    . A   A 1 19 ? 9.746   -1.067  -2.412  1.00 36.69 ? 19  A   A C5    1 
ATOM   368 C  C6    . A   A 1 19 ? 9.298   -0.398  -3.574  1.00 36.46 ? 19  A   A C6    1 
ATOM   369 N  N6    . A   A 1 19 ? 8.879   0.881   -3.599  1.00 36.20 ? 19  A   A N6    1 
ATOM   370 N  N1    . A   A 1 19 ? 9.290   -1.106  -4.725  1.00 35.85 ? 19  A   A N1    1 
ATOM   371 C  C2    . A   A 1 19 ? 9.701   -2.385  -4.700  1.00 35.44 ? 19  A   A C2    1 
ATOM   372 N  N3    . A   A 1 19 ? 10.134  -3.117  -3.670  1.00 36.20 ? 19  A   A N3    1 
ATOM   373 C  C4    . A   A 1 19 ? 10.125  -2.396  -2.538  1.00 37.04 ? 19  A   A C4    1 
ATOM   374 P  P     . G   A 1 20 ? 15.656  -4.315  -0.939  1.00 42.61 ? 20  G   A P     1 
ATOM   375 O  OP1   . G   A 1 20 ? 16.789  -5.229  -0.618  1.00 43.62 ? 20  G   A OP1   1 
ATOM   376 O  OP2   . G   A 1 20 ? 15.777  -2.857  -0.670  1.00 42.18 ? 20  G   A OP2   1 
ATOM   377 O  "O5'" . G   A 1 20 ? 15.272  -4.472  -2.475  1.00 40.79 ? 20  G   A "O5'" 1 
ATOM   378 C  "C5'" . G   A 1 20 ? 15.088  -5.744  -3.084  1.00 41.18 ? 20  G   A "C5'" 1 
ATOM   379 C  "C4'" . G   A 1 20 ? 14.904  -5.596  -4.574  1.00 40.13 ? 20  G   A "C4'" 1 
ATOM   380 O  "O4'" . G   A 1 20 ? 13.841  -4.632  -4.825  1.00 38.80 ? 20  G   A "O4'" 1 
ATOM   381 C  "C3'" . G   A 1 20 ? 16.132  -5.065  -5.306  1.00 41.49 ? 20  G   A "C3'" 1 
ATOM   382 O  "O3'" . G   A 1 20 ? 16.111  -5.567  -6.641  1.00 41.37 ? 20  G   A "O3'" 1 
ATOM   383 C  "C2'" . G   A 1 20 ? 15.867  -3.563  -5.325  1.00 40.44 ? 20  G   A "C2'" 1 
ATOM   384 O  "O2'" . G   A 1 20 ? 16.580  -2.850  -6.311  1.00 41.89 ? 20  G   A "O2'" 1 
ATOM   385 C  "C1'" . G   A 1 20 ? 14.357  -3.531  -5.553  1.00 38.62 ? 20  G   A "C1'" 1 
ATOM   386 N  N9    . G   A 1 20 ? 13.727  -2.311  -5.051  1.00 36.96 ? 20  G   A N9    1 
ATOM   387 C  C8    . G   A 1 20 ? 13.677  -1.877  -3.746  1.00 37.23 ? 20  G   A C8    1 
ATOM   388 N  N7    . G   A 1 20 ? 13.047  -0.729  -3.627  1.00 37.19 ? 20  G   A N7    1 
ATOM   389 C  C5    . G   A 1 20 ? 12.695  -0.372  -4.921  1.00 35.57 ? 20  G   A C5    1 
ATOM   390 C  C6    . G   A 1 20 ? 12.020  0.781   -5.407  1.00 35.65 ? 20  G   A C6    1 
ATOM   391 O  O6    . G   A 1 20 ? 11.572  1.731   -4.763  1.00 35.86 ? 20  G   A O6    1 
ATOM   392 N  N1    . G   A 1 20 ? 11.866  0.739   -6.788  1.00 34.65 ? 20  G   A N1    1 
ATOM   393 C  C2    . G   A 1 20 ? 12.329  -0.262  -7.593  1.00 35.57 ? 20  G   A C2    1 
ATOM   394 N  N2    . G   A 1 20 ? 12.091  -0.106  -8.901  1.00 36.88 ? 20  G   A N2    1 
ATOM   395 N  N3    . G   A 1 20 ? 12.949  -1.356  -7.152  1.00 35.03 ? 20  G   A N3    1 
ATOM   396 C  C4    . G   A 1 20 ? 13.100  -1.336  -5.813  1.00 35.94 ? 20  G   A C4    1 
ATOM   397 P  P     . U   A 1 21 ? 17.016  -6.813  -7.074  1.00 43.27 ? 21  U   A P     1 
ATOM   398 O  OP1   . U   A 1 21 ? 17.268  -7.689  -5.896  1.00 44.29 ? 21  U   A OP1   1 
ATOM   399 O  OP2   . U   A 1 21 ? 18.203  -6.322  -7.823  1.00 45.13 ? 21  U   A OP2   1 
ATOM   400 O  "O5'" . U   A 1 21 ? 16.098  -7.586  -8.106  1.00 42.26 ? 21  U   A "O5'" 1 
ATOM   401 C  "C5'" . U   A 1 21 ? 15.040  -8.428  -7.671  1.00 41.70 ? 21  U   A "C5'" 1 
ATOM   402 C  "C4'" . U   A 1 21 ? 14.084  -8.710  -8.801  1.00 41.67 ? 21  U   A "C4'" 1 
ATOM   403 O  "O4'" . U   A 1 21 ? 13.334  -7.495  -9.094  1.00 40.77 ? 21  U   A "O4'" 1 
ATOM   404 C  "C3'" . U   A 1 21 ? 14.727  -9.130  -10.125 1.00 43.08 ? 21  U   A "C3'" 1 
ATOM   405 O  "O3'" . U   A 1 21 ? 13.788  -9.911  -10.859 1.00 42.17 ? 21  U   A "O3'" 1 
ATOM   406 C  "C2'" . U   A 1 21 ? 14.832  -7.799  -10.857 1.00 43.47 ? 21  U   A "C2'" 1 
ATOM   407 O  "O2'" . U   A 1 21 ? 14.944  -7.922  -12.262 1.00 45.40 ? 21  U   A "O2'" 1 
ATOM   408 C  "C1'" . U   A 1 21 ? 13.512  -7.165  -10.458 1.00 41.64 ? 21  U   A "C1'" 1 
ATOM   409 N  N1    . U   A 1 21 ? 13.469  -5.707  -10.592 1.00 41.88 ? 21  U   A N1    1 
ATOM   410 C  C2    . U   A 1 21 ? 12.688  -5.227  -11.617 1.00 42.85 ? 21  U   A C2    1 
ATOM   411 O  O2    . U   A 1 21 ? 12.084  -5.976  -12.371 1.00 43.78 ? 21  U   A O2    1 
ATOM   412 N  N3    . U   A 1 21 ? 12.655  -3.860  -11.708 1.00 43.17 ? 21  U   A N3    1 
ATOM   413 C  C4    . U   A 1 21 ? 13.310  -2.978  -10.888 1.00 43.56 ? 21  U   A C4    1 
ATOM   414 O  O4    . U   A 1 21 ? 13.193  -1.769  -11.090 1.00 44.59 ? 21  U   A O4    1 
ATOM   415 C  C5    . U   A 1 21 ? 14.097  -3.564  -9.843  1.00 43.24 ? 21  U   A C5    1 
ATOM   416 C  C6    . U   A 1 21 ? 14.152  -4.893  -9.728  1.00 42.62 ? 21  U   A C6    1 
ATOM   417 P  P     . U   A 1 22 ? 13.874  -11.512 -10.950 1.00 42.96 ? 22  U   A P     1 
ATOM   418 O  OP1   . U   A 1 22 ? 15.277  -11.994 -10.800 1.00 46.47 ? 22  U   A OP1   1 
ATOM   419 O  OP2   . U   A 1 22 ? 13.021  -11.847 -12.129 1.00 43.61 ? 22  U   A OP2   1 
ATOM   420 O  "O5'" . U   A 1 22 ? 13.042  -11.981 -9.686  1.00 41.39 ? 22  U   A "O5'" 1 
ATOM   421 C  "C5'" . U   A 1 22 ? 11.704  -11.527 -9.529  1.00 40.33 ? 22  U   A "C5'" 1 
ATOM   422 C  "C4'" . U   A 1 22 ? 10.960  -12.404 -8.563  1.00 40.80 ? 22  U   A "C4'" 1 
ATOM   423 O  "O4'" . U   A 1 22 ? 10.617  -13.654 -9.213  1.00 41.15 ? 22  U   A "O4'" 1 
ATOM   424 C  "C3'" . U   A 1 22 ? 11.747  -12.777 -7.312  1.00 41.20 ? 22  U   A "C3'" 1 
ATOM   425 O  "O3'" . U   A 1 22 ? 10.864  -12.779 -6.202  1.00 43.22 ? 22  U   A "O3'" 1 
ATOM   426 C  "C2'" . U   A 1 22 ? 12.205  -14.208 -7.600  1.00 41.03 ? 22  U   A "C2'" 1 
ATOM   427 O  "O2'" . U   A 1 22 ? 12.459  -14.989 -6.445  1.00 43.14 ? 22  U   A "O2'" 1 
ATOM   428 C  "C1'" . U   A 1 22 ? 11.029  -14.740 -8.416  1.00 40.74 ? 22  U   A "C1'" 1 
ATOM   429 N  N1    . U   A 1 22 ? 11.348  -15.857 -9.317  1.00 41.30 ? 22  U   A N1    1 
ATOM   430 C  C2    . U   A 1 22 ? 10.594  -17.022 -9.225  1.00 41.84 ? 22  U   A C2    1 
ATOM   431 O  O2    . U   A 1 22 ? 9.695   -17.170 -8.411  1.00 42.33 ? 22  U   A O2    1 
ATOM   432 N  N3    . U   A 1 22 ? 10.944  -18.029 -10.097 1.00 41.97 ? 22  U   A N3    1 
ATOM   433 C  C4    . U   A 1 22 ? 11.934  -17.980 -11.057 1.00 42.26 ? 22  U   A C4    1 
ATOM   434 O  O4    . U   A 1 22 ? 12.138  -18.963 -11.766 1.00 43.59 ? 22  U   A O4    1 
ATOM   435 C  C5    . U   A 1 22 ? 12.661  -16.741 -11.097 1.00 41.96 ? 22  U   A C5    1 
ATOM   436 C  C6    . U   A 1 22 ? 12.348  -15.754 -10.257 1.00 41.19 ? 22  U   A C6    1 
ATOM   437 P  P     . A   A 1 23 ? 11.406  -12.281 -4.782  1.00 45.78 ? 23  A   A P     1 
ATOM   438 O  OP1   . A   A 1 23 ? 12.769  -12.858 -4.602  1.00 47.91 ? 23  A   A OP1   1 
ATOM   439 O  OP2   . A   A 1 23 ? 10.311  -12.478 -3.788  1.00 47.11 ? 23  A   A OP2   1 
ATOM   440 O  "O5'" . A   A 1 23 ? 11.529  -10.701 -4.958  1.00 43.19 ? 23  A   A "O5'" 1 
ATOM   441 C  "C5'" . A   A 1 23 ? 12.323  -9.961  -4.045  1.00 43.64 ? 23  A   A "C5'" 1 
ATOM   442 C  "C4'" . A   A 1 23 ? 12.025  -8.493  -4.131  1.00 42.19 ? 23  A   A "C4'" 1 
ATOM   443 O  "O4'" . A   A 1 23 ? 12.332  -8.008  -5.455  1.00 40.57 ? 23  A   A "O4'" 1 
ATOM   444 C  "C3'" . A   A 1 23 ? 10.577  -8.083  -3.910  1.00 42.41 ? 23  A   A "C3'" 1 
ATOM   445 O  "O3'" . A   A 1 23 ? 10.285  -7.997  -2.530  1.00 44.96 ? 23  A   A "O3'" 1 
ATOM   446 C  "C2'" . A   A 1 23 ? 10.501  -6.735  -4.613  1.00 40.95 ? 23  A   A "C2'" 1 
ATOM   447 O  "O2'" . A   A 1 23 ? 10.992  -5.714  -3.759  1.00 41.41 ? 23  A   A "O2'" 1 
ATOM   448 C  "C1'" . A   A 1 23 ? 11.494  -6.920  -5.771  1.00 40.05 ? 23  A   A "C1'" 1 
ATOM   449 N  N9    . A   A 1 23 ? 10.805  -7.222  -7.033  1.00 40.79 ? 23  A   A N9    1 
ATOM   450 C  C8    . A   A 1 23 ? 10.304  -8.421  -7.469  1.00 41.18 ? 23  A   A C8    1 
ATOM   451 N  N7    . A   A 1 23 ? 9.728   -8.336  -8.651  1.00 40.88 ? 23  A   A N7    1 
ATOM   452 C  C5    . A   A 1 23 ? 9.881   -6.996  -9.006  1.00 40.19 ? 23  A   A C5    1 
ATOM   453 C  C6    . A   A 1 23 ? 9.502   -6.255  -10.143 1.00 40.72 ? 23  A   A C6    1 
ATOM   454 N  N6    . A   A 1 23 ? 8.847   -6.774  -11.198 1.00 41.38 ? 23  A   A N6    1 
ATOM   455 N  N1    . A   A 1 23 ? 9.805   -4.941  -10.145 1.00 40.55 ? 23  A   A N1    1 
ATOM   456 C  C2    . A   A 1 23 ? 10.459  -4.402  -9.103  1.00 40.57 ? 23  A   A C2    1 
ATOM   457 N  N3    . A   A 1 23 ? 10.868  -5.005  -7.986  1.00 40.57 ? 23  A   A N3    1 
ATOM   458 C  C4    . A   A 1 23 ? 10.537  -6.304  -8.009  1.00 40.03 ? 23  A   A C4    1 
ATOM   459 P  P     . A   A 1 24 ? 8.788   -7.992  -1.964  1.00 47.06 ? 24  A   A P     1 
ATOM   460 O  OP1   . A   A 1 24 ? 7.895   -8.713  -2.903  1.00 46.46 ? 24  A   A OP1   1 
ATOM   461 O  OP2   . A   A 1 24 ? 8.479   -6.607  -1.530  1.00 45.32 ? 24  A   A OP2   1 
ATOM   462 O  "O5'" . A   A 1 24 ? 8.950   -8.898  -0.659  1.00 50.28 ? 24  A   A "O5'" 1 
ATOM   463 C  "C5'" . A   A 1 24 ? 9.540   -10.182 -0.757  1.00 52.24 ? 24  A   A "C5'" 1 
ATOM   464 C  "C4'" . A   A 1 24 ? 9.944   -10.717 0.592   1.00 55.10 ? 24  A   A "C4'" 1 
ATOM   465 O  "O4'" . A   A 1 24 ? 11.013  -9.917  1.155   1.00 54.11 ? 24  A   A "O4'" 1 
ATOM   466 C  "C3'" . A   A 1 24 ? 8.876   -10.692 1.668   1.00 56.98 ? 24  A   A "C3'" 1 
ATOM   467 O  "O3'" . A   A 1 24 ? 7.926   -11.730 1.525   1.00 59.89 ? 24  A   A "O3'" 1 
ATOM   468 C  "C2'" . A   A 1 24 ? 9.706   -10.775 2.939   1.00 59.75 ? 24  A   A "C2'" 1 
ATOM   469 O  "O2'" . A   A 1 24 ? 10.192  -12.099 3.134   1.00 64.22 ? 24  A   A "O2'" 1 
ATOM   470 C  "C1'" . A   A 1 24 ? 10.893  -9.891  2.564   1.00 56.46 ? 24  A   A "C1'" 1 
ATOM   471 N  N9    . A   A 1 24 ? 10.701  -8.499  3.003   1.00 52.98 ? 24  A   A N9    1 
ATOM   472 C  C8    . A   A 1 24 ? 10.168  -7.427  2.319   1.00 48.75 ? 24  A   A C8    1 
ATOM   473 N  N7    . A   A 1 24 ? 10.145  -6.322  3.032   1.00 48.48 ? 24  A   A N7    1 
ATOM   474 C  C5    . A   A 1 24 ? 10.683  -6.700  4.261   1.00 52.66 ? 24  A   A C5    1 
ATOM   475 C  C6    . A   A 1 24 ? 10.939  -6.002  5.457   1.00 54.58 ? 24  A   A C6    1 
ATOM   476 N  N6    . A   A 1 24 ? 10.668  -4.705  5.636   1.00 53.18 ? 24  A   A N6    1 
ATOM   477 N  N1    . A   A 1 24 ? 11.479  -6.690  6.489   1.00 59.14 ? 24  A   A N1    1 
ATOM   478 C  C2    . A   A 1 24 ? 11.754  -7.990  6.325   1.00 61.15 ? 24  A   A C2    1 
ATOM   479 N  N3    . A   A 1 24 ? 11.566  -8.752  5.250   1.00 59.32 ? 24  A   A N3    1 
ATOM   480 C  C4    . A   A 1 24 ? 11.021  -8.038  4.251   1.00 55.10 ? 24  A   A C4    1 
ATOM   481 P  P     . C   A 1 25 ? 6.394   -11.484 1.943   1.00 60.12 ? 25  C   A P     1 
ATOM   482 O  OP1   . C   A 1 25 ? 5.658   -12.720 1.568   1.00 63.79 ? 25  C   A OP1   1 
ATOM   483 O  OP2   . C   A 1 25 ? 5.903   -10.165 1.475   1.00 56.21 ? 25  C   A OP2   1 
ATOM   484 O  "O5'" . C   A 1 25 ? 6.457   -11.430 3.528   1.00 62.54 ? 25  C   A "O5'" 1 
ATOM   485 C  "C5'" . C   A 1 25 ? 6.939   -12.556 4.246   1.00 66.47 ? 25  C   A "C5'" 1 
ATOM   486 C  "C4'" . C   A 1 25 ? 7.175   -12.235 5.694   1.00 68.58 ? 25  C   A "C4'" 1 
ATOM   487 O  "O4'" . C   A 1 25 ? 8.235   -11.251 5.831   1.00 66.06 ? 25  C   A "O4'" 1 
ATOM   488 C  "C3'" . C   A 1 25 ? 6.013   -11.601 6.430   1.00 67.61 ? 25  C   A "C3'" 1 
ATOM   489 O  "O3'" . C   A 1 25 ? 4.992   -12.522 6.769   1.00 71.37 ? 25  C   A "O3'" 1 
ATOM   490 C  "C2'" . C   A 1 25 ? 6.706   -10.963 7.622   1.00 69.47 ? 25  C   A "C2'" 1 
ATOM   491 O  "O2'" . C   A 1 25 ? 7.078   -11.960 8.564   1.00 75.43 ? 25  C   A "O2'" 1 
ATOM   492 C  "C1'" . C   A 1 25 ? 7.987   -10.445 6.967   1.00 66.58 ? 25  C   A "C1'" 1 
ATOM   493 N  N1    . C   A 1 25 ? 7.857   -9.028  6.557   1.00 61.37 ? 25  C   A N1    1 
ATOM   494 C  C2    . C   A 1 25 ? 8.140   -8.061  7.524   1.00 62.34 ? 25  C   A C2    1 
ATOM   495 O  O2    . C   A 1 25 ? 8.504   -8.438  8.652   1.00 67.60 ? 25  C   A O2    1 
ATOM   496 N  N3    . C   A 1 25 ? 8.031   -6.751  7.205   1.00 58.55 ? 25  C   A N3    1 
ATOM   497 C  C4    . C   A 1 25 ? 7.639   -6.391  5.979   1.00 54.08 ? 25  C   A C4    1 
ATOM   498 N  N4    . C   A 1 25 ? 7.535   -5.086  5.704   1.00 51.58 ? 25  C   A N4    1 
ATOM   499 C  C5    . C   A 1 25 ? 7.330   -7.355  4.975   1.00 52.91 ? 25  C   A C5    1 
ATOM   500 C  C6    . C   A 1 25 ? 7.454   -8.655  5.303   1.00 56.48 ? 25  C   A C6    1 
ATOM   501 P  P     . A   A 1 26 ? 3.486   -11.994 6.945   1.00 70.46 ? 26  A   A P     1 
ATOM   502 O  OP1   . A   A 1 26 ? 2.622   -13.160 7.271   1.00 76.05 ? 26  A   A OP1   1 
ATOM   503 O  OP2   . A   A 1 26 ? 3.160   -11.121 5.796   1.00 64.26 ? 26  A   A OP2   1 
ATOM   504 O  "O5'" . A   A 1 26 ? 3.574   -11.099 8.257   1.00 71.84 ? 26  A   A "O5'" 1 
ATOM   505 C  "C5'" . A   A 1 26 ? 2.882   -9.874  8.373   1.00 68.45 ? 26  A   A "C5'" 1 
ATOM   506 C  "C4'" . A   A 1 26 ? 3.701   -8.869  9.137   1.00 68.45 ? 26  A   A "C4'" 1 
ATOM   507 O  "O4'" . A   A 1 26 ? 4.677   -8.272  8.253   1.00 64.30 ? 26  A   A "O4'" 1 
ATOM   508 C  "C3'" . A   A 1 26 ? 2.920   -7.698  9.713   1.00 67.46 ? 26  A   A "C3'" 1 
ATOM   509 O  "O3'" . A   A 1 26 ? 2.434   -8.015  11.005  1.00 73.34 ? 26  A   A "O3'" 1 
ATOM   510 C  "C2'" . A   A 1 26 ? 3.933   -6.560  9.726   1.00 65.01 ? 26  A   A "C2'" 1 
ATOM   511 O  "O2'" . A   A 1 26 ? 4.731   -6.620  10.900  1.00 69.87 ? 26  A   A "O2'" 1 
ATOM   512 C  "C1'" . A   A 1 26 ? 4.820   -6.902  8.533   1.00 61.89 ? 26  A   A "C1'" 1 
ATOM   513 N  N9    . A   A 1 26 ? 4.502   -6.152  7.306   1.00 56.02 ? 26  A   A N9    1 
ATOM   514 C  C8    . A   A 1 26 ? 4.151   -6.726  6.112   1.00 53.55 ? 26  A   A C8    1 
ATOM   515 N  N7    . A   A 1 26 ? 3.964   -5.862  5.154   1.00 49.36 ? 26  A   A N7    1 
ATOM   516 C  C5    . A   A 1 26 ? 4.227   -4.635  5.749   1.00 48.68 ? 26  A   A C5    1 
ATOM   517 C  C6    . A   A 1 26 ? 4.210   -3.325  5.242   1.00 45.80 ? 26  A   A C6    1 
ATOM   518 N  N6    . A   A 1 26 ? 3.904   -3.019  3.977   1.00 42.65 ? 26  A   A N6    1 
ATOM   519 N  N1    . A   A 1 26 ? 4.528   -2.320  6.091   1.00 46.88 ? 26  A   A N1    1 
ATOM   520 C  C2    . A   A 1 26 ? 4.837   -2.633  7.358   1.00 50.69 ? 26  A   A C2    1 
ATOM   521 N  N3    . A   A 1 26 ? 4.896   -3.829  7.950   1.00 54.15 ? 26  A   A N3    1 
ATOM   522 C  C4    . A   A 1 26 ? 4.576   -4.800  7.078   1.00 52.90 ? 26  A   A C4    1 
ATOM   523 P  P     . A   A 1 27 ? 0.999   -7.502  11.506  1.00 74.45 ? 27  A   A P     1 
ATOM   524 O  OP1   . A   A 1 27 ? 0.834   -7.997  12.895  1.00 80.61 ? 27  A   A OP1   1 
ATOM   525 O  OP2   . A   A 1 27 ? -0.033  -7.800  10.472  1.00 71.69 ? 27  A   A OP2   1 
ATOM   526 O  "O5'" . A   A 1 27 ? 1.146   -5.917  11.541  1.00 71.10 ? 27  A   A "O5'" 1 
ATOM   527 C  "C5'" . A   A 1 27 ? 2.071   -5.271  12.404  1.00 73.18 ? 27  A   A "C5'" 1 
ATOM   528 C  "C4'" . A   A 1 27 ? 2.082   -3.787  12.143  1.00 69.29 ? 27  A   A "C4'" 1 
ATOM   529 O  "O4'" . A   A 1 27 ? 2.729   -3.516  10.875  1.00 64.14 ? 27  A   A "O4'" 1 
ATOM   530 C  "C3'" . A   A 1 27 ? 0.710   -3.152  12.007  1.00 67.28 ? 27  A   A "C3'" 1 
ATOM   531 O  "O3'" . A   A 1 27 ? 0.156   -2.841  13.268  1.00 72.16 ? 27  A   A "O3'" 1 
ATOM   532 C  "C2'" . A   A 1 27 ? 0.978   -1.930  11.134  1.00 62.32 ? 27  A   A "C2'" 1 
ATOM   533 O  "O2'" . A   A 1 27 ? 1.529   -0.873  11.906  1.00 64.42 ? 27  A   A "O2'" 1 
ATOM   534 C  "C1'" . A   A 1 27 ? 2.083   -2.445  10.219  1.00 59.62 ? 27  A   A "C1'" 1 
ATOM   535 N  N9    . A   A 1 27 ? 1.617   -2.921  8.905   1.00 54.83 ? 27  A   A N9    1 
ATOM   536 C  C8    . A   A 1 27 ? 1.303   -4.209  8.542   1.00 55.26 ? 27  A   A C8    1 
ATOM   537 N  N7    . A   A 1 27 ? 0.980   -4.328  7.275   1.00 51.87 ? 27  A   A N7    1 
ATOM   538 C  C5    . A   A 1 27 ? 1.109   -3.038  6.772   1.00 48.59 ? 27  A   A C5    1 
ATOM   539 C  C6    . A   A 1 27 ? 0.920   -2.494  5.489   1.00 44.60 ? 27  A   A C6    1 
ATOM   540 N  N6    . A   A 1 27 ? 0.540   -3.206  4.423   1.00 43.13 ? 27  A   A N6    1 
ATOM   541 N  N1    . A   A 1 27 ? 1.150   -1.169  5.332   1.00 42.81 ? 27  A   A N1    1 
ATOM   542 C  C2    . A   A 1 27 ? 1.538   -0.445  6.389   1.00 44.69 ? 27  A   A C2    1 
ATOM   543 N  N3    . A   A 1 27 ? 1.746   -0.840  7.641   1.00 48.18 ? 27  A   A N3    1 
ATOM   544 C  C4    . A   A 1 27 ? 1.512   -2.162  7.765   1.00 50.13 ? 27  A   A C4    1 
ATOM   545 P  P     . A   A 1 28 ? -1.435  -2.815  13.490  1.00 73.34 ? 28  A   A P     1 
ATOM   546 O  OP1   . A   A 1 28 ? -1.683  -3.229  14.892  1.00 79.32 ? 28  A   A OP1   1 
ATOM   547 O  OP2   . A   A 1 28 ? -2.107  -3.526  12.368  1.00 70.46 ? 28  A   A OP2   1 
ATOM   548 O  "O5'" . A   A 1 28 ? -1.787  -1.275  13.338  1.00 71.50 ? 28  A   A "O5'" 1 
ATOM   549 C  "C5'" . A   A 1 28 ? -0.864  -0.282  13.771  1.00 72.71 ? 28  A   A "C5'" 1 
ATOM   550 C  "C4'" . A   A 1 28 ? -1.267  1.089   13.295  1.00 69.62 ? 28  A   A "C4'" 1 
ATOM   551 O  "O4'" . A   A 1 28 ? -0.783  1.306   11.934  1.00 64.46 ? 28  A   A "O4'" 1 
ATOM   552 C  "C3'" . A   A 1 28 ? -2.779  1.338   13.260  1.00 69.24 ? 28  A   A "C3'" 1 
ATOM   553 O  "O3'" . A   A 1 28 ? -3.037  2.682   13.672  1.00 71.07 ? 28  A   A "O3'" 1 
ATOM   554 C  "C2'" . A   A 1 28 ? -3.101  1.177   11.778  1.00 63.63 ? 28  A   A "C2'" 1 
ATOM   555 O  "O2'" . A   A 1 28 ? -4.282  1.816   11.345  1.00 62.20 ? 28  A   A "O2'" 1 
ATOM   556 C  "C1'" . A   A 1 28 ? -1.850  1.775   11.146  1.00 60.50 ? 28  A   A "C1'" 1 
ATOM   557 N  N9    . A   A 1 28 ? -1.672  1.435   9.730   1.00 54.49 ? 28  A   A N9    1 
ATOM   558 C  C8    . A   A 1 28 ? -2.126  0.321   9.072   1.00 52.02 ? 28  A   A C8    1 
ATOM   559 N  N7    . A   A 1 28 ? -1.871  0.331   7.789   1.00 48.17 ? 28  A   A N7    1 
ATOM   560 C  C5    . A   A 1 28 ? -1.239  1.548   7.575   1.00 47.36 ? 28  A   A C5    1 
ATOM   561 C  C6    . A   A 1 28 ? -0.727  2.163   6.414   1.00 44.30 ? 28  A   A C6    1 
ATOM   562 N  N6    . A   A 1 28 ? -0.781  1.618   5.194   1.00 41.49 ? 28  A   A N6    1 
ATOM   563 N  N1    . A   A 1 28 ? -0.150  3.382   6.548   1.00 44.84 ? 28  A   A N1    1 
ATOM   564 C  C2    . A   A 1 28 ? -0.105  3.934   7.771   1.00 47.62 ? 28  A   A C2    1 
ATOM   565 N  N3    . A   A 1 28 ? -0.557  3.456   8.933   1.00 50.68 ? 28  A   A N3    1 
ATOM   566 C  C4    . A   A 1 28 ? -1.119  2.244   8.764   1.00 50.65 ? 28  A   A C4    1 
ATOM   567 P  P     . A   A 1 29 ? -4.506  3.158   14.133  1.00 73.23 ? 29  A   A P     1 
ATOM   568 O  OP1   . A   A 1 29 ? -4.305  4.131   15.238  1.00 77.11 ? 29  A   A OP1   1 
ATOM   569 O  OP2   . A   A 1 29 ? -5.416  2.001   14.350  1.00 74.75 ? 29  A   A OP2   1 
ATOM   570 O  "O5'" . A   A 1 29 ? -5.021  3.954   12.854  1.00 67.55 ? 29  A   A "O5'" 1 
ATOM   571 C  "C5'" . A   A 1 29 ? -5.118  5.360   12.901  1.00 65.65 ? 29  A   A "C5'" 1 
ATOM   572 C  "C4'" . A   A 1 29 ? -4.226  6.062   11.904  1.00 60.99 ? 29  A   A "C4'" 1 
ATOM   573 O  "O4'" . A   A 1 29 ? -3.380  5.153   11.147  1.00 58.30 ? 29  A   A "O4'" 1 
ATOM   574 C  "C3'" . A   A 1 29 ? -4.958  6.819   10.830  1.00 56.76 ? 29  A   A "C3'" 1 
ATOM   575 O  "O3'" . A   A 1 29 ? -5.578  7.985   11.319  1.00 57.70 ? 29  A   A "O3'" 1 
ATOM   576 C  "C2'" . A   A 1 29 ? -3.867  7.051   9.795   1.00 54.58 ? 29  A   A "C2'" 1 
ATOM   577 O  "O2'" . A   A 1 29 ? -2.989  8.083   10.217  1.00 57.10 ? 29  A   A "O2'" 1 
ATOM   578 C  "C1'" . A   A 1 29 ? -3.112  5.724   9.872   1.00 53.98 ? 29  A   A "C1'" 1 
ATOM   579 N  N9    . A   A 1 29 ? -3.512  4.777   8.808   1.00 49.16 ? 29  A   A N9    1 
ATOM   580 C  C8    . A   A 1 29 ? -4.209  3.603   8.958   1.00 48.64 ? 29  A   A C8    1 
ATOM   581 N  N7    . A   A 1 29 ? -4.407  2.954   7.838   1.00 45.92 ? 29  A   A N7    1 
ATOM   582 C  C5    . A   A 1 29 ? -3.785  3.740   6.879   1.00 43.75 ? 29  A   A C5    1 
ATOM   583 C  C6    . A   A 1 29 ? -3.642  3.585   5.489   1.00 40.83 ? 29  A   A C6    1 
ATOM   584 N  N6    . A   A 1 29 ? -4.120  2.535   4.810   1.00 39.81 ? 29  A   A N6    1 
ATOM   585 N  N1    . A   A 1 29 ? -2.978  4.554   4.817   1.00 39.55 ? 29  A   A N1    1 
ATOM   586 C  C2    . A   A 1 29 ? -2.497  5.594   5.510   1.00 41.07 ? 29  A   A C2    1 
ATOM   587 N  N3    . A   A 1 29 ? -2.572  5.849   6.818   1.00 43.97 ? 29  A   A N3    1 
ATOM   588 C  C4    . A   A 1 29 ? -3.234  4.869   7.459   1.00 45.46 ? 29  A   A C4    1 
ATOM   589 P  P     . C   A 1 30 ? -7.032  8.350   10.768  1.00 55.31 ? 30  C   A P     1 
ATOM   590 O  OP1   . C   A 1 30 ? -7.536  9.521   11.532  1.00 58.02 ? 30  C   A OP1   1 
ATOM   591 O  OP2   . C   A 1 30 ? -7.832  7.095   10.712  1.00 54.24 ? 30  C   A OP2   1 
ATOM   592 O  "O5'" . C   A 1 30 ? -6.724  8.801   9.271   1.00 52.36 ? 30  C   A "O5'" 1 
ATOM   593 C  "C5'" . C   A 1 30 ? -5.811  9.855   9.008   1.00 53.34 ? 30  C   A "C5'" 1 
ATOM   594 C  "C4'" . C   A 1 30 ? -5.507  9.945   7.540   1.00 51.91 ? 30  C   A "C4'" 1 
ATOM   595 O  "O4'" . C   A 1 30 ? -4.909  8.704   7.095   1.00 48.70 ? 30  C   A "O4'" 1 
ATOM   596 C  "C3'" . C   A 1 30 ? -6.717  10.125  6.641   1.00 53.68 ? 30  C   A "C3'" 1 
ATOM   597 O  "O3'" . C   A 1 30 ? -7.086  11.488  6.553   1.00 62.59 ? 30  C   A "O3'" 1 
ATOM   598 C  "C2'" . C   A 1 30 ? -6.252  9.538   5.314   1.00 47.70 ? 30  C   A "C2'" 1 
ATOM   599 O  "O2'" . C   A 1 30 ? -5.484  10.495  4.595   1.00 47.33 ? 30  C   A "O2'" 1 
ATOM   600 C  "C1'" . C   A 1 30 ? -5.309  8.421   5.774   1.00 45.30 ? 30  C   A "C1'" 1 
ATOM   601 N  N1    . C   A 1 30 ? -5.897  7.062   5.749   1.00 41.78 ? 30  C   A N1    1 
ATOM   602 C  C2    . C   A 1 30 ? -5.910  6.357   4.542   1.00 38.93 ? 30  C   A C2    1 
ATOM   603 O  O2    . C   A 1 30 ? -5.477  6.925   3.514   1.00 37.93 ? 30  C   A O2    1 
ATOM   604 N  N3    . C   A 1 30 ? -6.410  5.097   4.528   1.00 38.24 ? 30  C   A N3    1 
ATOM   605 C  C4    . C   A 1 30 ? -6.869  4.543   5.650   1.00 39.70 ? 30  C   A C4    1 
ATOM   606 N  N4    . C   A 1 30 ? -7.343  3.289   5.598   1.00 39.99 ? 30  C   A N4    1 
ATOM   607 C  C5    . C   A 1 30 ? -6.852  5.241   6.897   1.00 41.87 ? 30  C   A C5    1 
ATOM   608 C  C6    . C   A 1 30 ? -6.355  6.482   6.906   1.00 42.48 ? 30  C   A C6    1 
ATOM   609 P  P     . A   A 1 31 ? -8.627  11.931  6.558   1.00 70.82 ? 31  A   A P     1 
ATOM   610 O  OP1   . A   A 1 31 ? -8.638  13.414  6.591   1.00 73.79 ? 31  A   A OP1   1 
ATOM   611 O  OP2   . A   A 1 31 ? -9.378  11.151  7.570   1.00 86.77 ? 31  A   A OP2   1 
ATOM   612 O  "O5'" . A   A 1 31 ? -9.126  11.501  5.118   1.00 60.48 ? 31  A   A "O5'" 1 
ATOM   613 C  "C5'" . A   A 1 31 ? -8.546  12.071  3.954   1.00 53.71 ? 31  A   A "C5'" 1 
ATOM   614 C  "C4'" . A   A 1 31 ? -9.303  11.646  2.732   1.00 46.12 ? 31  A   A "C4'" 1 
ATOM   615 O  "O4'" . A   A 1 31 ? -8.897  10.291  2.385   1.00 41.16 ? 31  A   A "O4'" 1 
ATOM   616 C  "C3'" . A   A 1 31 ? -10.823 11.614  2.929   1.00 44.03 ? 31  A   A "C3'" 1 
ATOM   617 O  "O3'" . A   A 1 31 ? -11.509 12.135  1.796   1.00 44.07 ? 31  A   A "O3'" 1 
ATOM   618 C  "C2'" . A   A 1 31 ? -11.134 10.131  3.082   1.00 40.67 ? 31  A   A "C2'" 1 
ATOM   619 O  "O2'" . A   A 1 31 ? -12.431 9.752   2.659   1.00 40.06 ? 31  A   A "O2'" 1 
ATOM   620 C  "C1'" . A   A 1 31 ? -10.039 9.480   2.236   1.00 39.14 ? 31  A   A "C1'" 1 
ATOM   621 N  N9    . A   A 1 31 ? -9.765  8.115   2.678   1.00 36.39 ? 31  A   A N9    1 
ATOM   622 C  C8    . A   A 1 31 ? -9.560  7.705   3.971   1.00 36.93 ? 31  A   A C8    1 
ATOM   623 N  N7    . A   A 1 31 ? -9.433  6.406   4.094   1.00 36.42 ? 31  A   A N7    1 
ATOM   624 C  C5    . A   A 1 31 ? -9.593  5.933   2.800   1.00 34.93 ? 31  A   A C5    1 
ATOM   625 C  C6    . A   A 1 31 ? -9.584  4.637   2.271   1.00 34.79 ? 31  A   A C6    1 
ATOM   626 N  N6    . A   A 1 31 ? -9.400  3.555   3.021   1.00 35.14 ? 31  A   A N6    1 
ATOM   627 N  N1    . A   A 1 31 ? -9.782  4.491   0.937   1.00 35.05 ? 31  A   A N1    1 
ATOM   628 C  C2    . A   A 1 31 ? -9.973  5.597   0.201   1.00 35.39 ? 31  A   A C2    1 
ATOM   629 N  N3    . A   A 1 31 ? -10.004 6.871   0.592   1.00 35.94 ? 31  A   A N3    1 
ATOM   630 C  C4    . A   A 1 31 ? -9.806  6.972   1.919   1.00 35.27 ? 31  A   A C4    1 
ATOM   631 P  P     . A   A 1 32 ? -12.644 13.242  2.013   1.00 47.37 ? 32  A   A P     1 
ATOM   632 O  OP1   . A   A 1 32 ? -12.052 14.454  2.631   1.00 48.36 ? 32  A   A OP1   1 
ATOM   633 O  OP2   . A   A 1 32 ? -13.808 12.596  2.676   1.00 45.58 ? 32  A   A OP2   1 
ATOM   634 O  "O5'" . A   A 1 32 ? -13.106 13.606  0.540   1.00 47.37 ? 32  A   A "O5'" 1 
ATOM   635 C  "C5'" . A   A 1 32 ? -12.470 14.650  -0.178  1.00 49.80 ? 32  A   A "C5'" 1 
ATOM   636 C  "C4'" . A   A 1 32 ? -12.326 14.284  -1.628  1.00 50.23 ? 32  A   A "C4'" 1 
ATOM   637 O  "O4'" . A   A 1 32 ? -11.487 13.111  -1.758  1.00 47.01 ? 32  A   A "O4'" 1 
ATOM   638 C  "C3'" . A   A 1 32 ? -13.600 13.887  -2.349  1.00 51.24 ? 32  A   A "C3'" 1 
ATOM   639 O  "O3'" . A   A 1 32 ? -14.394 14.997  -2.731  1.00 56.52 ? 32  A   A "O3'" 1 
ATOM   640 C  "C2'" . A   A 1 32 ? -13.062 13.096  -3.529  1.00 49.86 ? 32  A   A "C2'" 1 
ATOM   641 O  "O2'" . A   A 1 32 ? -12.554 13.986  -4.518  1.00 53.46 ? 32  A   A "O2'" 1 
ATOM   642 C  "C1'" . A   A 1 32 ? -11.888 12.362  -2.884  1.00 46.68 ? 32  A   A "C1'" 1 
ATOM   643 N  N9    . A   A 1 32 ? -12.273 11.010  -2.452  1.00 43.69 ? 32  A   A N9    1 
ATOM   644 C  C8    . A   A 1 32 ? -12.446 10.526  -1.176  1.00 42.72 ? 32  A   A C8    1 
ATOM   645 N  N7    . A   A 1 32 ? -12.826 9.271   -1.152  1.00 41.34 ? 32  A   A N7    1 
ATOM   646 C  C5    . A   A 1 32 ? -12.906 8.905   -2.494  1.00 42.35 ? 32  A   A C5    1 
ATOM   647 C  C6    . A   A 1 32 ? -13.263 7.697   -3.136  1.00 42.34 ? 32  A   A C6    1 
ATOM   648 N  N6    . A   A 1 32 ? -13.603 6.566   -2.490  1.00 40.98 ? 32  A   A N6    1 
ATOM   649 N  N1    . A   A 1 32 ? -13.233 7.691   -4.492  1.00 44.21 ? 32  A   A N1    1 
ATOM   650 C  C2    . A   A 1 32 ? -12.871 8.813   -5.141  1.00 44.91 ? 32  A   A C2    1 
ATOM   651 N  N3    . A   A 1 32 ? -12.530 10.005  -4.649  1.00 45.16 ? 32  A   A N3    1 
ATOM   652 C  C4    . A   A 1 32 ? -12.562 9.975   -3.304  1.00 43.41 ? 32  A   A C4    1 
ATOM   653 P  P     . G   A 1 33 ? -15.985 14.938  -2.545  1.00 58.16 ? 33  G   A P     1 
ATOM   654 O  OP1   . G   A 1 33 ? -16.587 16.058  -3.311  1.00 63.01 ? 33  G   A OP1   1 
ATOM   655 O  OP2   . G   A 1 33 ? -16.269 14.796  -1.084  1.00 57.04 ? 33  G   A OP2   1 
ATOM   656 O  "O5'" . G   A 1 33 ? -16.416 13.553  -3.212  1.00 56.57 ? 33  G   A "O5'" 1 
ATOM   657 C  "C5'" . G   A 1 33 ? -16.345 13.337  -4.613  1.00 57.73 ? 33  G   A "C5'" 1 
ATOM   658 C  "C4'" . G   A 1 33 ? -16.712 11.914  -4.954  1.00 55.71 ? 33  G   A "C4'" 1 
ATOM   659 O  "O4'" . G   A 1 33 ? -15.789 11.000  -4.307  1.00 51.80 ? 33  G   A "O4'" 1 
ATOM   660 C  "C3'" . G   A 1 33 ? -18.083 11.461  -4.474  1.00 56.51 ? 33  G   A "C3'" 1 
ATOM   661 O  "O3'" . G   A 1 33 ? -19.119 11.851  -5.352  1.00 60.38 ? 33  G   A "O3'" 1 
ATOM   662 C  "C2'" . G   A 1 33 ? -17.918 9.955   -4.363  1.00 54.35 ? 33  G   A "C2'" 1 
ATOM   663 O  "O2'" . G   A 1 33 ? -17.995 9.349   -5.644  1.00 56.94 ? 33  G   A "O2'" 1 
ATOM   664 C  "C1'" . G   A 1 33 ? -16.473 9.843   -3.884  1.00 50.40 ? 33  G   A "C1'" 1 
ATOM   665 N  N9    . G   A 1 33 ? -16.372 9.775   -2.418  1.00 47.21 ? 33  G   A N9    1 
ATOM   666 C  C8    . G   A 1 33 ? -16.097 10.820  -1.569  1.00 47.23 ? 33  G   A C8    1 
ATOM   667 N  N7    . G   A 1 33 ? -16.045 10.453  -0.315  1.00 45.66 ? 33  G   A N7    1 
ATOM   668 C  C5    . G   A 1 33 ? -16.303 9.092   -0.346  1.00 44.11 ? 33  G   A C5    1 
ATOM   669 C  C6    . G   A 1 33 ? -16.385 8.158   0.714   1.00 41.85 ? 33  G   A C6    1 
ATOM   670 O  O6    . G   A 1 33 ? -16.242 8.359   1.920   1.00 41.15 ? 33  G   A O6    1 
ATOM   671 N  N1    . G   A 1 33 ? -16.673 6.885   0.248   1.00 41.92 ? 33  G   A N1    1 
ATOM   672 C  C2    . G   A 1 33 ? -16.864 6.548   -1.068  1.00 43.87 ? 33  G   A C2    1 
ATOM   673 N  N2    . G   A 1 33 ? -17.131 5.252   -1.301  1.00 44.87 ? 33  G   A N2    1 
ATOM   674 N  N3    . G   A 1 33 ? -16.783 7.407   -2.075  1.00 44.84 ? 33  G   A N3    1 
ATOM   675 C  C4    . G   A 1 33 ? -16.502 8.652   -1.638  1.00 45.01 ? 33  G   A C4    1 
HETATM 676 N  N1    . HNG B 2 .  ? -3.443  3.453   -0.227  1.00 33.98 ? 101 HNG A N1    1 
HETATM 677 C  C2    . HNG B 2 .  ? -3.308  3.449   1.109   1.00 34.24 ? 101 HNG A C2    1 
HETATM 678 N  N3    . HNG B 2 .  ? -3.212  2.304   1.832   1.00 34.49 ? 101 HNG A N3    1 
HETATM 679 C  C4    . HNG B 2 .  ? -3.271  1.097   1.224   1.00 34.17 ? 101 HNG A C4    1 
HETATM 680 C  C5    . HNG B 2 .  ? -3.424  1.047   -0.228  1.00 33.96 ? 101 HNG A C5    1 
HETATM 681 C  C6    . HNG B 2 .  ? -3.519  2.333   -0.947  1.00 33.56 ? 101 HNG A C6    1 
HETATM 682 O  O6    . HNG B 2 .  ? -3.657  2.370   -2.183  1.00 34.08 ? 101 HNG A O6    1 
HETATM 683 C  C7    . HNG B 2 .  ? -3.450  -0.387  -0.582  1.00 33.72 ? 101 HNG A C7    1 
HETATM 684 C  C10   . HNG B 2 .  ? -3.595  -1.018  -1.948  1.00 34.40 ? 101 HNG A C10   1 
HETATM 685 N  N11   . HNG B 2 .  ? -3.038  -0.177  -3.000  1.00 35.40 ? 101 HNG A N11   1 
HETATM 686 C  C8    . HNG B 2 .  ? -3.297  -1.053  0.624   1.00 33.21 ? 101 HNG A C8    1 
HETATM 687 N  N9    . HNG B 2 .  ? -3.196  -0.174  1.663   1.00 33.94 ? 101 HNG A N9    1 
HETATM 688 N  N2    . HNG B 2 .  ? -3.241  4.626   1.770   1.00 35.07 ? 101 HNG A N2    1 
HETATM 689 C  C     . ACT C 3 .  ? -4.298  -2.772  -5.509  1.00 61.31 ? 102 ACT A C     1 
HETATM 690 O  O     . ACT C 3 .  ? -5.421  -2.756  -4.958  1.00 61.42 ? 102 ACT A O     1 
HETATM 691 O  OXT   . ACT C 3 .  ? -3.506  -1.859  -5.175  1.00 61.05 ? 102 ACT A OXT   1 
HETATM 692 C  CH3   . ACT C 3 .  ? -3.926  -3.826  -6.512  1.00 61.48 ? 102 ACT A CH3   1 
HETATM 693 C  C     . ACT D 3 .  ? -15.150 7.294   7.958   1.00 63.38 ? 103 ACT A C     1 
HETATM 694 O  O     . ACT D 3 .  ? -15.863 7.235   6.933   1.00 63.18 ? 103 ACT A O     1 
HETATM 695 O  OXT   . ACT D 3 .  ? -13.997 6.814   7.848   1.00 63.51 ? 103 ACT A OXT   1 
HETATM 696 C  CH3   . ACT D 3 .  ? -15.636 7.895   9.244   1.00 63.35 ? 103 ACT A CH3   1 
HETATM 697 MG MG    . MG  E 4 .  ? -9.977  9.141   7.004   1.00 58.68 ? 104 MG  A MG    1 
HETATM 698 O  O     . HOH F 5 .  ? 2.270   0.750   9.318   1.00 65.65 ? 201 HOH A O     1 
HETATM 699 O  O     . HOH F 5 .  ? 17.584  -11.728 -11.340 1.00 65.08 ? 202 HOH A O     1 
HETATM 700 O  O     . HOH F 5 .  ? 8.638   -5.236  9.008   1.00 72.76 ? 203 HOH A O     1 
HETATM 701 O  O     . HOH F 5 .  ? 15.491  -0.999  0.921   1.00 62.93 ? 204 HOH A O     1 
HETATM 702 O  O     . HOH F 5 .  ? -3.488  -2.382  10.667  1.00 56.61 ? 205 HOH A O     1 
HETATM 703 O  O     . HOH F 5 .  ? -18.698 1.536   -0.807  1.00 53.94 ? 206 HOH A O     1 
HETATM 704 O  O     . HOH F 5 .  ? -11.851 12.281  -6.236  1.00 48.46 ? 207 HOH A O     1 
HETATM 705 O  O     . HOH F 5 .  ? -1.172  12.368  2.075   1.00 70.96 ? 208 HOH A O     1 
HETATM 706 O  O     . HOH F 5 .  ? -8.605  8.930   -7.454  1.00 66.12 ? 209 HOH A O     1 
HETATM 707 O  O     . HOH F 5 .  ? 5.460   -9.553  -8.799  1.00 54.83 ? 210 HOH A O     1 
HETATM 708 O  O     . HOH F 5 .  ? -12.980 4.021   -5.548  1.00 60.39 ? 211 HOH A O     1 
HETATM 709 O  O     . HOH F 5 .  ? -0.468  -8.669  8.108   1.00 59.51 ? 212 HOH A O     1 
HETATM 710 O  O     . HOH F 5 .  ? 11.785  -5.755  8.853   1.00 72.83 ? 213 HOH A O     1 
HETATM 711 O  O     . HOH F 5 .  ? -16.053 12.616  1.389   1.00 50.43 ? 214 HOH A O     1 
HETATM 712 O  O     . HOH F 5 .  ? 4.206   1.602   -5.191  1.00 58.07 ? 215 HOH A O     1 
HETATM 713 O  O     . HOH F 5 .  ? -9.983  -6.800  8.645   1.00 65.20 ? 216 HOH A O     1 
HETATM 714 O  O     . HOH F 5 .  ? -15.706 10.374  3.493   1.00 45.78 ? 217 HOH A O     1 
HETATM 715 O  O     . HOH F 5 .  ? -12.299 -3.058  -1.742  1.00 62.97 ? 218 HOH A O     1 
HETATM 716 O  O     . HOH F 5 .  ? 15.889  -9.324  -4.330  1.00 47.00 ? 219 HOH A O     1 
HETATM 717 O  O     . HOH F 5 .  ? 7.164   -6.010  0.697   1.00 51.95 ? 220 HOH A O     1 
HETATM 718 O  O     . HOH F 5 .  ? -6.811  1.926   8.341   1.00 50.58 ? 221 HOH A O     1 
HETATM 719 O  O     . HOH F 5 .  ? 8.159   -10.186 -9.779  1.00 56.38 ? 222 HOH A O     1 
HETATM 720 O  O     . HOH F 5 .  ? 7.271   -7.125  -5.135  1.00 44.90 ? 223 HOH A O     1 
HETATM 721 O  O     . HOH F 5 .  ? -14.641 5.833   -5.859  1.00 55.02 ? 224 HOH A O     1 
HETATM 722 O  O     . HOH F 5 .  ? -1.633  -5.589  10.550  1.00 63.41 ? 225 HOH A O     1 
HETATM 723 O  O     . HOH F 5 .  ? 18.475  -1.359  -5.086  1.00 45.49 ? 226 HOH A O     1 
HETATM 724 O  O     . HOH F 5 .  ? 11.439  3.004   -2.377  1.00 47.11 ? 227 HOH A O     1 
HETATM 725 O  O     . HOH F 5 .  ? 1.233   7.778   -2.971  1.00 52.02 ? 228 HOH A O     1 
HETATM 726 O  O     . HOH F 5 .  ? 10.998  -2.776  -13.558 1.00 50.33 ? 229 HOH A O     1 
HETATM 727 O  O     . HOH F 5 .  ? -3.409  -4.217  -0.250  1.00 49.45 ? 230 HOH A O     1 
HETATM 728 O  O     . HOH F 5 .  ? -4.331  9.135   2.441   1.00 55.94 ? 231 HOH A O     1 
HETATM 729 O  O     . HOH F 5 .  ? 6.171   4.104   -5.999  1.00 48.04 ? 232 HOH A O     1 
HETATM 730 O  O     . HOH F 5 .  ? -20.129 14.191  -4.417  1.00 65.33 ? 233 HOH A O     1 
HETATM 731 O  O     . HOH F 5 .  ? -13.132 3.988   7.013   1.00 50.49 ? 234 HOH A O     1 
HETATM 732 O  O     . HOH F 5 .  ? 5.675   0.802   8.306   1.00 60.57 ? 235 HOH A O     1 
HETATM 733 O  O     . HOH F 5 .  ? 13.248  0.656   -1.274  1.00 50.33 ? 236 HOH A O     1 
HETATM 734 O  O     . HOH F 5 .  ? -1.245  8.184   7.376   1.00 54.31 ? 237 HOH A O     1 
HETATM 735 O  O     . HOH F 5 .  ? 1.416   7.335   7.075   1.00 58.60 ? 238 HOH A O     1 
HETATM 736 O  O     . HOH F 5 .  ? 12.912  -9.521  -13.583 1.00 53.48 ? 239 HOH A O     1 
HETATM 737 O  O     . HOH F 5 .  ? -14.099 -2.459  9.822   1.00 62.51 ? 240 HOH A O     1 
HETATM 738 O  O     . HOH F 5 .  ? 2.040   -1.196  -6.681  1.00 52.25 ? 241 HOH A O     1 
HETATM 739 O  O     . HOH F 5 .  ? -0.799  -2.773  -4.468  1.00 44.40 ? 242 HOH A O     1 
HETATM 740 O  O     . HOH F 5 .  ? 5.831   4.574   -9.645  1.00 56.58 ? 243 HOH A O     1 
HETATM 741 O  O     . HOH F 5 .  ? -13.182 -3.023  4.444   1.00 48.02 ? 244 HOH A O     1 
HETATM 742 O  O     . HOH F 5 .  ? 13.992  -3.935  5.791   1.00 56.61 ? 245 HOH A O     1 
HETATM 743 O  O     . HOH F 5 .  ? -15.562 3.173   7.984   1.00 62.98 ? 246 HOH A O     1 
HETATM 744 O  O     . HOH F 5 .  ? 1.060   -8.048  4.105   1.00 49.97 ? 247 HOH A O     1 
HETATM 745 O  O     . HOH F 5 .  ? 3.680   -9.067  4.010   1.00 59.46 ? 248 HOH A O     1 
HETATM 746 O  O     . HOH F 5 .  ? 7.981   -11.112 -4.433  1.00 53.76 ? 249 HOH A O     1 
HETATM 747 O  O     . HOH F 5 .  ? 4.185   0.465   -7.802  1.00 49.72 ? 250 HOH A O     1 
HETATM 748 O  O     . HOH F 5 .  ? -9.474  15.462  2.270   1.00 57.50 ? 251 HOH A O     1 
HETATM 749 O  O     . HOH F 5 .  ? 5.880   -9.991  -1.453  1.00 61.57 ? 252 HOH A O     1 
HETATM 750 O  O     . HOH F 5 .  ? -6.027  -3.856  -0.177  1.00 48.85 ? 253 HOH A O     1 
HETATM 751 O  O     . HOH F 5 .  ? 1.157   -7.071  6.749   1.00 53.22 ? 254 HOH A O     1 
HETATM 752 O  O     . HOH F 5 .  ? 3.020   -10.813 -2.523  1.00 53.99 ? 255 HOH A O     1 
HETATM 753 O  O     . HOH F 5 .  ? 13.493  -8.035  0.088   1.00 44.37 ? 256 HOH A O     1 
HETATM 754 O  O     . HOH F 5 .  ? 2.404   -2.381  -9.333  1.00 65.57 ? 257 HOH A O     1 
HETATM 755 O  O     . HOH F 5 .  ? 0.611   0.191   -4.806  1.00 46.11 ? 258 HOH A O     1 
HETATM 756 O  O     . HOH F 5 .  ? 19.918  -4.664  -6.304  1.00 63.94 ? 259 HOH A O     1 
HETATM 757 O  O     . HOH F 5 .  ? 13.998  -18.546 -13.875 1.00 42.57 ? 260 HOH A O     1 
HETATM 758 O  O     . HOH F 5 .  ? 3.642   -5.478  2.343   1.00 44.41 ? 261 HOH A O     1 
HETATM 759 O  O     . HOH F 5 .  ? 10.608  1.622   0.484   1.00 54.43 ? 262 HOH A O     1 
HETATM 760 O  O     . HOH F 5 .  ? 6.107   -3.801  10.541  1.00 59.59 ? 263 HOH A O     1 
HETATM 761 O  O     . HOH F 5 .  ? -10.067 5.052   6.542   1.00 45.29 ? 264 HOH A O     1 
HETATM 762 O  O     . HOH F 5 .  ? 4.215   1.015   -10.453 1.00 60.13 ? 265 HOH A O     1 
HETATM 763 O  O     . HOH F 5 .  ? -6.474  9.834   0.875   1.00 38.38 ? 266 HOH A O     1 
HETATM 764 O  O     . HOH F 5 .  ? 3.381   4.741   -2.309  1.00 46.39 ? 267 HOH A O     1 
HETATM 765 O  O     . HOH F 5 .  ? 4.705   -6.424  -0.058  1.00 55.89 ? 268 HOH A O     1 
HETATM 766 O  O     . HOH F 5 .  ? -3.801  2.194   -5.520  1.00 45.20 ? 269 HOH A O     1 
HETATM 767 O  O     . HOH F 5 .  ? 16.816  -0.915  -2.587  1.00 52.65 ? 270 HOH A O     1 
HETATM 768 O  O     . HOH F 5 .  ? 3.542   6.743   -0.192  1.00 46.19 ? 271 HOH A O     1 
HETATM 769 O  O     . HOH F 5 .  ? 11.840  -13.114 -1.366  1.00 57.83 ? 272 HOH A O     1 
HETATM 770 O  O     . HOH F 5 .  ? -6.913  -2.355  -2.453  1.00 57.44 ? 273 HOH A O     1 
HETATM 771 O  O     . HOH F 5 .  ? -9.931  7.102   8.637   1.00 55.73 ? 274 HOH A O     1 
HETATM 772 O  O     . HOH F 5 .  ? -3.026  -5.295  -2.683  1.00 48.06 ? 275 HOH A O     1 
HETATM 773 O  O     . HOH F 5 .  ? 8.716   5.840   -4.191  1.00 49.41 ? 276 HOH A O     1 
HETATM 774 O  O     . HOH F 5 .  ? -12.269 8.428   6.051   1.00 43.09 ? 277 HOH A O     1 
HETATM 775 O  O     . HOH F 5 .  ? 16.099  -8.142  -0.410  1.00 59.83 ? 278 HOH A O     1 
HETATM 776 O  O     . HOH F 5 .  ? 0.766   4.992   11.149  1.00 64.58 ? 279 HOH A O     1 
HETATM 777 O  O     . HOH F 5 .  ? 6.581   4.593   1.509   1.00 50.18 ? 280 HOH A O     1 
HETATM 778 O  O     . HOH F 5 .  ? -0.059  -4.666  -6.274  1.00 61.55 ? 281 HOH A O     1 
HETATM 779 O  O     . HOH F 5 .  ? 8.409   -2.965  7.695   1.00 55.96 ? 282 HOH A O     1 
HETATM 780 O  O     . HOH F 5 .  ? 11.354  -2.776  7.915   1.00 61.73 ? 283 HOH A O     1 
HETATM 781 O  O     . HOH F 5 .  ? -8.893  13.932  -0.282  1.00 49.00 ? 284 HOH A O     1 
HETATM 782 O  O     . HOH F 5 .  ? 0.694   5.167   -3.962  1.00 46.19 ? 285 HOH A O     1 
HETATM 783 O  O     . HOH F 5 .  ? -7.535  4.009   10.260  1.00 61.95 ? 286 HOH A O     1 
HETATM 784 O  O     . HOH F 5 .  ? -16.525 3.257   -4.080  1.00 58.85 ? 287 HOH A O     1 
HETATM 785 O  O     . HOH F 5 .  ? -13.532 10.925  5.434   1.00 44.76 ? 288 HOH A O     1 
HETATM 786 O  O     . HOH F 5 .  ? -1.091  2.129   -4.770  1.00 50.39 ? 289 HOH A O     1 
HETATM 787 O  O     . HOH F 5 .  ? 9.847   -15.628 -4.681  1.00 49.96 ? 290 HOH A O     1 
HETATM 788 O  O     . HOH F 5 .  ? 13.869  -7.662  2.878   1.00 57.26 ? 291 HOH A O     1 
HETATM 789 O  O     . HOH F 5 .  ? 13.631  -10.942 -0.885  1.00 62.78 ? 292 HOH A O     1 
HETATM 790 O  O     . HOH F 5 .  ? 7.604   -11.555 -7.105  1.00 56.14 ? 293 HOH A O     1 
HETATM 791 O  O     . HOH F 5 .  ? -15.392 -4.753  3.322   1.00 60.03 ? 294 HOH A O     1 
HETATM 792 O  O     . HOH F 5 .  ? 12.989  3.276   0.446   1.00 62.47 ? 295 HOH A O     1 
HETATM 793 O  O     . HOH F 5 .  ? 8.003   -0.887  9.029   1.00 70.96 ? 296 HOH A O     1 
# 
loop_
_atom_site_anisotrop.id 
_atom_site_anisotrop.type_symbol 
_atom_site_anisotrop.pdbx_label_atom_id 
_atom_site_anisotrop.pdbx_label_alt_id 
_atom_site_anisotrop.pdbx_label_comp_id 
_atom_site_anisotrop.pdbx_label_asym_id 
_atom_site_anisotrop.pdbx_label_seq_id 
_atom_site_anisotrop.pdbx_PDB_ins_code 
_atom_site_anisotrop.U[1][1] 
_atom_site_anisotrop.U[2][2] 
_atom_site_anisotrop.U[3][3] 
_atom_site_anisotrop.U[1][2] 
_atom_site_anisotrop.U[1][3] 
_atom_site_anisotrop.U[2][3] 
_atom_site_anisotrop.pdbx_auth_seq_id 
_atom_site_anisotrop.pdbx_auth_comp_id 
_atom_site_anisotrop.pdbx_auth_asym_id 
_atom_site_anisotrop.pdbx_auth_atom_id 
1   O "O5'" . C A 1  ? 0.5082 0.5494 0.6554 0.0173  -0.0287 0.0861  1  C A "O5'" 
2   C "C5'" . C A 1  ? 0.4766 0.5411 0.6217 0.0062  -0.0492 0.0801  1  C A "C5'" 
3   C "C4'" . C A 1  ? 0.4629 0.5151 0.6081 -0.0058 -0.0514 0.0695  1  C A "C4'" 
4   O "O4'" . C A 1  ? 0.4447 0.4816 0.6136 -0.0117 -0.0454 0.0640  1  C A "O4'" 
5   C "C3'" . C A 1  ? 0.4577 0.5251 0.6037 -0.0192 -0.0655 0.0617  1  C A "C3'" 
6   O "O3'" . C A 1  ? 0.4881 0.5698 0.6111 -0.0222 -0.0726 0.0598  1  C A "O3'" 
7   C "C2'" . C A 1  ? 0.4482 0.4952 0.6078 -0.0269 -0.0584 0.0555  1  C A "C2'" 
8   O "O2'" . C A 1  ? 0.4852 0.5113 0.6279 -0.0266 -0.0470 0.0532  1  C A "O2'" 
9   C "C1'" . C A 1  ? 0.4284 0.4681 0.6078 -0.0223 -0.0521 0.0585  1  C A "C1'" 
10  N N1    . C A 1  ? 0.3976 0.4515 0.5938 -0.0270 -0.0616 0.0568  1  C A N1    
11  C C2    . C A 1  ? 0.3810 0.4405 0.5929 -0.0328 -0.0652 0.0568  1  C A C2    
12  O O2    . C A 1  ? 0.3897 0.4378 0.6034 -0.0345 -0.0574 0.0577  1  C A O2    
13  N N3    . C A 1  ? 0.3649 0.4402 0.5864 -0.0345 -0.0742 0.0577  1  C A N3    
14  C C4    . C A 1  ? 0.3589 0.4389 0.5723 -0.0332 -0.0781 0.0547  1  C A C4    
15  N N4    . C A 1  ? 0.3485 0.4419 0.5634 -0.0351 -0.0861 0.0544  1  C A N4    
16  C C5    . C A 1  ? 0.3764 0.4457 0.5772 -0.0279 -0.0706 0.0540  1  C A C5    
17  C C6    . C A 1  ? 0.3921 0.4514 0.5861 -0.0236 -0.0633 0.0570  1  C A C6    
18  P P     . U A 2  ? 0.4889 0.6015 0.6169 -0.0345 -0.0886 0.0548  2  U A P     
19  O OP1   . U A 2  ? 0.5221 0.6549 0.6231 -0.0396 -0.0977 0.0509  2  U A OP1   
20  O OP2   . U A 2  ? 0.4767 0.6074 0.6256 -0.0277 -0.0928 0.0642  2  U A OP2   
21  O "O5'" . U A 2  ? 0.4784 0.5711 0.6184 -0.0500 -0.0835 0.0424  2  U A "O5'" 
22  C "C5'" . U A 2  ? 0.4903 0.5564 0.6145 -0.0586 -0.0727 0.0319  2  U A "C5'" 
23  C "C4'" . U A 2  ? 0.4726 0.5187 0.6177 -0.0663 -0.0611 0.0283  2  U A "C4'" 
24  O "O4'" . U A 2  ? 0.4472 0.4887 0.6158 -0.0543 -0.0570 0.0402  2  U A "O4'" 
25  C "C3'" . U A 2  ? 0.4634 0.5252 0.6266 -0.0763 -0.0658 0.0253  2  U A "C3'" 
26  O "O3'" . U A 2  ? 0.5065 0.5695 0.6572 -0.0958 -0.0656 0.0089  2  U A "O3'" 
27  C "C2'" . U A 2  ? 0.4469 0.4904 0.6338 -0.0713 -0.0514 0.0335  2  U A "C2'" 
28  O "O2'" . U A 2  ? 0.4780 0.4886 0.6596 -0.0779 -0.0307 0.0271  2  U A "O2'" 
29  C "C1'" . U A 2  ? 0.4269 0.4722 0.6185 -0.0566 -0.0548 0.0442  2  U A "C1'" 
30  N N1    . U A 2  ? 0.3907 0.4585 0.5934 -0.0490 -0.0672 0.0519  2  U A N1    
31  C C2    . U A 2  ? 0.3695 0.4429 0.5906 -0.0454 -0.0655 0.0602  2  U A C2    
32  O O2    . U A 2  ? 0.3685 0.4310 0.6015 -0.0459 -0.0531 0.0646  2  U A O2    
33  N N3    . U A 2  ? 0.3587 0.4489 0.5807 -0.0395 -0.0756 0.0647  2  U A N3    
34  C C4    . U A 2  ? 0.3640 0.4610 0.5745 -0.0368 -0.0826 0.0621  2  U A C4    
35  O O4    . U A 2  ? 0.3645 0.4692 0.5732 -0.0324 -0.0865 0.0647  2  U A O4    
36  C C5    . U A 2  ? 0.3708 0.4637 0.5688 -0.0378 -0.0820 0.0579  2  U A C5    
37  C C6    . U A 2  ? 0.3859 0.4669 0.5784 -0.0439 -0.0765 0.0527  2  U A C6    
38  P P     . G A 3  ? 0.5119 0.6073 0.6806 -0.1084 -0.0770 0.0048  3  G A P     
39  O OP1   . G A 3  ? 0.5476 0.6469 0.6976 -0.1334 -0.0794 -0.0177 3  G A OP1   
40  O OP2   . G A 3  ? 0.4896 0.6198 0.6691 -0.0935 -0.0930 0.0205  3  G A OP2   
41  O "O5'" . G A 3  ? 0.5051 0.5808 0.7029 -0.1089 -0.0589 0.0096  3  G A "O5'" 
42  C "C5'" . G A 3  ? 0.5251 0.5613 0.7229 -0.1167 -0.0341 0.0024  3  G A "C5'" 
43  C "C4'" . G A 3  ? 0.5136 0.5399 0.7412 -0.1074 -0.0174 0.0173  3  G A "C4'" 
44  O "O4'" . G A 3  ? 0.4817 0.5138 0.7158 -0.0841 -0.0220 0.0379  3  G A "O4'" 
45  C "C3'" . G A 3  ? 0.5039 0.5555 0.7531 -0.1096 -0.0233 0.0219  3  G A "C3'" 
46  O "O3'" . G A 3  ? 0.5529 0.6009 0.8113 -0.1345 -0.0137 0.0035  3  G A "O3'" 
47  C "C2'" . G A 3  ? 0.4790 0.5228 0.7459 -0.0887 -0.0102 0.0448  3  G A "C2'" 
48  O "O2'" . G A 3  ? 0.5029 0.5129 0.7821 -0.0913 0.0211  0.0469  3  G A "O2'" 
49  C "C1'" . G A 3  ? 0.4584 0.5042 0.7121 -0.0733 -0.0213 0.0535  3  G A "C1'" 
50  N N9    . G A 3  ? 0.4164 0.4904 0.6639 -0.0632 -0.0439 0.0595  3  G A N9    
51  C C8    . G A 3  ? 0.4021 0.4907 0.6345 -0.0656 -0.0608 0.0522  3  G A C8    
52  N N7    . G A 3  ? 0.3865 0.4913 0.6172 -0.0543 -0.0713 0.0605  3  G A N7    
53  C C5    . G A 3  ? 0.3818 0.4853 0.6226 -0.0456 -0.0648 0.0719  3  G A C5    
54  C C6    . G A 3  ? 0.3714 0.4857 0.6073 -0.0337 -0.0705 0.0811  3  G A C6    
55  O O6    . G A 3  ? 0.3822 0.5036 0.6063 -0.0299 -0.0788 0.0795  3  G A O6    
56  N N1    . G A 3  ? 0.3627 0.4768 0.6056 -0.0255 -0.0620 0.0937  3  G A N1    
57  C C2    . G A 3  ? 0.3785 0.4805 0.6371 -0.0258 -0.0455 0.1000  3  G A C2    
58  N N2    . G A 3  ? 0.3958 0.5025 0.6599 -0.0120 -0.0364 0.1184  3  G A N2    
59  N N3    . G A 3  ? 0.3941 0.4785 0.6593 -0.0382 -0.0354 0.0896  3  G A N3    
60  C C4    . G A 3  ? 0.3966 0.4841 0.6497 -0.0486 -0.0481 0.0743  3  G A C4    
61  P P     . G A 4  ? 0.5541 0.6361 0.8395 -0.1418 -0.0219 0.0051  4  G A P     
62  O OP1   . G A 4  ? 0.5896 0.6698 0.8863 -0.1748 -0.0130 -0.0201 4  G A OP1   
63  O OP2   . G A 4  ? 0.5241 0.6460 0.8061 -0.1273 -0.0488 0.0173  4  G A OP2   
64  O "O5'" . G A 4  ? 0.5474 0.6093 0.8560 -0.1247 0.0028  0.0258  4  G A "O5'" 
65  C "C5'" . G A 4  ? 0.4956 0.5811 0.8191 -0.1098 -0.0032 0.0435  4  G A "C5'" 
66  C "C4'" . G A 4  ? 0.4629 0.5292 0.7933 -0.0874 0.0176  0.0666  4  G A "C4'" 
67  O "O4'" . G A 4  ? 0.4318 0.4998 0.7401 -0.0674 0.0049  0.0784  4  G A "O4'" 
68  C "C3'" . G A 4  ? 0.4411 0.5255 0.7845 -0.0748 0.0182  0.0826  4  G A "C3'" 
69  O "O3'" . G A 4  ? 0.4594 0.5331 0.8339 -0.0859 0.0441  0.0816  4  G A "O3'" 
70  C "C2'" . G A 4  ? 0.4295 0.5111 0.7550 -0.0463 0.0181  0.1054  4  G A "C2'" 
71  O "O2'" . G A 4  ? 0.4579 0.5162 0.7949 -0.0361 0.0471  0.1206  4  G A "O2'" 
72  C "C1'" . G A 4  ? 0.4085 0.4922 0.7121 -0.0469 -0.0017 0.0970  4  G A "C1'" 
73  N N9    . G A 4  ? 0.3721 0.4783 0.6597 -0.0469 -0.0276 0.0905  4  G A N9    
74  C C8    . G A 4  ? 0.3625 0.4792 0.6444 -0.0603 -0.0428 0.0749  4  G A C8    
75  N N7    . G A 4  ? 0.3472 0.4802 0.6166 -0.0520 -0.0581 0.0778  4  G A N7    
76  C C5    . G A 4  ? 0.3487 0.4791 0.6117 -0.0356 -0.0537 0.0917  4  G A C5    
77  C C6    . G A 4  ? 0.3506 0.4867 0.5957 -0.0233 -0.0605 0.0972  4  G A C6    
78  O O6    . G A 4  ? 0.3616 0.5043 0.5984 -0.0224 -0.0687 0.0933  4  G A O6    
79  N N1    . G A 4  ? 0.3563 0.4875 0.5910 -0.0106 -0.0536 0.1085  4  G A N1    
80  C C2    . G A 4  ? 0.3698 0.4951 0.6137 -0.0056 -0.0408 0.1192  4  G A C2    
81  N N2    . G A 4  ? 0.3954 0.5222 0.6219 0.0102  -0.0368 0.1331  4  G A N2    
82  N N3    . G A 4  ? 0.3652 0.4816 0.6310 -0.0146 -0.0296 0.1172  4  G A N3    
83  C C4    . G A 4  ? 0.3619 0.4797 0.6344 -0.0313 -0.0373 0.1007  4  G A C4    
84  P P     . G A 5  ? 0.4440 0.5466 0.8446 -0.0931 0.0401  0.0820  5  G A P     
85  O OP1   . G A 5  ? 0.4730 0.5580 0.9114 -0.1097 0.0725  0.0772  5  G A OP1   
86  O OP2   . G A 5  ? 0.4349 0.5737 0.8297 -0.1060 0.0080  0.0678  5  G A OP2   
87  O "O5'" . G A 5  ? 0.4447 0.5511 0.8297 -0.0603 0.0405  0.1094  5  G A "O5'" 
88  C "C5'" . G A 5  ? 0.4567 0.5395 0.8373 -0.0386 0.0655  0.1311  5  G A "C5'" 
89  C "C4'" . G A 5  ? 0.4476 0.5401 0.8002 -0.0115 0.0575  0.1509  5  G A "C4'" 
90  O "O4'" . G A 5  ? 0.4183 0.5226 0.7372 -0.0074 0.0279  0.1443  5  G A "O4'" 
91  C "C3'" . G A 5  ? 0.4543 0.5625 0.8179 -0.0098 0.0578  0.1549  5  G A "C3'" 
92  O "O3'" . G A 5  ? 0.4998 0.5952 0.8893 -0.0033 0.0904  0.1701  5  G A "O3'" 
93  C "C2'" . G A 5  ? 0.4391 0.5525 0.7582 0.0105  0.0410  0.1627  5  G A "C2'" 
94  O "O2'" . G A 5  ? 0.4680 0.5685 0.7636 0.0345  0.0568  0.1838  5  G A "O2'" 
95  C "C1'" . G A 5  ? 0.4096 0.5256 0.7079 0.0042  0.0175  0.1494  5  G A "C1'" 
96  N N9    . G A 5  ? 0.3660 0.4977 0.6622 -0.0082 -0.0048 0.1334  5  G A N9    
97  C C8    . G A 5  ? 0.3530 0.4950 0.6694 -0.0291 -0.0138 0.1175  5  G A C8    
98  N N7    . G A 5  ? 0.3406 0.4988 0.6479 -0.0310 -0.0319 0.1112  5  G A N7    
99  C C5    . G A 5  ? 0.3432 0.4953 0.6241 -0.0126 -0.0319 0.1208  5  G A C5    
100 C C6    . G A 5  ? 0.3410 0.4971 0.6033 -0.0057 -0.0407 0.1199  5  G A C6    
101 O O6    . G A 5  ? 0.3322 0.5021 0.5994 -0.0109 -0.0512 0.1148  5  G A O6    
102 N N1    . G A 5  ? 0.3559 0.4963 0.5885 0.0092  -0.0335 0.1262  5  G A N1    
103 C C2    . G A 5  ? 0.3736 0.5026 0.5929 0.0185  -0.0230 0.1351  5  G A C2    
104 N N2    . G A 5  ? 0.4127 0.5288 0.5942 0.0306  -0.0192 0.1373  5  G A N2    
105 N N3    . G A 5  ? 0.3646 0.4932 0.6031 0.0170  -0.0142 0.1414  5  G A N3    
106 C C4    . G A 5  ? 0.3551 0.4925 0.6257 0.0002  -0.0174 0.1328  5  G A C4    
107 P P     . U A 6  ? 0.5175 0.6286 0.9457 -0.0107 0.1015  0.1725  6  U A P     
108 O OP1   . U A 6  ? 0.5414 0.6401 1.0187 -0.0287 0.1313  0.1686  6  U A OP1   
109 O OP2   . U A 6  ? 0.4857 0.6290 0.9157 -0.0219 0.0720  0.1600  6  U A OP2   
110 O "O5'" . U A 6  ? 0.5223 0.6210 0.9236 0.0219  0.1191  0.1994  6  U A "O5'" 
111 C "C5'" . U A 6  ? 0.5361 0.6087 0.9273 0.0427  0.1485  0.2207  6  U A "C5'" 
112 C "C4'" . U A 6  ? 0.5401 0.6059 0.8826 0.0740  0.1531  0.2416  6  U A "C4'" 
113 O "O4'" . U A 6  ? 0.5272 0.6018 0.8164 0.0796  0.1203  0.2335  6  U A "O4'" 
114 C "C3'" . U A 6  ? 0.5288 0.5997 0.8758 0.0788  0.1595  0.2462  6  U A "C3'" 
115 O "O3'" . U A 6  ? 0.5422 0.6035 0.9331 0.0824  0.1969  0.2620  6  U A "O3'" 
116 C "C2'" . U A 6  ? 0.5521 0.6133 0.8273 0.1040  0.1516  0.2551  6  U A "C2'" 
117 O "O2'" . U A 6  ? 0.5975 0.6401 0.8480 0.1304  0.1789  0.2806  6  U A "O2'" 
118 C "C1'" . U A 6  ? 0.5319 0.6044 0.7799 0.0948  0.1173  0.2385  6  U A "C1'" 
119 N N1    . U A 6  ? 0.4937 0.5792 0.7348 0.0799  0.0898  0.2172  6  U A N1    
120 C C2    . U A 6  ? 0.5095 0.5870 0.6984 0.0917  0.0835  0.2156  6  U A C2    
121 O O2    . U A 6  ? 0.5508 0.6144 0.6962 0.1115  0.0957  0.2285  6  U A O2    
122 N N3    . U A 6  ? 0.4875 0.5718 0.6733 0.0800  0.0652  0.1985  6  U A N3    
123 C C4    . U A 6  ? 0.4460 0.5494 0.6731 0.0607  0.0504  0.1863  6  U A C4    
124 O O4    . U A 6  ? 0.4384 0.5455 0.6563 0.0564  0.0385  0.1763  6  U A O4    
125 C C5    . U A 6  ? 0.4313 0.5460 0.7059 0.0474  0.0536  0.1864  6  U A C5    
126 C C6    . U A 6  ? 0.4552 0.5577 0.7364 0.0560  0.0744  0.2002  6  U A C6    
127 P P     . C A 7  ? 0.5296 0.6118 0.9740 0.0691  0.2032  0.2599  7  C A P     
128 O OP1   . C A 7  ? 0.5553 0.6203 1.0345 0.0810  0.2485  0.2824  7  C A OP1   
129 O OP2   . C A 7  ? 0.4956 0.6100 0.9826 0.0346  0.1762  0.2342  7  C A OP2   
130 O "O5'" . C A 7  ? 0.5190 0.6032 0.9143 0.0859  0.1886  0.2627  7  C A "O5'" 
131 C "C5'" . C A 7  ? 0.5464 0.6023 0.8875 0.1164  0.2090  0.2817  7  C A "C5'" 
132 C "C4'" . C A 7  ? 0.5413 0.5948 0.8335 0.1234  0.1921  0.2740  7  C A "C4'" 
133 O "O4'" . C A 7  ? 0.5162 0.5815 0.7821 0.1089  0.1537  0.2513  7  C A "O4'" 
134 C "C3'" . C A 7  ? 0.5191 0.5915 0.8551 0.1176  0.1964  0.2760  7  C A "C3'" 
135 O "O3'" . C A 7  ? 0.5516 0.6078 0.9000 0.1369  0.2352  0.2994  7  C A "O3'" 
136 C "C2'" . C A 7  ? 0.5248 0.5932 0.8107 0.1178  0.1724  0.2607  7  C A "C2'" 
137 O "O2'" . C A 7  ? 0.5806 0.6112 0.7971 0.1399  0.1901  0.2663  7  C A "O2'" 
138 C "C1'" . C A 7  ? 0.4973 0.5716 0.7599 0.1039  0.1405  0.2415  7  C A "C1'" 
139 N N1    . C A 7  ? 0.4500 0.5584 0.7621 0.0793  0.1156  0.2272  7  C A N1    
140 C C2    . C A 7  ? 0.4364 0.5572 0.7418 0.0744  0.0973  0.2174  7  C A C2    
141 O O2    . C A 7  ? 0.4572 0.5548 0.7171 0.0884  0.1042  0.2181  7  C A O2    
142 N N3    . C A 7  ? 0.4088 0.5637 0.7538 0.0548  0.0750  0.2070  7  C A N3    
143 C C4    . C A 7  ? 0.3836 0.5582 0.7717 0.0361  0.0699  0.2014  7  C A C4    
144 N N4    . C A 7  ? 0.3472 0.5555 0.7643 0.0158  0.0468  0.1888  7  C A N4    
145 C C5    . C A 7  ? 0.3967 0.5539 0.7965 0.0380  0.0921  0.2088  7  C A C5    
146 C C6    . C A 7  ? 0.4248 0.5509 0.7875 0.0618  0.1146  0.2240  7  C A C6    
147 P P     . G A 8  ? 0.5268 0.6154 0.9708 0.1271  0.2543  0.3130  8  G A P     
148 O OP1   . G A 8  ? 0.5696 0.6303 1.0111 0.1535  0.2996  0.3397  8  G A OP1   
149 O OP2   . G A 8  ? 0.5035 0.6187 1.0082 0.0998  0.2442  0.3020  8  G A OP2   
150 O "O5'" . G A 8  ? 0.4901 0.6117 0.9524 0.1190  0.2313  0.3065  8  G A "O5'" 
151 C "C5'" . G A 8  ? 0.5162 0.6121 0.9276 0.1398  0.2413  0.3124  8  G A "C5'" 
152 C "C4'" . G A 8  ? 0.4897 0.6179 0.9184 0.1309  0.2165  0.3053  8  G A "C4'" 
153 O "O4'" . G A 8  ? 0.4647 0.6020 0.8680 0.1118  0.1769  0.2792  8  G A "O4'" 
154 C "C3'" . G A 8  ? 0.4716 0.6627 0.9942 0.1185  0.2111  0.3177  8  G A "C3'" 
155 O "O3'" . G A 8  ? 0.5186 0.7137 1.0772 0.1387  0.2462  0.3469  8  G A "O3'" 
156 C "C2'" . G A 8  ? 0.4386 0.6583 0.9543 0.1074  0.1749  0.3035  8  G A "C2'" 
157 O "O2'" . G A 8  ? 0.4576 0.6577 0.9442 0.1293  0.1903  0.3152  8  G A "O2'" 
158 C "C1'" . G A 8  ? 0.4398 0.6268 0.8907 0.0970  0.1525  0.2760  8  G A "C1'" 
159 N N9    . G A 8  ? 0.4098 0.6297 0.8984 0.0694  0.1273  0.2603  8  G A N9    
160 C C8    . G A 8  ? 0.4170 0.6292 0.9238 0.0583  0.1356  0.2559  8  G A C8    
161 N N7    . G A 8  ? 0.3886 0.6312 0.9288 0.0306  0.1127  0.2385  8  G A N7    
162 C C5    . G A 8  ? 0.3720 0.6493 0.9148 0.0245  0.0848  0.2326  8  G A C5    
163 C C6    . G A 8  ? 0.3633 0.6826 0.9281 -0.0010 0.0525  0.2151  8  G A C6    
164 O O6    . G A 8  ? 0.3676 0.6990 0.9544 -0.0277 0.0421  0.1966  8  G A O6    
165 N N1    . G A 8  ? 0.3421 0.6875 0.8980 0.0073  0.0349  0.2207  8  G A N1    
166 C C2    . G A 8  ? 0.3408 0.6689 0.8729 0.0352  0.0502  0.2395  8  G A C2    
167 N N2    . G A 8  ? 0.3210 0.6751 0.8502 0.0419  0.0357  0.2454  8  G A N2    
168 N N3    . G A 8  ? 0.3631 0.6473 0.8720 0.0556  0.0812  0.2516  8  G A N3    
169 C C4    . G A 8  ? 0.3808 0.6449 0.8957 0.0496  0.0951  0.2481  8  G A C4    
170 P P     . C A 9  ? 0.5241 0.4940 0.8813 0.1097  0.2478  0.1067  9  C A P     
171 O OP1   . C A 9  ? 0.5361 0.5104 0.9121 0.1265  0.2626  0.1314  9  C A OP1   
172 O OP2   . C A 9  ? 0.5740 0.4774 0.9159 0.1088  0.2852  0.0971  9  C A OP2   
173 O "O5'" . C A 9  ? 0.4785 0.5303 0.8885 0.0655  0.2194  0.0797  9  C A "O5'" 
174 C "C5'" . C A 9  ? 0.4714 0.5518 0.9484 0.0276  0.2392  0.0583  9  C A "C5'" 
175 C "C4'" . C A 9  ? 0.4255 0.6031 0.9446 -0.0023 0.1983  0.0376  9  C A "C4'" 
176 O "O4'" . C A 9  ? 0.3869 0.6190 0.9302 0.0163  0.1798  0.0620  9  C A "O4'" 
177 C "C3'" . C A 9  ? 0.3983 0.5950 0.8693 -0.0036 0.1589  0.0266  9  C A "C3'" 
178 O "O3'" . C A 9  ? 0.4239 0.6013 0.8874 -0.0312 0.1668  -0.0074 9  C A "O3'" 
179 C "C2'" . C A 9  ? 0.3746 0.6643 0.8742 -0.0104 0.1190  0.0273  9  C A "C2'" 
180 O "O2'" . C A 9  ? 0.3735 0.7262 0.9311 -0.0507 0.1121  -0.0085 9  C A "O2'" 
181 C "C1'" . C A 9  ? 0.3618 0.6572 0.8911 0.0153  0.1322  0.0590  9  C A "C1'" 
182 N N1    . C A 9  ? 0.3392 0.6092 0.8154 0.0547  0.1193  0.0929  9  C A N1    
183 C C2    . C A 9  ? 0.3236 0.6493 0.7901 0.0635  0.0826  0.1032  9  C A C2    
184 O O2    . C A 9  ? 0.3224 0.7202 0.8176 0.0424  0.0575  0.0841  9  C A O2    
185 N N3    . C A 9  ? 0.3189 0.6139 0.7405 0.0959  0.0771  0.1324  9  C A N3    
186 C C4    . C A 9  ? 0.3352 0.5586 0.7251 0.1170  0.1006  0.1461  9  C A C4    
187 N N4    . C A 9  ? 0.3603 0.5556 0.7089 0.1437  0.0946  0.1686  9  C A N4    
188 C C5    . C A 9  ? 0.3382 0.5121 0.7326 0.1136  0.1328  0.1372  9  C A C5    
189 C C6    . C A 9  ? 0.3461 0.5410 0.7835 0.0832  0.1440  0.1132  9  C A C6    
190 P P     . A A 10 ? 0.4264 0.5703 0.8231 -0.0192 0.1542  -0.0126 10 A A P     
191 O OP1   . A A 10 ? 0.4621 0.5921 0.8650 -0.0520 0.1683  -0.0520 10 A A OP1   
192 O OP2   . A A 10 ? 0.4139 0.4963 0.7691 0.0223  0.1681  0.0164  10 A A OP2   
193 O "O5'" . A A 10 ? 0.3976 0.6082 0.7750 -0.0177 0.1084  -0.0069 10 A A "O5'" 
194 C "C5'" . A A 10 ? 0.3960 0.6796 0.7949 -0.0457 0.0812  -0.0297 10 A A "C5'" 
195 C "C4'" . A A 10 ? 0.3751 0.7031 0.7432 -0.0274 0.0456  -0.0073 10 A A "C4'" 
196 O "O4'" . A A 10 ? 0.3523 0.6769 0.7333 0.0019  0.0481  0.0295  10 A A "O4'" 
197 C "C3'" . A A 10 ? 0.3707 0.6644 0.6748 -0.0144 0.0415  -0.0001 10 A A "C3'" 
198 O "O3'" . A A 10 ? 0.3997 0.7165 0.6775 -0.0363 0.0289  -0.0285 10 A A "O3'" 
199 C "C2'" . A A 10 ? 0.3624 0.6685 0.6460 0.0131  0.0252  0.0369  10 A A "C2'" 
200 O "O2'" . A A 10 ? 0.3893 0.7551 0.6593 0.0101  -0.0041 0.0381  10 A A "O2'" 
201 C "C1'" . A A 10 ? 0.3517 0.6605 0.6820 0.0266  0.0353  0.0551  10 A A "C1'" 
202 N N9    . A A 10 ? 0.3377 0.5838 0.6555 0.0513  0.0575  0.0759  10 A A N9    
203 C C8    . A A 10 ? 0.3492 0.5437 0.6734 0.0553  0.0856  0.0705  10 A A C8    
204 N N7    . A A 10 ? 0.3402 0.4916 0.6424 0.0837  0.0954  0.0920  10 A A N7    
205 C C5    . A A 10 ? 0.3361 0.5080 0.6225 0.0951  0.0760  0.1113  10 A A C5    
206 C C6    . A A 10 ? 0.3588 0.5003 0.6186 0.1206  0.0768  0.1337  10 A A C6    
207 N N6    . A A 10 ? 0.3850 0.4759 0.6268 0.1412  0.0927  0.1392  10 A A N6    
208 N N1    . A A 10 ? 0.3595 0.5194 0.6045 0.1261  0.0617  0.1497  10 A A N1    
209 C C2    . A A 10 ? 0.3510 0.5625 0.6031 0.1121  0.0435  0.1465  10 A A C2    
210 N N3    . A A 10 ? 0.3414 0.5938 0.6160 0.0882  0.0355  0.1232  10 A A N3    
211 C C4    . A A 10 ? 0.3436 0.5711 0.6376 0.0781  0.0542  0.1049  10 A A C4    
212 P P     . G A 11 ? 0.4212 0.6884 0.6620 -0.0415 0.0482  -0.0484 11 G A P     
213 O OP1   . G A 11 ? 0.4587 0.7614 0.6704 -0.0640 0.0322  -0.0768 11 G A OP1   
214 O OP2   . G A 11 ? 0.4372 0.6491 0.7015 -0.0401 0.0806  -0.0574 11 G A OP2   
215 O "O5'" . G A 11 ? 0.3948 0.6395 0.6001 -0.0149 0.0475  -0.0185 11 G A "O5'" 
216 C "C5'" . G A 11 ? 0.4070 0.6790 0.5767 -0.0098 0.0286  -0.0020 11 G A "C5'" 
217 C "C4'" . G A 11 ? 0.4341 0.6791 0.5680 -0.0060 0.0413  -0.0017 11 G A "C4'" 
218 O "O4'" . G A 11 ? 0.3858 0.5942 0.5367 0.0117  0.0549  0.0101  11 G A "O4'" 
219 C "C3'" . G A 11 ? 0.4970 0.7340 0.6169 -0.0226 0.0547  -0.0358 11 G A "C3'" 
220 O "O3'" . G A 11 ? 0.5190 0.7564 0.5977 -0.0238 0.0603  -0.0338 11 G A "O3'" 
221 C "C2'" . G A 11 ? 0.4007 0.5980 0.5478 -0.0106 0.0759  -0.0417 11 G A "C2'" 
222 O "O2'" . G A 11 ? 0.4164 0.5985 0.5512 -0.0118 0.0940  -0.0627 11 G A "O2'" 
223 C "C1'" . G A 11 ? 0.3869 0.5740 0.5398 0.0107  0.0724  -0.0120 11 G A "C1'" 
224 N N9    . G A 11 ? 0.3727 0.5294 0.5502 0.0301  0.0821  -0.0075 11 G A N9    
225 C C8    . G A 11 ? 0.3850 0.5154 0.5764 0.0333  0.0989  -0.0231 11 G A C8    
226 N N7    . G A 11 ? 0.3819 0.4822 0.5814 0.0587  0.1066  -0.0100 11 G A N7    
227 C C5    . G A 11 ? 0.3569 0.4678 0.5505 0.0693  0.0920  0.0103  11 G A C5    
228 C C6    . G A 11 ? 0.3727 0.4623 0.5637 0.0958  0.0906  0.0265  11 G A C6    
229 O O6    . G A 11 ? 0.4000 0.4579 0.5883 0.1204  0.1009  0.0305  11 G A O6    
230 N N1    . G A 11 ? 0.3552 0.4569 0.5381 0.0946  0.0776  0.0394  11 G A N1    
231 C C2    . G A 11 ? 0.3473 0.4731 0.5222 0.0743  0.0702  0.0422  11 G A C2    
232 N N2    . G A 11 ? 0.3436 0.4632 0.5079 0.0779  0.0653  0.0574  11 G A N2    
233 N N3    . G A 11 ? 0.3484 0.4961 0.5189 0.0542  0.0700  0.0310  11 G A N3    
234 C C4    . G A 11 ? 0.3573 0.4990 0.5393 0.0512  0.0794  0.0128  11 G A C4    
235 P P     . U A 12 ? 0.5867 0.8552 0.6126 -0.0335 0.0459  -0.0350 12 U A P     
236 O OP1   . U A 12 ? 0.6104 0.9145 0.6490 -0.0459 0.0236  -0.0535 12 U A OP1   
237 O OP2   . U A 12 ? 0.6359 0.8917 0.6237 -0.0413 0.0668  -0.0508 12 U A OP2   
238 O "O5'" . U A 12 ? 0.6198 0.8888 0.6265 -0.0152 0.0374  0.0073  12 U A "O5'" 
239 C "C5'" . U A 12 ? 0.6888 0.9704 0.6345 -0.0101 0.0304  0.0238  12 U A "C5'" 
240 C "C4'" . U A 12 ? 0.7160 0.9596 0.6350 -0.0032 0.0561  0.0487  12 U A "C4'" 
241 O "O4'" . U A 12 ? 0.6642 0.8859 0.6196 0.0094  0.0579  0.0722  12 U A "O4'" 
242 C "C3'" . U A 12 ? 0.7384 0.9615 0.6650 -0.0179 0.0868  0.0264  12 U A "C3'" 
243 O "O3'" . U A 12 ? 0.8343 1.0341 0.7156 -0.0187 0.1121  0.0448  12 U A "O3'" 
244 C "C2'" . U A 12 ? 0.6533 0.8610 0.6419 -0.0135 0.0916  0.0263  12 U A "C2'" 
245 O "O2'" . U A 12 ? 0.6532 0.8486 0.6625 -0.0203 0.1172  0.0146  12 U A "O2'" 
246 C "C1'" . U A 12 ? 0.6252 0.8200 0.6079 0.0014  0.0821  0.0621  12 U A "C1'" 
247 N N1    . U A 12 ? 0.5306 0.7142 0.5612 0.0115  0.0758  0.0660  12 U A N1    
248 C C2    . U A 12 ? 0.5111 0.6642 0.5420 0.0175  0.0867  0.0858  12 U A C2    
249 O O2    . U A 12 ? 0.5484 0.6807 0.5462 0.0130  0.1043  0.1003  12 U A O2    
250 N N3    . U A 12 ? 0.4590 0.6001 0.5250 0.0286  0.0806  0.0869  12 U A N3    
251 C C4    . U A 12 ? 0.4220 0.5749 0.5198 0.0365  0.0684  0.0752  12 U A C4    
252 O O4    . U A 12 ? 0.3995 0.5342 0.5161 0.0500  0.0668  0.0802  12 U A O4    
253 C C5    . U A 12 ? 0.4249 0.6047 0.5251 0.0276  0.0622  0.0568  12 U A C5    
254 C C6    . U A 12 ? 0.4737 0.6694 0.5421 0.0144  0.0643  0.0504  12 U A C6    
255 P P     . N A 13 ? 0.9544 1.1569 0.7604 -0.0241 0.1250  0.0387  13 N A P     
256 O OP1   . N A 13 ? 1.0230 1.1910 0.7739 -0.0148 0.1480  0.0769  13 N A OP1   
257 O OP2   . N A 13 ? 0.9773 1.2172 0.7600 -0.0223 0.0901  0.0213  13 N A OP2   
258 O "O5'" . N A 13 ? 0.9444 1.1431 0.7772 -0.0414 0.1568  0.0048  13 N A "O5'" 
259 O "O3'" . N A 13 ? 1.1975 1.2960 0.9508 -0.0465 0.2525  0.0842  13 N A "O3'" 
260 P P     . N A 14 ? 1.1907 1.2507 0.9806 -0.0616 0.2921  0.0981  14 N A P     
261 O OP1   . N A 14 ? 1.3110 1.3175 1.0188 -0.0600 0.3354  0.1323  14 N A OP1   
262 O OP2   . N A 14 ? 1.1430 1.2354 1.0220 -0.0833 0.3055  0.0587  14 N A OP2   
263 O "O5'" . N A 14 ? 1.1165 1.1638 0.9317 -0.0470 0.2613  0.1179  14 N A "O5'" 
264 C "C5'" . N A 14 ? 0.9768 1.0523 0.8709 -0.0492 0.2348  0.0943  14 N A "C5'" 
265 C "C4'" . N A 14 ? 0.9213 0.9688 0.8234 -0.0355 0.2202  0.1183  14 N A "C4'" 
266 O "O4'" . N A 14 ? 0.9247 0.9776 0.7804 -0.0082 0.1895  0.1441  14 N A "O4'" 
267 C "C3'" . N A 14 ? 0.8115 0.8787 0.7852 -0.0352 0.1970  0.0963  14 N A "C3'" 
268 O "O3'" . N A 14 ? 0.7711 0.8304 0.7932 -0.0564 0.2202  0.0764  14 N A "O3'" 
269 C "C2'" . N A 14 ? 0.8120 0.8586 0.7683 -0.0106 0.1742  0.1257  14 N A "C2'" 
270 O "O2'" . N A 14 ? 0.8534 0.8446 0.7967 -0.0117 0.1982  0.1467  14 N A "O2'" 
271 C "C1'" . N A 14 ? 0.8621 0.9191 0.7558 0.0060  0.1626  0.1486  14 N A "C1'" 
272 P P     . C A 15 ? 0.6788 0.7899 0.7743 -0.0648 0.2103  0.0328  15 C A P     
273 O OP1   . C A 15 ? 0.6964 0.8059 0.8377 -0.0904 0.2368  0.0132  15 C A OP1   
274 O OP2   . C A 15 ? 0.6625 0.8084 0.7506 -0.0620 0.2080  0.0185  15 C A OP2   
275 O "O5'" . C A 15 ? 0.5988 0.7150 0.7174 -0.0425 0.1730  0.0311  15 C A "O5'" 
276 C "C5'" . C A 15 ? 0.5863 0.6654 0.7026 -0.0381 0.1700  0.0447  15 C A "C5'" 
277 C "C4'" . C A 15 ? 0.5194 0.6092 0.6570 -0.0154 0.1387  0.0380  15 C A "C4'" 
278 O "O4'" . C A 15 ? 0.4939 0.5884 0.6067 0.0043  0.1206  0.0573  15 C A "O4'" 
279 C "C3'" . C A 15 ? 0.4720 0.6062 0.6554 -0.0109 0.1253  0.0038  15 C A "C3'" 
280 O "O3'" . C A 15 ? 0.4807 0.6269 0.7027 -0.0224 0.1281  -0.0226 15 C A "O3'" 
281 C "C2'" . C A 15 ? 0.4381 0.5687 0.6144 0.0181  0.1005  0.0128  15 C A "C2'" 
282 O "O2'" . C A 15 ? 0.4550 0.5581 0.6286 0.0297  0.0919  0.0183  15 C A "O2'" 
283 C "C1'" . C A 15 ? 0.4407 0.5580 0.5803 0.0198  0.1012  0.0411  15 C A "C1'" 
284 N N1    . C A 15 ? 0.4169 0.5614 0.5546 0.0176  0.0998  0.0311  15 C A N1    
285 C C2    . C A 15 ? 0.3869 0.5405 0.5406 0.0334  0.0875  0.0214  15 C A C2    
286 O O2    . C A 15 ? 0.3823 0.5228 0.5472 0.0514  0.0783  0.0244  15 C A O2    
287 N N3    . C A 15 ? 0.3763 0.5452 0.5275 0.0291  0.0901  0.0086  15 C A N3    
288 C C4    . C A 15 ? 0.3977 0.5780 0.5277 0.0118  0.1008  0.0045  15 C A C4    
289 N N4    . C A 15 ? 0.4015 0.5920 0.5250 0.0072  0.1038  -0.0127 15 C A N4    
290 C C5    . C A 15 ? 0.4316 0.6045 0.5397 -0.0015 0.1136  0.0173  15 C A C5    
291 C C6    . C A 15 ? 0.4349 0.5878 0.5500 0.0011  0.1144  0.0309  15 C A C6    
292 P P     . C A 16 ? 0.4681 0.6769 0.7445 -0.0221 0.1223  -0.0610 16 C A P     
293 O OP1   . C A 16 ? 0.4885 0.7140 0.8063 -0.0395 0.1228  -0.0900 16 C A OP1   
294 O OP2   . C A 16 ? 0.4627 0.6942 0.7416 -0.0337 0.1430  -0.0636 16 C A OP2   
295 O "O5'" . C A 16 ? 0.4327 0.6514 0.7047 0.0169  0.0929  -0.0613 16 C A "O5'" 
296 C "C5'" . C A 16 ? 0.4399 0.6470 0.7087 0.0376  0.0713  -0.0648 16 C A "C5'" 
297 C "C4'" . C A 16 ? 0.4248 0.6432 0.6892 0.0764  0.0530  -0.0663 16 C A "C4'" 
298 O "O4'" . C A 16 ? 0.4163 0.6054 0.6512 0.0840  0.0597  -0.0402 16 C A "O4'" 
299 C "C3'" . C A 16 ? 0.4183 0.6907 0.7190 0.0896  0.0498  -0.0917 16 C A "C3'" 
300 O "O3'" . C A 16 ? 0.4192 0.7377 0.7551 0.0973  0.0320  -0.1223 16 C A "O3'" 
301 C "C2'" . C A 16 ? 0.4189 0.6680 0.6926 0.1258  0.0455  -0.0763 16 C A "C2'" 
302 O "O2'" . C A 16 ? 0.4419 0.6755 0.6955 0.1597  0.0264  -0.0734 16 C A "O2'" 
303 C "C1'" . C A 16 ? 0.4059 0.6092 0.6471 0.1081  0.0581  -0.0480 16 C A "C1'" 
304 N N1    . C A 16 ? 0.3943 0.6047 0.6359 0.0901  0.0754  -0.0484 16 C A N1    
305 C C2    . C A 16 ? 0.3860 0.5916 0.6251 0.1090  0.0815  -0.0526 16 C A C2    
306 O O2    . C A 16 ? 0.3938 0.5880 0.6296 0.1431  0.0744  -0.0520 16 C A O2    
307 N N3    . C A 16 ? 0.3759 0.5834 0.6096 0.0916  0.0976  -0.0579 16 C A N3    
308 C C4    . C A 16 ? 0.3662 0.5822 0.5914 0.0605  0.1058  -0.0556 16 C A C4    
309 N N4    . C A 16 ? 0.3743 0.5912 0.5849 0.0469  0.1203  -0.0633 16 C A N4    
310 C C5    . C A 16 ? 0.3731 0.5899 0.5977 0.0440  0.1026  -0.0456 16 C A C5    
311 C C6    . C A 16 ? 0.3871 0.5994 0.6227 0.0576  0.0883  -0.0437 16 C A C6    
312 P P     . C A 17 ? 0.4494 0.7042 0.7469 0.0591  -0.0214 -0.1028 17 C A P     
313 O OP1   . C A 17 ? 0.4648 0.7083 0.7238 0.0605  -0.0172 -0.1020 17 C A OP1   
314 O OP2   . C A 17 ? 0.4466 0.6653 0.7409 0.0635  -0.0488 -0.0960 17 C A OP2   
315 O "O5'" . C A 17 ? 0.4348 0.7020 0.7269 0.0387  0.0006  -0.0840 17 C A "O5'" 
316 C "C5'" . C A 17 ? 0.4551 0.7409 0.7324 0.0248  0.0292  -0.0856 17 C A "C5'" 
317 C "C4'" . C A 17 ? 0.4607 0.7388 0.7217 0.0047  0.0415  -0.0658 17 C A "C4'" 
318 O "O4'" . C A 17 ? 0.4425 0.7452 0.7521 -0.0003 0.0451  -0.0747 17 C A "O4'" 
319 C "C3'" . C A 17 ? 0.4521 0.6948 0.6849 0.0056  0.0224  -0.0407 17 C A "C3'" 
320 O "O3'" . C A 17 ? 0.4795 0.6981 0.6644 0.0057  0.0190  -0.0307 17 C A "O3'" 
321 C "C2'" . C A 17 ? 0.4519 0.6930 0.6895 -0.0102 0.0308  -0.0292 17 C A "C2'" 
322 O "O2'" . C A 17 ? 0.4980 0.7264 0.6925 -0.0293 0.0514  -0.0224 17 C A "O2'" 
323 C "C1'" . C A 17 ? 0.4327 0.7118 0.7276 -0.0098 0.0384  -0.0511 17 C A "C1'" 
324 N N1    . C A 17 ? 0.3883 0.6630 0.7171 0.0031  0.0135  -0.0522 17 C A N1    
325 C C2    . C A 17 ? 0.3679 0.6320 0.7025 -0.0063 0.0093  -0.0382 17 C A C2    
326 O O2    . C A 17 ? 0.3665 0.6228 0.6763 -0.0239 0.0246  -0.0242 17 C A O2    
327 N N3    . C A 17 ? 0.3489 0.6026 0.7073 0.0032  -0.0134 -0.0402 17 C A N3    
328 C C4    . C A 17 ? 0.3462 0.5919 0.7151 0.0208  -0.0339 -0.0546 17 C A C4    
329 N N4    . C A 17 ? 0.3475 0.5677 0.7243 0.0275  -0.0590 -0.0553 17 C A N4    
330 C C5    . C A 17 ? 0.3558 0.6102 0.7194 0.0314  -0.0318 -0.0692 17 C A C5    
331 C C6    . C A 17 ? 0.3753 0.6483 0.7228 0.0224  -0.0067 -0.0679 17 C A C6    
332 P P     . C A 18 ? 0.4768 0.6730 0.6502 0.0146  -0.0052 -0.0208 18 C A P     
333 O OP1   . C A 18 ? 0.5123 0.6919 0.6440 0.0171  -0.0096 -0.0188 18 C A OP1   
334 O OP2   . C A 18 ? 0.4455 0.6447 0.6457 0.0227  -0.0175 -0.0301 18 C A OP2   
335 O "O5'" . C A 18 ? 0.4659 0.6478 0.6372 0.0071  -0.0098 -0.0049 18 C A "O5'" 
336 C "C5'" . C A 18 ? 0.4968 0.6562 0.6289 -0.0029 -0.0048 0.0074  18 C A "C5'" 
337 C "C4'" . C A 18 ? 0.4846 0.6283 0.6196 -0.0083 -0.0119 0.0203  18 C A "C4'" 
338 O "O4'" . C A 18 ? 0.4634 0.6291 0.6360 -0.0173 0.0012  0.0177  18 C A "O4'" 
339 C "C3'" . C A 18 ? 0.4482 0.5883 0.6023 0.0036  -0.0331 0.0200  18 C A "C3'" 
340 O "O3'" . C A 18 ? 0.4690 0.5890 0.5977 0.0138  -0.0523 0.0196  18 C A "O3'" 
341 C "C2'" . C A 18 ? 0.4394 0.5734 0.6074 -0.0044 -0.0320 0.0296  18 C A "C2'" 
342 O "O2'" . C A 18 ? 0.4881 0.5881 0.6154 -0.0111 -0.0359 0.0428  18 C A "O2'" 
343 C "C1'" . C A 18 ? 0.4365 0.5942 0.6275 -0.0148 -0.0121 0.0248  18 C A "C1'" 
344 N N1    . C A 18 ? 0.3934 0.5698 0.6249 -0.0077 -0.0173 0.0140  18 C A N1    
345 C C2    . C A 18 ? 0.3761 0.5457 0.6269 -0.0103 -0.0250 0.0185  18 C A C2    
346 O O2    . C A 18 ? 0.3894 0.5435 0.6284 -0.0170 -0.0259 0.0307  18 C A O2    
347 N N3    . C A 18 ? 0.3571 0.5283 0.6309 -0.0053 -0.0340 0.0094  18 C A N3    
348 C C4    . C A 18 ? 0.3567 0.5341 0.6344 0.0030  -0.0370 -0.0038 18 C A C4    
349 N N4    . C A 18 ? 0.3571 0.5190 0.6431 0.0077  -0.0521 -0.0120 18 C A N4    
350 C C5    . C A 18 ? 0.3673 0.5577 0.6320 0.0068  -0.0278 -0.0093 18 C A C5    
351 C C6    . C A 18 ? 0.3847 0.5751 0.6265 0.0006  -0.0173 0.0000  18 C A C6    
352 P P     . A A 19 ? 0.4500 0.5858 0.6084 0.0254  -0.0676 0.0036  19 A A P     
353 O OP1   . A A 19 ? 0.4832 0.6029 0.6176 0.0381  -0.0892 -0.0022 19 A A OP1   
354 O OP2   . A A 19 ? 0.4258 0.5837 0.6066 0.0221  -0.0567 -0.0070 19 A A OP2   
355 O "O5'" . A A 19 ? 0.4294 0.5628 0.6116 0.0240  -0.0731 0.0052  19 A A "O5'" 
356 C "C5'" . A A 19 ? 0.4549 0.5624 0.6199 0.0294  -0.0888 0.0126  19 A A "C5'" 
357 C "C4'" . A A 19 ? 0.4296 0.5361 0.6165 0.0239  -0.0865 0.0166  19 A A "C4'" 
358 O "O4'" . A A 19 ? 0.4129 0.5267 0.6073 0.0098  -0.0671 0.0268  19 A A "O4'" 
359 C "C3'" . A A 19 ? 0.3940 0.5223 0.6193 0.0250  -0.0874 -0.0027 19 A A "C3'" 
360 O "O3'" . A A 19 ? 0.3960 0.5247 0.6332 0.0391  -0.1073 -0.0193 19 A A "O3'" 
361 C "C2'" . A A 19 ? 0.3794 0.5009 0.6139 0.0134  -0.0776 0.0074  19 A A "C2'" 
362 O "O2'" . A A 19 ? 0.4022 0.5009 0.6266 0.0174  -0.0892 0.0166  19 A A "O2'" 
363 C "C1'" . A A 19 ? 0.3852 0.5059 0.6073 0.0053  -0.0650 0.0221  19 A A "C1'" 
364 N N9    . A A 19 ? 0.3636 0.4983 0.5982 0.0007  -0.0557 0.0145  19 A A N9    
365 C C8    . A A 19 ? 0.3654 0.5112 0.5940 0.0034  -0.0507 0.0095  19 A A C8    
366 N N7    . A A 19 ? 0.3494 0.4962 0.5861 0.0003  -0.0483 0.0029  19 A A N7    
367 C C5    . A A 19 ? 0.3395 0.4713 0.5832 -0.0065 -0.0518 0.0046  19 A A C5    
368 C C6    . A A 19 ? 0.3441 0.4556 0.5856 -0.0125 -0.0566 0.0003  19 A A C6    
369 N N6    . A A 19 ? 0.3470 0.4486 0.5801 -0.0101 -0.0617 -0.0076 19 A A N6    
370 N N1    . A A 19 ? 0.3430 0.4353 0.5836 -0.0204 -0.0599 0.0039  19 A A N1    
371 C C2    . A A 19 ? 0.3331 0.4320 0.5813 -0.0203 -0.0579 0.0100  19 A A C2    
372 N N3    . A A 19 ? 0.3368 0.4512 0.5876 -0.0128 -0.0569 0.0139  19 A A N3    
373 C C4    . A A 19 ? 0.3443 0.4728 0.5902 -0.0068 -0.0540 0.0115  19 A A C4    
374 P P     . G A 20 ? 0.3918 0.5548 0.6722 0.0384  -0.1050 -0.0526 20 G A P     
375 O OP1   . G A 20 ? 0.3972 0.5638 0.6964 0.0593  -0.1318 -0.0737 20 G A OP1   
376 O OP2   . G A 20 ? 0.3805 0.5614 0.6610 0.0294  -0.0920 -0.0606 20 G A OP2   
377 O "O5'" . G A 20 ? 0.3652 0.5265 0.6582 0.0211  -0.0879 -0.0519 20 G A "O5'" 
378 C "C5'" . G A 20 ? 0.3749 0.5196 0.6703 0.0246  -0.0951 -0.0457 20 G A "C5'" 
379 C "C4'" . G A 20 ? 0.3594 0.5022 0.6631 0.0054  -0.0773 -0.0506 20 G A "C4'" 
380 O "O4'" . G A 20 ? 0.3541 0.4840 0.6362 -0.0093 -0.0643 -0.0335 20 G A "O4'" 
381 C "C3'" . G A 20 ? 0.3589 0.5279 0.6898 -0.0059 -0.0649 -0.0869 20 G A "C3'" 
382 O "O3'" . G A 20 ? 0.3608 0.5177 0.6933 -0.0203 -0.0539 -0.0932 20 G A "O3'" 
383 C "C2'" . G A 20 ? 0.3532 0.5196 0.6638 -0.0237 -0.0492 -0.0850 20 G A "C2'" 
384 O "O2'" . G A 20 ? 0.3703 0.5400 0.6813 -0.0494 -0.0288 -0.1108 20 G A "O2'" 
385 C "C1'" . G A 20 ? 0.3511 0.4845 0.6318 -0.0270 -0.0497 -0.0521 20 G A "C1'" 
386 N N9    . G A 20 ? 0.3386 0.4659 0.5999 -0.0299 -0.0472 -0.0427 20 G A N9    
387 C C8    . G A 20 ? 0.3371 0.4794 0.5979 -0.0170 -0.0526 -0.0387 20 G A C8    
388 N N7    . G A 20 ? 0.3457 0.4782 0.5892 -0.0219 -0.0488 -0.0341 20 G A N7    
389 C C5    . G A 20 ? 0.3404 0.4436 0.5675 -0.0380 -0.0447 -0.0347 20 G A C5    
390 C C6    . G A 20 ? 0.3617 0.4326 0.5604 -0.0463 -0.0472 -0.0330 20 G A C6    
391 O O6    . G A 20 ? 0.3678 0.4371 0.5579 -0.0393 -0.0517 -0.0320 20 G A O6    
392 N N1    . G A 20 ? 0.3705 0.4013 0.5447 -0.0629 -0.0474 -0.0339 20 G A N1    
393 C C2    . G A 20 ? 0.3805 0.4098 0.5612 -0.0722 -0.0408 -0.0374 20 G A C2    
394 N N2    . G A 20 ? 0.4257 0.4056 0.5697 -0.0909 -0.0414 -0.0381 20 G A N2    
395 N N3    . G A 20 ? 0.3499 0.4160 0.5652 -0.0625 -0.0374 -0.0411 20 G A N3    
396 C C4    . G A 20 ? 0.3439 0.4427 0.5790 -0.0450 -0.0418 -0.0391 20 G A C4    
397 P P     . U A 21 ? 0.3682 0.5402 0.7357 -0.0089 -0.0622 -0.1190 21 U A P     
398 O OP1   . U A 21 ? 0.3766 0.5511 0.7551 0.0234  -0.0933 -0.1162 21 U A OP1   
399 O OP2   . U A 21 ? 0.3710 0.5754 0.7685 -0.0276 -0.0406 -0.1632 21 U A OP2   
400 O "O5'" . U A 21 ? 0.3756 0.5104 0.7198 -0.0180 -0.0589 -0.0974 21 U A "O5'" 
401 C "C5'" . U A 21 ? 0.3851 0.4910 0.7084 -0.0053 -0.0761 -0.0632 21 U A "C5'" 
402 C "C4'" . U A 21 ? 0.4027 0.4767 0.7040 -0.0219 -0.0681 -0.0454 21 U A "C4'" 
403 O "O4'" . U A 21 ? 0.4031 0.4650 0.6811 -0.0396 -0.0561 -0.0337 21 U A "O4'" 
404 C "C3'" . U A 21 ? 0.4191 0.4890 0.7285 -0.0345 -0.0565 -0.0693 21 U A "C3'" 
405 O "O3'" . U A 21 ? 0.4266 0.4605 0.7150 -0.0394 -0.0614 -0.0475 21 U A "O3'" 
406 C "C2'" . U A 21 ? 0.4330 0.4967 0.7219 -0.0627 -0.0335 -0.0798 21 U A "C2'" 
407 O "O2'" . U A 21 ? 0.4732 0.5100 0.7416 -0.0865 -0.0178 -0.0916 21 U A "O2'" 
408 C "C1'" . U A 21 ? 0.4267 0.4675 0.6880 -0.0624 -0.0417 -0.0460 21 U A "C1'" 
409 N N1    . U A 21 ? 0.4415 0.4716 0.6780 -0.0793 -0.0313 -0.0500 21 U A N1    
410 C C2    . U A 21 ? 0.4838 0.4655 0.6789 -0.0972 -0.0311 -0.0397 21 U A C2    
411 O O2    . U A 21 ? 0.5080 0.4630 0.6926 -0.0992 -0.0378 -0.0287 21 U A O2    
412 N N3    . U A 21 ? 0.5063 0.4656 0.6683 -0.1114 -0.0270 -0.0434 21 U A N3    
413 C C4    . U A 21 ? 0.4997 0.4853 0.6701 -0.1110 -0.0197 -0.0558 21 U A C4    
414 O O4    . U A 21 ? 0.5367 0.4899 0.6677 -0.1257 -0.0182 -0.0578 21 U A O4    
415 C C5    . U A 21 ? 0.4601 0.5027 0.6803 -0.0921 -0.0188 -0.0664 21 U A C5    
416 C C6    . U A 21 ? 0.4368 0.4965 0.6861 -0.0761 -0.0265 -0.0634 21 U A C6    
417 P P     . U A 22 ? 0.4378 0.4591 0.7354 -0.0228 -0.0787 -0.0463 22 U A P     
418 O OP1   . U A 22 ? 0.4599 0.5108 0.7950 -0.0065 -0.0839 -0.0839 22 U A OP1   
419 O OP2   . U A 22 ? 0.4665 0.4513 0.7391 -0.0399 -0.0737 -0.0314 22 U A OP2   
420 O "O5'" . U A 22 ? 0.4267 0.4355 0.7104 -0.0076 -0.0985 -0.0153 22 U A "O5'" 
421 C "C5'" . U A 22 ? 0.4245 0.4203 0.6878 -0.0197 -0.0941 0.0133  22 U A "C5'" 
422 C "C4'" . U A 22 ? 0.4423 0.4195 0.6883 -0.0128 -0.1079 0.0371  22 U A "C4'" 
423 O "O4'" . U A 22 ? 0.4612 0.4065 0.6958 -0.0149 -0.1170 0.0455  22 U A "O4'" 
424 C "C3'" . U A 22 ? 0.4494 0.4265 0.6893 0.0067  -0.1241 0.0316  22 U A "C3'" 
425 O "O3'" . U A 22 ? 0.4889 0.4526 0.7007 0.0015  -0.1245 0.0544  22 U A "O3'" 
426 C "C2'" . U A 22 ? 0.4602 0.4062 0.6925 0.0195  -0.1448 0.0269  22 U A "C2'" 
427 O "O2'" . U A 22 ? 0.5077 0.4214 0.7098 0.0358  -0.1704 0.0331  22 U A "O2'" 
428 C "C1'" . U A 22 ? 0.4696 0.3911 0.6871 0.0007  -0.1374 0.0480  22 U A "C1'" 
429 N N1    . U A 22 ? 0.4851 0.3816 0.7024 0.0057  -0.1485 0.0407  22 U A N1    
430 C C2    . U A 22 ? 0.5181 0.3693 0.7024 0.0008  -0.1610 0.0622  22 U A C2    
431 O O2    . U A 22 ? 0.5400 0.3730 0.6954 -0.0111 -0.1600 0.0852  22 U A O2    
432 N N3    . U A 22 ? 0.5281 0.3546 0.7121 0.0073  -0.1726 0.0532  22 U A N3    
433 C C4    . U A 22 ? 0.5143 0.3612 0.7302 0.0167  -0.1694 0.0225  22 U A C4    
434 O O4    . U A 22 ? 0.5407 0.3622 0.7532 0.0222  -0.1799 0.0148  22 U A O4    
435 C C5    . U A 22 ? 0.4832 0.3791 0.7320 0.0165  -0.1518 -0.0005 22 U A C5    
436 C C6    . U A 22 ? 0.4674 0.3834 0.7142 0.0116  -0.1438 0.0106  22 U A C6    
437 P P     . A A 23 ? 0.5234 0.4937 0.7222 0.0135  -0.1319 0.0508  23 A A P     
438 O OP1   . A A 23 ? 0.5506 0.5139 0.7562 0.0382  -0.1573 0.0289  23 A A OP1   
439 O OP2   . A A 23 ? 0.5612 0.5083 0.7206 -0.0004 -0.1263 0.0746  23 A A OP2   
440 O "O5'" . A A 23 ? 0.4658 0.4812 0.6940 0.0083  -0.1125 0.0386  23 A A "O5'" 
441 C "C5'" . A A 23 ? 0.4642 0.4982 0.6957 0.0197  -0.1166 0.0258  23 A A "C5'" 
442 C "C4'" . A A 23 ? 0.4315 0.4949 0.6765 0.0092  -0.0971 0.0222  23 A A "C4'" 
443 O "O4'" . A A 23 ? 0.4000 0.4751 0.6665 -0.0003 -0.0863 0.0076  23 A A "O4'" 
444 C "C3'" . A A 23 ? 0.4386 0.5002 0.6725 -0.0045 -0.0838 0.0417  23 A A "C3'" 
445 O "O3'" . A A 23 ? 0.4801 0.5380 0.6903 -0.0028 -0.0836 0.0500  23 A A "O3'" 
446 C "C2'" . A A 23 ? 0.4079 0.4886 0.6592 -0.0113 -0.0724 0.0310  23 A A "C2'" 
447 O "O2'" . A A 23 ? 0.4082 0.5068 0.6584 -0.0058 -0.0699 0.0219  23 A A "O2'" 
448 C "C1'" . A A 23 ? 0.3937 0.4719 0.6564 -0.0131 -0.0734 0.0141  23 A A "C1'" 
449 N N9    . A A 23 ? 0.4106 0.4686 0.6707 -0.0252 -0.0709 0.0205  23 A A N9    
450 C C8    . A A 23 ? 0.4227 0.4619 0.6800 -0.0264 -0.0770 0.0322  23 A A C8    
451 N N7    . A A 23 ? 0.4264 0.4472 0.6797 -0.0381 -0.0754 0.0344  23 A A N7    
452 C C5    . A A 23 ? 0.4198 0.4407 0.6664 -0.0452 -0.0693 0.0241  23 A A C5    
453 C C6    . A A 23 ? 0.4436 0.4341 0.6694 -0.0585 -0.0700 0.0209  23 A A C6    
454 N N6    . A A 23 ? 0.4661 0.4254 0.6806 -0.0661 -0.0777 0.0277  23 A A N6    
455 N N1    . A A 23 ? 0.4488 0.4335 0.6583 -0.0644 -0.0661 0.0107  23 A A N1    
456 C C2    . A A 23 ? 0.4351 0.4504 0.6560 -0.0574 -0.0595 0.0031  23 A A C2    
457 N N3    . A A 23 ? 0.4165 0.4650 0.6602 -0.0435 -0.0591 0.0044  23 A A N3    
458 C C4    . A A 23 ? 0.4076 0.4533 0.6599 -0.0380 -0.0650 0.0155  23 A A C4    
459 P P     . A A 24 ? 0.3990 0.6068 0.7821 -0.0286 -0.0440 -0.0838 24 A A P     
460 O OP1   . A A 24 ? 0.3664 0.5709 0.8282 -0.0543 -0.0267 -0.0939 24 A A OP1   
461 O OP2   . A A 24 ? 0.4009 0.6090 0.7122 -0.0297 -0.0530 -0.0794 24 A A OP2   
462 O "O5'" . A A 24 ? 0.4471 0.6333 0.8299 0.0222  -0.0252 -0.0374 24 A A "O5'" 
463 C "C5'" . A A 24 ? 0.4523 0.6342 0.8985 0.0368  -0.0145 -0.0339 24 A A "C5'" 
464 C "C4'" . A A 24 ? 0.5000 0.6745 0.9191 0.0957  -0.0017 0.0166  24 A A "C4'" 
465 O "O4'" . A A 24 ? 0.4989 0.7178 0.8391 0.1161  -0.0336 -0.0003 24 A A "O4'" 
466 C "C3'" . A A 24 ? 0.5418 0.6890 0.9341 0.1265  0.0277  0.0752  24 A A "C3'" 
467 O "O3'" . A A 24 ? 0.5656 0.6674 1.0424 0.1240  0.0698  0.1053  24 A A "O3'" 
468 C "C2'" . A A 24 ? 0.5878 0.7638 0.9186 0.1877  0.0227  0.1098  24 A A "C2'" 
469 O "O2'" . A A 24 ? 0.6303 0.7921 1.0177 0.2223  0.0450  0.1434  24 A A "O2'" 
470 C "C1'" . A A 24 ? 0.5442 0.7716 0.8293 0.1709  -0.0227 0.0488  24 A A "C1'" 
471 N N9    . A A 24 ? 0.5166 0.7703 0.7263 0.1645  -0.0411 0.0295  24 A A N9    
472 C C8    . A A 24 ? 0.4693 0.7140 0.6691 0.1170  -0.0512 -0.0045 24 A A C8    
473 N N7    . A A 24 ? 0.4777 0.7488 0.6155 0.1265  -0.0622 -0.0154 24 A A N7    
474 C C5    . A A 24 ? 0.5301 0.8407 0.6301 0.1846  -0.0623 0.0093  24 A A C5    
475 C C6    . A A 24 ? 0.5570 0.9247 0.5919 0.2229  -0.0721 0.0042  24 A A C6    
476 N N6    . A A 24 ? 0.5442 0.9285 0.5478 0.2034  -0.0818 -0.0315 24 A A N6    
477 N N1    . A A 24 ? 0.6085 1.0229 0.6156 0.2861  -0.0697 0.0365  24 A A N1    
478 C C2    . A A 24 ? 0.6280 1.0201 0.6753 0.3086  -0.0550 0.0765  24 A A C2    
479 N N3    . A A 24 ? 0.6009 0.9323 0.7206 0.2732  -0.0425 0.0809  24 A A N3    
480 C C4    . A A 24 ? 0.5515 0.8502 0.6920 0.2109  -0.0487 0.0428  24 A A C4    
481 P P     . C A 25 ? 0.5794 0.6502 1.0548 0.1205  0.1001  0.1390  25 C A P     
482 O OP1   . C A 25 ? 0.6009 0.6305 1.1920 0.1105  0.1451  0.1528  25 C A OP1   
483 O OP2   . C A 25 ? 0.5406 0.6301 0.9651 0.0845  0.0734  0.1024  25 C A OP2   
484 O "O5'" . C A 25 ? 0.6331 0.7076 1.0356 0.1832  0.1143  0.2043  25 C A "O5'" 
485 C "C5'" . C A 25 ? 0.6777 0.7407 1.1070 0.2348  0.1427  0.2584  25 C A "C5'" 
486 C "C4'" . C A 25 ? 0.7241 0.8219 1.0596 0.2982  0.1436  0.3105  25 C A "C4'" 
487 O "O4'" . C A 25 ? 0.6982 0.8614 0.9506 0.3035  0.0919  0.2647  25 C A "O4'" 
488 C "C3'" . C A 25 ? 0.7289 0.8226 1.0172 0.3048  0.1607  0.3401  25 C A "C3'" 
489 O "O3'" . C A 25 ? 0.7748 0.8175 1.1194 0.3113  0.2171  0.3947  25 C A "O3'" 
490 C "C2'" . C A 25 ? 0.7645 0.9290 0.9460 0.3598  0.1378  0.3552  25 C A "C2'" 
491 O "O2'" . C A 25 ? 0.8421 1.0141 1.0098 0.4064  0.1667  0.4089  25 C A "O2'" 
492 C "C1'" . C A 25 ? 0.7202 0.9261 0.8834 0.3386  0.0867  0.2848  25 C A "C1'" 
493 N N1    . C A 25 ? 0.6613 0.8880 0.7825 0.2932  0.0515  0.2203  25 C A N1    
494 C C2    . C A 25 ? 0.6797 0.9716 0.7173 0.3225  0.0308  0.2072  25 C A C2    
495 O O2    . C A 25 ? 0.7444 1.0850 0.7392 0.3868  0.0386  0.2482  25 C A O2    
496 N N3    . C A 25 ? 0.6358 0.9420 0.6469 0.2830  0.0051  0.1495  25 C A N3    
497 C C4    . C A 25 ? 0.5802 0.8399 0.6345 0.2218  -0.0003 0.1156  25 C A C4    
498 N N4    . C A 25 ? 0.5528 0.8234 0.5835 0.1887  -0.0199 0.0680  25 C A N4    
499 C C5    . C A 25 ? 0.5581 0.7645 0.6877 0.1941  0.0165  0.1275  25 C A C5    
500 C C6    . C A 25 ? 0.5965 0.7871 0.7622 0.2285  0.0422  0.1752  25 C A C6    
501 P P     . A A 26 ? 0.7712 0.7920 1.1140 0.2893  0.2395  0.4042  26 A A P     
502 O OP1   . A A 26 ? 0.8319 0.8159 1.2419 0.2848  0.2996  0.4426  26 A A OP1   
503 O OP2   . A A 26 ? 0.6883 0.7076 1.0458 0.2301  0.2063  0.3353  26 A A OP2   
504 O "O5'" . A A 26 ? 0.8095 0.8882 1.0317 0.3328  0.2244  0.4257  26 A A "O5'" 
505 C "C5'" . A A 26 ? 0.7775 0.8727 0.9504 0.3202  0.2062  0.4059  26 A A "C5'" 
506 C "C4'" . A A 26 ? 0.7857 0.9582 0.8569 0.3507  0.1659  0.3830  26 A A "C4'" 
507 O "O4'" . A A 26 ? 0.7280 0.9188 0.7961 0.3150  0.1187  0.3114  26 A A "O4'" 
508 C "C3'" . A A 26 ? 0.7836 0.9838 0.7959 0.3466  0.1581  0.3680  26 A A "C3'" 
509 O "O3'" . A A 26 ? 0.8611 1.0882 0.8372 0.3924  0.1916  0.4203  26 A A "O3'" 
510 C "C2'" . A A 26 ? 0.7507 1.0146 0.7050 0.3416  0.1068  0.3009  26 A A "C2'" 
511 O "O2'" . A A 26 ? 0.8068 1.1512 0.6968 0.4059  0.0996  0.3188  26 A A "O2'" 
512 C "C1'" . A A 26 ? 0.7031 0.9422 0.7062 0.3065  0.0854  0.2633  26 A A "C1'" 
513 N N9    . A A 26 ? 0.6294 0.8344 0.6649 0.2405  0.0668  0.2083  26 A A N9    
514 C C8    . A A 26 ? 0.5910 0.7436 0.6999 0.1986  0.0759  0.2015  26 A A C8    
515 N N7    . A A 26 ? 0.5376 0.6822 0.6556 0.1508  0.0553  0.1540  26 A A N7    
516 C C5    . A A 26 ? 0.5376 0.7201 0.5921 0.1585  0.0341  0.1278  26 A A C5    
517 C C6    . A A 26 ? 0.5040 0.6919 0.5444 0.1245  0.0131  0.0808  26 A A C6    
518 N N6    . A A 26 ? 0.4610 0.6207 0.5387 0.0793  0.0077  0.0586  26 A A N6    
519 N N1    . A A 26 ? 0.5203 0.7498 0.5110 0.1414  0.0005  0.0567  26 A A N1    
520 C C2    . A A 26 ? 0.5667 0.8431 0.5161 0.1921  0.0045  0.0767  26 A A C2    
521 N N3    . A A 26 ? 0.6094 0.8916 0.5562 0.2334  0.0225  0.1288  26 A A N3    
522 C C4    . A A 26 ? 0.5932 0.8187 0.5981 0.2123  0.0389  0.1542  26 A A C4    
523 P P     . A A 27 ? 0.8812 1.0994 0.8484 0.3840  0.2159  0.4331  27 A A P     
524 O OP1   . A A 27 ? 0.9527 1.2178 0.8925 0.4325  0.2484  0.4728  27 A A OP1   
525 O OP2   . A A 27 ? 0.8458 0.9844 0.8936 0.3346  0.2373  0.4344  27 A A OP2   
526 O "O5'" . A A 27 ? 0.8439 1.1108 0.7466 0.3743  0.1703  0.3767  27 A A "O5'" 
527 C "C5'" . A A 27 ? 0.8639 1.2233 0.6933 0.4140  0.1408  0.3504  27 A A "C5'" 
528 C "C4'" . A A 27 ? 0.8129 1.1957 0.6244 0.3758  0.1052  0.2707  27 A A "C4'" 
529 O "O4'" . A A 27 ? 0.7469 1.0918 0.5986 0.3246  0.0775  0.2189  27 A A "O4'" 
530 C "C3'" . A A 27 ? 0.7954 1.1383 0.6229 0.3435  0.1205  0.2672  27 A A "C3'" 
531 O "O3'" . A A 27 ? 0.8543 1.2556 0.6319 0.3847  0.1356  0.2872  27 A A "O3'" 
532 C "C2'" . A A 27 ? 0.7312 1.0627 0.5741 0.2918  0.0864  0.1908  27 A A "C2'" 
533 O "O2'" . A A 27 ? 0.7461 1.1561 0.5454 0.3094  0.0637  0.1389  27 A A "O2'" 
534 C "C1'" . A A 27 ? 0.6940 1.0069 0.5646 0.2746  0.0676  0.1750  27 A A "C1'" 
535 N N9    . A A 27 ? 0.6380 0.8735 0.5721 0.2282  0.0758  0.1826  27 A A N9    
536 C C8    . A A 27 ? 0.6425 0.8338 0.6232 0.2296  0.1021  0.2289  27 A A C8    
537 N N7    . A A 27 ? 0.5961 0.7408 0.6341 0.1827  0.1002  0.2101  27 A A N7    
538 C C5    . A A 27 ? 0.5570 0.7114 0.5779 0.1520  0.0719  0.1582  27 A A C5    
539 C C6    . A A 27 ? 0.5034 0.6332 0.5579 0.1050  0.0581  0.1241  27 A A C6    
540 N N6    . A A 27 ? 0.4752 0.5758 0.5878 0.0781  0.0662  0.1275  27 A A N6    
541 N N1    . A A 27 ? 0.4842 0.6273 0.5152 0.0888  0.0380  0.0847  27 A A N1    
542 C C2    . A A 27 ? 0.5102 0.6920 0.4958 0.1135  0.0307  0.0686  27 A A C2    
543 N N3    . A A 27 ? 0.5536 0.7754 0.5017 0.1580  0.0376  0.0886  27 A A N3    
544 C C4    . A A 27 ? 0.5789 0.7832 0.5428 0.1774  0.0586  0.1393  27 A A C4    
545 P P     . A A 28 ? 0.8771 1.2386 0.6710 0.3748  0.1714  0.3222  28 A A P     
546 O OP1   . A A 28 ? 0.9420 1.3616 0.7102 0.4282  0.1940  0.3593  28 A A OP1   
547 O OP2   . A A 28 ? 0.8475 1.1139 0.7157 0.3319  0.1919  0.3444  28 A A OP2   
548 O "O5'" . A A 28 ? 0.8509 1.2269 0.6387 0.3405  0.1453  0.2503  28 A A "O5'" 
549 C "C5'" . A A 28 ? 0.8528 1.3045 0.6052 0.3509  0.1118  0.1860  28 A A "C5'" 
550 C "C4'" . A A 28 ? 0.8118 1.2448 0.5888 0.3066  0.0960  0.1222  28 A A "C4'" 
551 O "O4'" . A A 28 ? 0.7521 1.1233 0.5738 0.2577  0.0774  0.0930  28 A A "O4'" 
552 C "C3'" . A A 28 ? 0.8151 1.2040 0.6117 0.2897  0.1201  0.1437  28 A A "C3'" 
553 O "O3'" . A A 28 ? 0.8274 1.2530 0.6201 0.2827  0.1095  0.0863  28 A A "O3'" 
554 C "C2'" . A A 28 ? 0.7554 1.0531 0.6090 0.2386  0.1186  0.1472  28 A A "C2'" 
555 O "O2'" . A A 28 ? 0.7408 0.9980 0.6244 0.2100  0.1273  0.1402  28 A A "O2'" 
556 C "C1'" . A A 28 ? 0.7108 1.0163 0.5716 0.2180  0.0863  0.0931  28 A A "C1'" 
557 N N9    . A A 28 ? 0.6416 0.8829 0.5460 0.1786  0.0794  0.0959  28 A A N9    
558 C C8    . A A 28 ? 0.6153 0.8098 0.5516 0.1686  0.0955  0.1392  28 A A C8    
559 N N7    . A A 28 ? 0.5662 0.7244 0.5398 0.1321  0.0829  0.1225  28 A A N7    
560 C C5    . A A 28 ? 0.5541 0.7266 0.5188 0.1168  0.0606  0.0731  28 A A C5    
561 C C6    . A A 28 ? 0.5138 0.6649 0.5046 0.0819  0.0441  0.0420  28 A A C6    
562 N N6    . A A 28 ? 0.4770 0.5977 0.5017 0.0566  0.0423  0.0527  28 A A N6    
563 N N1    . A A 28 ? 0.5163 0.6845 0.5028 0.0743  0.0327  -0.0033 28 A A N1    
564 C C2    . A A 28 ? 0.5456 0.7578 0.5061 0.0995  0.0340  -0.0251 28 A A C2    
565 N N3    . A A 28 ? 0.5834 0.8314 0.5109 0.1355  0.0446  -0.0025 28 A A N3    
566 C C4    . A A 28 ? 0.5913 0.8127 0.5205 0.1431  0.0591  0.0522  28 A A C4    
567 P P     . A A 29 ? 0.8551 1.2744 0.6528 0.2817  0.1319  0.0962  29 A A P     
568 O OP1   . A A 29 ? 0.8827 1.3944 0.6527 0.3067  0.1229  0.0424  29 A A OP1   
569 O OP2   . A A 29 ? 0.8848 1.2761 0.6791 0.2980  0.1661  0.1715  29 A A OP2   
570 O "O5'" . A A 29 ? 0.7907 1.1304 0.6454 0.2277  0.1241  0.0693  29 A A "O5'" 
571 C "C5'" . A A 29 ? 0.7561 1.1079 0.6303 0.2121  0.1138  0.0094  29 A A "C5'" 
572 C "C4'" . A A 29 ? 0.6960 1.0162 0.6053 0.1786  0.0933  -0.0335 29 A A "C4'" 
573 O "O4'" . A A 29 ? 0.6711 0.9660 0.5782 0.1704  0.0831  -0.0105 29 A A "O4'" 
574 C "C3'" . A A 29 ? 0.6495 0.8996 0.6075 0.1423  0.0969  -0.0368 29 A A "C3'" 
575 O "O3'" . A A 29 ? 0.6501 0.9135 0.6285 0.1423  0.1043  -0.0728 29 A A "O3'" 
576 C "C2'" . A A 29 ? 0.6234 0.8449 0.6054 0.1158  0.0809  -0.0578 29 A A "C2'" 
577 O "O2'" . A A 29 ? 0.6378 0.8966 0.6351 0.1142  0.0731  -0.1222 29 A A "O2'" 
578 C "C1'" . A A 29 ? 0.6207 0.8605 0.5697 0.1311  0.0735  -0.0291 29 A A "C1'" 
579 N N9    . A A 29 ? 0.5724 0.7581 0.5373 0.1139  0.0778  0.0183  29 A A N9    
580 C C8    . A A 29 ? 0.5714 0.7469 0.5297 0.1267  0.0939  0.0682  29 A A C8    
581 N N7    . A A 29 ? 0.5403 0.6746 0.5301 0.1041  0.0950  0.0894  29 A A N7    
582 C C5    . A A 29 ? 0.5119 0.6306 0.5199 0.0777  0.0771  0.0579  29 A A C5    
583 C C6    . A A 29 ? 0.4738 0.5644 0.5130 0.0499  0.0691  0.0599  29 A A C6    
584 N N6    . A A 29 ? 0.4571 0.5341 0.5213 0.0417  0.0759  0.0857  29 A A N6    
585 N N1    . A A 29 ? 0.4568 0.5396 0.5065 0.0314  0.0570  0.0316  29 A A N1    
586 C C2    . A A 29 ? 0.4739 0.5716 0.5151 0.0371  0.0548  -0.0028 29 A A C2    
587 N N3    . A A 29 ? 0.5070 0.6383 0.5254 0.0607  0.0592  -0.0186 29 A A N3    
588 C C4    . A A 29 ? 0.5293 0.6725 0.5257 0.0824  0.0690  0.0166  29 A A C4    
589 P P     . C A 30 ? 0.6273 0.8376 0.6366 0.1280  0.1191  -0.0475 30 C A P     
590 O OP1   . C A 30 ? 0.6460 0.8832 0.6753 0.1349  0.1272  -0.0907 30 C A OP1   
591 O OP2   . C A 30 ? 0.6247 0.8219 0.6142 0.1363  0.1306  0.0108  30 C A OP2   
592 O "O5'" . C A 30 ? 0.5972 0.7450 0.6474 0.0957  0.1117  -0.0460 30 C A "O5'" 
593 C "C5'" . C A 30 ? 0.6008 0.7430 0.6830 0.0813  0.1067  -0.0920 30 C A "C5'" 
594 C "C4'" . C A 30 ? 0.5919 0.6802 0.7002 0.0562  0.1031  -0.0713 30 C A "C4'" 
595 O "O4'" . C A 30 ? 0.5598 0.6515 0.6389 0.0537  0.0903  -0.0448 30 C A "O4'" 
596 C "C3'" . C A 30 ? 0.6208 0.6679 0.7507 0.0501  0.1120  -0.0326 30 C A "C3'" 
597 O "O3'" . C A 30 ? 0.7265 0.7506 0.9012 0.0472  0.1258  -0.0513 30 C A "O3'" 
598 C "C2'" . C A 30 ? 0.5523 0.5772 0.6831 0.0338  0.1025  -0.0045 30 C A "C2'" 
599 O "O2'" . C A 30 ? 0.5452 0.5453 0.7080 0.0187  0.1056  -0.0196 30 C A "O2'" 
600 C "C1'" . C A 30 ? 0.5240 0.5780 0.6193 0.0376  0.0896  -0.0094 30 C A "C1'" 
601 N N1    . C A 30 ? 0.4835 0.5446 0.5592 0.0447  0.0895  0.0271  30 C A N1    
602 C C2    . C A 30 ? 0.4476 0.4948 0.5368 0.0298  0.0839  0.0502  30 C A C2    
603 O O2    . C A 30 ? 0.4338 0.4664 0.5410 0.0142  0.0779  0.0458  30 C A O2    
604 N N3    . C A 30 ? 0.4367 0.4907 0.5255 0.0334  0.0887  0.0750  30 C A N3    
605 C C4    . C A 30 ? 0.4566 0.5237 0.5281 0.0526  0.1017  0.0868  30 C A C4    
606 N N4    . C A 30 ? 0.4561 0.5228 0.5407 0.0546  0.1140  0.1132  30 C A N4    
607 C C5    . C A 30 ? 0.4861 0.5730 0.5317 0.0717  0.1062  0.0703  30 C A C5    
608 C C6    . C A 30 ? 0.4923 0.5790 0.5427 0.0662  0.0982  0.0357  30 C A C6    
609 P P     . A A 31 ? 0.8292 0.8395 1.0222 0.0579  0.1387  -0.0308 31 A A P     
610 O OP1   . A A 31 ? 0.8563 0.8424 1.1048 0.0559  0.1554  -0.0590 31 A A OP1   
611 O OP2   . A A 31 ? 1.0305 1.0770 1.1892 0.0739  0.1391  -0.0258 31 A A OP2   
612 O "O5'" . A A 31 ? 0.7052 0.6914 0.9012 0.0518  0.1347  0.0186  31 A A "O5'" 
613 C "C5'" . A A 31 ? 0.6207 0.5785 0.8414 0.0410  0.1364  0.0309  31 A A "C5'" 
614 C "C4'" . A A 31 ? 0.5241 0.4846 0.7436 0.0443  0.1319  0.0748  31 A A "C4'" 
615 O "O4'" . A A 31 ? 0.4631 0.4476 0.6531 0.0350  0.1155  0.0828  31 A A "O4'" 
616 C "C3'" . A A 31 ? 0.4913 0.4647 0.7167 0.0604  0.1369  0.0891  31 A A "C3'" 
617 O "O3'" . A A 31 ? 0.4849 0.4571 0.7326 0.0714  0.1408  0.1210  31 A A "O3'" 
618 C "C2'" . A A 31 ? 0.4475 0.4522 0.6456 0.0568  0.1263  0.0950  31 A A "C2'" 
619 O "O2'" . A A 31 ? 0.4281 0.4555 0.6386 0.0654  0.1279  0.1125  31 A A "O2'" 
620 C "C1'" . A A 31 ? 0.4306 0.4392 0.6173 0.0419  0.1133  0.1004  31 A A "C1'" 
621 N N9    . A A 31 ? 0.3968 0.4233 0.5628 0.0358  0.1070  0.0963  31 A A N9    
622 C C8    . A A 31 ? 0.4096 0.4400 0.5536 0.0418  0.1116  0.0839  31 A A C8    
623 N N7    . A A 31 ? 0.4020 0.4454 0.5365 0.0396  0.1109  0.0934  31 A A N7    
624 C C5    . A A 31 ? 0.3728 0.4241 0.5303 0.0277  0.1040  0.1037  31 A A C5    
625 C C6    . A A 31 ? 0.3598 0.4275 0.5342 0.0184  0.1030  0.1091  31 A A C6    
626 N N6    . A A 31 ? 0.3660 0.4325 0.5367 0.0213  0.1129  0.1148  31 A A N6    
627 N N1    . A A 31 ? 0.3467 0.4379 0.5474 0.0088  0.0941  0.1084  31 A A N1    
628 C C2    . A A 31 ? 0.3492 0.4446 0.5506 0.0131  0.0880  0.1129  31 A A C2    
629 N N3    . A A 31 ? 0.3688 0.4384 0.5584 0.0228  0.0924  0.1165  31 A A N3    
630 C C4    . A A 31 ? 0.3736 0.4214 0.5450 0.0274  0.0999  0.1065  31 A A C4    
631 P P     . A A 32 ? 0.5197 0.4792 0.8009 0.0922  0.1571  0.1276  32 A A P     
632 O OP1   . A A 32 ? 0.5348 0.4536 0.8488 0.0903  0.1752  0.1039  32 A A OP1   
633 O OP2   . A A 32 ? 0.4906 0.4794 0.7620 0.0992  0.1542  0.1205  32 A A OP2   
634 O "O5'" . A A 32 ? 0.5110 0.4824 0.8063 0.1093  0.1580  0.1718  32 A A "O5'" 
635 C "C5'" . A A 32 ? 0.5444 0.4831 0.8648 0.1152  0.1737  0.1952  32 A A "C5'" 
636 C "C4'" . A A 32 ? 0.5429 0.5178 0.8480 0.1231  0.1647  0.2338  32 A A "C4'" 
637 O "O4'" . A A 32 ? 0.5052 0.5030 0.7780 0.0986  0.1448  0.2154  32 A A "O4'" 
638 C "C3'" . A A 32 ? 0.5368 0.5744 0.8359 0.1479  0.1532  0.2564  32 A A "C3'" 
639 O "O3'" . A A 32 ? 0.5960 0.6284 0.9232 0.1819  0.1702  0.2914  32 A A "O3'" 
640 C "C2'" . A A 32 ? 0.5096 0.5994 0.7855 0.1434  0.1370  0.2699  32 A A "C2'" 
641 O "O2'" . A A 32 ? 0.5554 0.6372 0.8387 0.1608  0.1521  0.3138  32 A A "O2'" 
642 C "C1'" . A A 32 ? 0.4846 0.5461 0.7432 0.1073  0.1292  0.2349  32 A A "C1'" 
643 N N9    . A A 32 ? 0.4392 0.5362 0.6846 0.0931  0.1119  0.2051  32 A A N9    
644 C C8    . A A 32 ? 0.4356 0.5113 0.6763 0.0809  0.1129  0.1763  32 A A C8    
645 N N7    . A A 32 ? 0.4062 0.5195 0.6449 0.0719  0.1033  0.1619  32 A A N7    
646 C C5    . A A 32 ? 0.3984 0.5671 0.6438 0.0762  0.0921  0.1721  32 A A C5    
647 C C6    . A A 32 ? 0.3718 0.6043 0.6326 0.0691  0.0811  0.1554  32 A A C6    
648 N N6    . A A 32 ? 0.3476 0.5852 0.6243 0.0541  0.0842  0.1305  32 A A N6    
649 N N1    . A A 32 ? 0.3727 0.6689 0.6382 0.0792  0.0702  0.1641  32 A A N1    
650 C C2    . A A 32 ? 0.3890 0.6778 0.6396 0.0977  0.0735  0.1987  32 A A C2    
651 N N3    . A A 32 ? 0.4178 0.6378 0.6604 0.1050  0.0888  0.2224  32 A A N3    
652 C C4    . A A 32 ? 0.4143 0.5779 0.6573 0.0916  0.0960  0.2017  32 A A C4    
653 P P     . G A 33 ? 0.5991 0.6743 0.9364 0.2069  0.1648  0.2899  33 G A P     
654 O OP1   . G A 33 ? 0.6502 0.7311 1.0128 0.2495  0.1812  0.3392  33 G A OP1   
655 O OP2   . G A 33 ? 0.5937 0.6364 0.9374 0.1884  0.1675  0.2462  33 G A OP2   
656 O "O5'" . G A 33 ? 0.5576 0.7207 0.8708 0.2028  0.1380  0.2774  33 G A "O5'" 
657 C "C5'" . G A 33 ? 0.5531 0.7853 0.8551 0.2212  0.1274  0.3049  33 G A "C5'" 
658 C "C4'" . G A 33 ? 0.5025 0.8157 0.7983 0.2074  0.1043  0.2700  33 G A "C4'" 
659 O "O4'" . G A 33 ? 0.4694 0.7452 0.7535 0.1659  0.0995  0.2371  33 G A "O4'" 
660 C "C3'" . G A 33 ? 0.4916 0.8459 0.8094 0.2133  0.1001  0.2410  33 G A "C3'" 
661 O "O3'" . G A 33 ? 0.5094 0.9448 0.8402 0.2545  0.0949  0.2590  33 G A "O3'" 
662 C "C2'" . G A 33 ? 0.4515 0.8394 0.7742 0.1797  0.0884  0.1970  33 G A "C2'" 
663 O "O2'" . G A 33 ? 0.4489 0.9359 0.7786 0.1888  0.0722  0.1895  33 G A "O2'" 
664 C "C1'" . G A 33 ? 0.4349 0.7470 0.7332 0.1504  0.0919  0.1985  33 G A "C1'" 
665 N N9    . G A 33 ? 0.4192 0.6604 0.7141 0.1310  0.1036  0.1811  33 G A N9    
666 C C8    . G A 33 ? 0.4446 0.6164 0.7333 0.1347  0.1173  0.1907  33 G A C8    
667 N N7    . G A 33 ? 0.4379 0.5759 0.7209 0.1183  0.1239  0.1674  33 G A N7    
668 C C5    . G A 33 ? 0.4042 0.5804 0.6915 0.1034  0.1182  0.1493  33 G A C5    
669 C C6    . G A 33 ? 0.3802 0.5440 0.6658 0.0873  0.1269  0.1306  33 G A C6    
670 O O6    . G A 33 ? 0.3889 0.5157 0.6590 0.0856  0.1376  0.1254  33 G A O6    
671 N N1    . G A 33 ? 0.3589 0.5660 0.6680 0.0752  0.1252  0.1171  33 G A N1    
672 C C2    . G A 33 ? 0.3557 0.6237 0.6874 0.0772  0.1124  0.1116  33 G A C2    
673 N N2    . G A 33 ? 0.3430 0.6504 0.7116 0.0612  0.1159  0.0867  33 G A N2    
674 N N3    . G A 33 ? 0.3621 0.6557 0.6858 0.0957  0.1001  0.1288  33 G A N3    
675 C C4    . G A 33 ? 0.3900 0.6292 0.6908 0.1084  0.1057  0.1518  33 G A C4    
# 
